data_2FVA
#
_entry.id   2FVA
#
loop_
_entity.id
_entity.type
_entity.pdbx_description
1 polymer 'Acyl Carrier Protein'
2 non-polymer "4'-PHOSPHOPANTETHEINE"
3 non-polymer 'STEARIC ACID'
#
_entity_poly.entity_id   1
_entity_poly.type   'polypeptide(L)'
_entity_poly.pdbx_seq_one_letter_code
;AKKETIDKVSDIVKEKLALGADVVVTADSEFSKLGADSLDTVEIVMNLEEEFGINVDEDKAQDISTIQQAADVIEGLLEK
KA
;
_entity_poly.pdbx_strand_id   A
#
# COMPACT_ATOMS: atom_id res chain seq x y z
N ALA A 1 7.82 6.14 -8.22
CA ALA A 1 6.42 5.77 -8.60
C ALA A 1 5.60 7.03 -8.82
N LYS A 2 4.45 6.89 -9.46
CA LYS A 2 3.58 8.03 -9.73
C LYS A 2 2.84 8.44 -8.46
N LYS A 3 2.55 9.74 -8.36
CA LYS A 3 1.85 10.26 -7.19
C LYS A 3 0.48 9.62 -7.04
N GLU A 4 -0.19 9.41 -8.17
CA GLU A 4 -1.53 8.81 -8.15
C GLU A 4 -1.50 7.45 -7.48
N THR A 5 -0.53 6.63 -7.86
CA THR A 5 -0.40 5.29 -7.29
C THR A 5 0.03 5.38 -5.83
N ILE A 6 0.96 6.27 -5.53
CA ILE A 6 1.45 6.43 -4.17
C ILE A 6 0.31 6.86 -3.24
N ASP A 7 -0.50 7.80 -3.69
CA ASP A 7 -1.63 8.27 -2.89
C ASP A 7 -2.61 7.13 -2.64
N LYS A 8 -2.78 6.26 -3.63
CA LYS A 8 -3.68 5.13 -3.49
C LYS A 8 -3.14 4.13 -2.47
N VAL A 9 -1.86 3.81 -2.57
CA VAL A 9 -1.26 2.85 -1.66
C VAL A 9 -1.34 3.36 -0.22
N SER A 10 -0.99 4.62 -0.02
CA SER A 10 -1.04 5.22 1.30
C SER A 10 -2.49 5.28 1.80
N ASP A 11 -3.42 5.46 0.87
CA ASP A 11 -4.83 5.54 1.23
C ASP A 11 -5.32 4.23 1.83
N ILE A 12 -4.81 3.12 1.30
CA ILE A 12 -5.20 1.81 1.81
C ILE A 12 -4.92 1.69 3.29
N VAL A 13 -3.74 2.14 3.71
CA VAL A 13 -3.35 2.06 5.10
C VAL A 13 -4.31 2.86 5.98
N LYS A 14 -4.64 4.07 5.54
CA LYS A 14 -5.54 4.92 6.29
C LYS A 14 -6.91 4.29 6.45
N GLU A 15 -7.37 3.64 5.38
CA GLU A 15 -8.68 2.99 5.40
C GLU A 15 -8.75 1.92 6.47
N LYS A 16 -7.59 1.48 6.92
CA LYS A 16 -7.53 0.44 7.95
C LYS A 16 -8.15 0.95 9.25
N LEU A 17 -7.86 2.20 9.59
CA LEU A 17 -8.41 2.79 10.80
C LEU A 17 -9.12 4.10 10.49
N ALA A 18 -9.54 4.26 9.24
CA ALA A 18 -10.25 5.46 8.83
C ALA A 18 -9.42 6.70 9.13
N LEU A 19 -8.51 7.03 8.23
CA LEU A 19 -7.66 8.20 8.41
C LEU A 19 -7.67 9.07 7.14
N GLY A 20 -6.76 10.04 7.09
CA GLY A 20 -6.67 10.94 5.94
C GLY A 20 -7.47 12.21 6.19
N ALA A 21 -8.03 12.34 7.38
CA ALA A 21 -8.80 13.52 7.74
C ALA A 21 -7.88 14.65 8.18
N ASP A 22 -7.30 14.50 9.36
CA ASP A 22 -6.39 15.51 9.89
C ASP A 22 -4.99 14.96 10.02
N VAL A 23 -4.70 13.90 9.27
CA VAL A 23 -3.38 13.27 9.32
C VAL A 23 -2.65 13.46 7.99
N VAL A 24 -1.39 13.87 8.07
CA VAL A 24 -0.58 14.07 6.88
C VAL A 24 -0.14 12.73 6.29
N VAL A 25 -0.22 12.61 4.97
CA VAL A 25 0.18 11.38 4.31
C VAL A 25 1.48 11.57 3.53
N THR A 26 2.40 10.63 3.69
CA THR A 26 3.69 10.71 3.02
C THR A 26 4.05 9.36 2.40
N ALA A 27 4.93 9.39 1.41
CA ALA A 27 5.35 8.17 0.74
C ALA A 27 6.55 7.54 1.45
N ASP A 28 7.38 8.39 2.05
CA ASP A 28 8.57 7.91 2.76
C ASP A 28 8.19 7.38 4.14
N SER A 29 6.91 7.47 4.47
CA SER A 29 6.42 6.99 5.77
C SER A 29 6.19 5.49 5.72
N GLU A 30 7.17 4.72 6.18
CA GLU A 30 7.04 3.26 6.18
C GLU A 30 5.65 2.84 6.60
N PHE A 31 5.21 1.68 6.10
CA PHE A 31 3.89 1.18 6.43
C PHE A 31 3.73 1.02 7.94
N SER A 32 4.78 0.55 8.60
CA SER A 32 4.74 0.35 10.04
C SER A 32 4.41 1.67 10.75
N LYS A 33 3.62 1.58 11.81
CA LYS A 33 3.24 2.77 12.56
C LYS A 33 2.96 2.41 14.02
N LEU A 34 3.16 3.37 14.92
CA LEU A 34 2.93 3.14 16.34
C LEU A 34 1.46 2.87 16.59
N GLY A 35 1.17 1.82 17.36
CA GLY A 35 -0.20 1.46 17.67
C GLY A 35 -0.45 -0.03 17.41
N ALA A 36 -0.41 -0.83 18.46
CA ALA A 36 -0.64 -2.27 18.33
C ALA A 36 0.49 -2.91 17.53
N ASP A 37 0.89 -2.26 16.44
CA ASP A 37 1.96 -2.77 15.60
C ASP A 37 1.65 -4.19 15.14
N SER A 38 0.36 -4.46 14.91
CA SER A 38 -0.07 -5.78 14.46
C SER A 38 0.23 -5.95 12.97
N LEU A 39 0.30 -7.21 12.54
CA LEU A 39 0.59 -7.50 11.14
C LEU A 39 -0.69 -7.45 10.32
N ASP A 40 -0.63 -6.76 9.18
CA ASP A 40 -1.79 -6.63 8.31
C ASP A 40 -1.38 -6.79 6.85
N THR A 41 -0.28 -7.51 6.62
CA THR A 41 0.21 -7.72 5.26
C THR A 41 -0.85 -8.45 4.42
N VAL A 42 -1.48 -9.45 5.01
CA VAL A 42 -2.50 -10.21 4.31
C VAL A 42 -3.67 -9.31 3.93
N GLU A 43 -4.09 -8.47 4.86
CA GLU A 43 -5.18 -7.55 4.60
C GLU A 43 -4.75 -6.40 3.70
N ILE A 44 -3.54 -5.89 3.95
CA ILE A 44 -3.04 -4.78 3.17
C ILE A 44 -2.78 -5.17 1.73
N VAL A 45 -2.14 -6.31 1.55
CA VAL A 45 -1.81 -6.78 0.20
C VAL A 45 -3.07 -6.98 -0.62
N MET A 46 -4.08 -7.60 -0.01
CA MET A 46 -5.34 -7.86 -0.70
C MET A 46 -6.02 -6.54 -1.08
N ASN A 47 -5.93 -5.56 -0.19
CA ASN A 47 -6.54 -4.26 -0.44
C ASN A 47 -5.96 -3.63 -1.71
N LEU A 48 -4.63 -3.66 -1.82
CA LEU A 48 -3.96 -3.09 -2.99
C LEU A 48 -4.30 -3.90 -4.24
N GLU A 49 -4.21 -5.22 -4.13
CA GLU A 49 -4.51 -6.09 -5.26
C GLU A 49 -5.99 -5.98 -5.63
N GLU A 50 -6.84 -5.88 -4.62
CA GLU A 50 -8.27 -5.77 -4.85
C GLU A 50 -8.62 -4.43 -5.49
N GLU A 51 -8.02 -3.36 -4.96
CA GLU A 51 -8.26 -2.02 -5.48
C GLU A 51 -7.72 -1.87 -6.89
N PHE A 52 -6.41 -2.08 -7.03
CA PHE A 52 -5.77 -1.96 -8.34
C PHE A 52 -6.32 -3.01 -9.30
N GLY A 53 -6.62 -4.19 -8.76
CA GLY A 53 -7.15 -5.28 -9.58
C GLY A 53 -6.02 -6.04 -10.26
N ILE A 54 -4.88 -6.13 -9.58
CA ILE A 54 -3.73 -6.84 -10.14
C ILE A 54 -3.57 -8.21 -9.48
N ASN A 55 -2.39 -8.79 -9.61
CA ASN A 55 -2.12 -10.09 -9.01
C ASN A 55 -0.75 -10.09 -8.34
N VAL A 56 -0.71 -9.71 -7.07
CA VAL A 56 0.54 -9.67 -6.33
C VAL A 56 0.70 -10.92 -5.47
N ASP A 57 1.83 -11.59 -5.61
CA ASP A 57 2.10 -12.80 -4.84
C ASP A 57 2.60 -12.44 -3.45
N GLU A 58 2.46 -13.38 -2.52
CA GLU A 58 2.91 -13.15 -1.14
C GLU A 58 4.42 -12.98 -1.10
N ASP A 59 5.12 -13.65 -2.02
CA ASP A 59 6.57 -13.56 -2.07
C ASP A 59 7.02 -12.14 -2.43
N LYS A 60 6.11 -11.39 -3.06
CA LYS A 60 6.41 -10.02 -3.45
C LYS A 60 5.98 -9.05 -2.35
N ALA A 61 4.98 -9.43 -1.58
CA ALA A 61 4.48 -8.59 -0.50
C ALA A 61 4.94 -9.12 0.85
N GLN A 62 6.22 -9.48 0.93
CA GLN A 62 6.78 -10.00 2.17
C GLN A 62 7.89 -9.09 2.68
N ASP A 63 8.64 -8.50 1.76
CA ASP A 63 9.74 -7.63 2.14
C ASP A 63 9.74 -6.37 1.28
N ILE A 64 8.60 -5.70 1.21
CA ILE A 64 8.49 -4.48 0.42
C ILE A 64 8.85 -3.26 1.26
N SER A 65 9.71 -2.41 0.71
CA SER A 65 10.13 -1.20 1.41
C SER A 65 8.92 -0.31 1.72
N THR A 66 9.19 0.92 2.16
CA THR A 66 8.13 1.85 2.49
C THR A 66 7.11 1.92 1.36
N ILE A 67 6.19 2.88 1.45
CA ILE A 67 5.15 3.05 0.43
C ILE A 67 5.78 3.32 -0.92
N GLN A 68 6.81 4.14 -0.94
CA GLN A 68 7.49 4.49 -2.19
C GLN A 68 7.75 3.24 -3.02
N GLN A 69 8.34 2.22 -2.39
CA GLN A 69 8.63 0.98 -3.08
C GLN A 69 7.35 0.25 -3.48
N ALA A 70 6.38 0.24 -2.57
CA ALA A 70 5.12 -0.43 -2.83
C ALA A 70 4.48 0.10 -4.11
N ALA A 71 4.45 1.42 -4.25
CA ALA A 71 3.86 2.04 -5.43
C ALA A 71 4.62 1.63 -6.68
N ASP A 72 5.95 1.61 -6.60
CA ASP A 72 6.78 1.25 -7.74
C ASP A 72 6.51 -0.19 -8.16
N VAL A 73 6.41 -1.08 -7.19
CA VAL A 73 6.16 -2.49 -7.46
C VAL A 73 4.80 -2.66 -8.14
N ILE A 74 3.79 -1.97 -7.63
CA ILE A 74 2.45 -2.06 -8.18
C ILE A 74 2.42 -1.58 -9.62
N GLU A 75 3.12 -0.46 -9.87
CA GLU A 75 3.18 0.10 -11.21
C GLU A 75 3.55 -0.98 -12.23
N GLY A 76 4.49 -1.85 -11.84
CA GLY A 76 4.91 -2.93 -12.72
C GLY A 76 3.82 -3.97 -12.89
N LEU A 77 3.15 -4.29 -11.79
CA LEU A 77 2.06 -5.28 -11.83
C LEU A 77 0.91 -4.77 -12.68
N LEU A 78 0.63 -3.48 -12.59
CA LEU A 78 -0.44 -2.88 -13.36
C LEU A 78 -0.17 -3.02 -14.85
N GLU A 79 1.11 -3.09 -15.21
CA GLU A 79 1.48 -3.21 -16.61
C GLU A 79 1.85 -4.66 -16.94
N LYS A 80 2.54 -5.31 -16.03
CA LYS A 80 2.98 -6.69 -16.24
C LYS A 80 1.91 -7.68 -15.81
N LYS A 81 2.28 -8.61 -14.93
CA LYS A 81 1.36 -9.63 -14.47
C LYS A 81 1.74 -10.11 -13.08
N ALA A 82 2.65 -11.07 -13.00
CA ALA A 82 3.08 -11.61 -11.73
C ALA A 82 4.46 -12.24 -11.84
N ALA A 1 7.46 6.20 -7.48
CA ALA A 1 6.11 5.83 -7.99
C ALA A 1 5.32 7.11 -8.29
N LYS A 2 4.11 6.94 -8.80
CA LYS A 2 3.26 8.08 -9.13
C LYS A 2 2.48 8.54 -7.90
N LYS A 3 2.17 9.83 -7.87
CA LYS A 3 1.44 10.39 -6.73
C LYS A 3 0.07 9.74 -6.60
N GLU A 4 -0.56 9.45 -7.73
CA GLU A 4 -1.88 8.84 -7.72
C GLU A 4 -1.85 7.50 -6.98
N THR A 5 -0.86 6.67 -7.31
CA THR A 5 -0.73 5.36 -6.69
C THR A 5 -0.34 5.50 -5.22
N ILE A 6 0.57 6.43 -4.95
CA ILE A 6 1.03 6.67 -3.60
C ILE A 6 -0.13 7.10 -2.70
N ASP A 7 -0.95 8.00 -3.20
CA ASP A 7 -2.08 8.49 -2.44
C ASP A 7 -3.04 7.35 -2.15
N LYS A 8 -3.24 6.48 -3.12
CA LYS A 8 -4.13 5.35 -2.96
C LYS A 8 -3.60 4.38 -1.93
N VAL A 9 -2.32 4.05 -2.03
CA VAL A 9 -1.71 3.12 -1.09
C VAL A 9 -1.80 3.65 0.33
N SER A 10 -1.45 4.92 0.50
CA SER A 10 -1.50 5.54 1.81
C SER A 10 -2.94 5.52 2.33
N ASP A 11 -3.89 5.83 1.45
CA ASP A 11 -5.29 5.85 1.84
C ASP A 11 -5.73 4.47 2.29
N ILE A 12 -5.32 3.45 1.55
CA ILE A 12 -5.72 2.10 1.90
C ILE A 12 -5.31 1.78 3.33
N VAL A 13 -4.19 2.32 3.75
CA VAL A 13 -3.71 2.06 5.10
C VAL A 13 -4.53 2.83 6.14
N LYS A 14 -4.87 4.07 5.79
CA LYS A 14 -5.65 4.91 6.69
C LYS A 14 -7.04 4.35 6.94
N GLU A 15 -7.71 3.96 5.86
CA GLU A 15 -9.06 3.44 5.96
C GLU A 15 -9.13 2.29 6.97
N LYS A 16 -7.99 1.68 7.20
CA LYS A 16 -7.92 0.55 8.13
C LYS A 16 -8.28 1.00 9.53
N LEU A 17 -7.82 2.19 9.92
CA LEU A 17 -8.11 2.73 11.25
C LEU A 17 -8.95 3.99 11.11
N ALA A 18 -9.19 4.42 9.88
CA ALA A 18 -9.98 5.63 9.64
C ALA A 18 -9.14 6.89 9.84
N LEU A 19 -8.29 7.20 8.86
CA LEU A 19 -7.44 8.39 8.93
C LEU A 19 -7.56 9.21 7.66
N GLY A 20 -6.67 10.20 7.55
CA GLY A 20 -6.67 11.09 6.38
C GLY A 20 -7.36 12.40 6.70
N ALA A 21 -7.85 12.53 7.94
CA ALA A 21 -8.54 13.75 8.35
C ALA A 21 -7.53 14.75 8.93
N ASP A 22 -7.04 14.46 10.12
CA ASP A 22 -6.06 15.33 10.78
C ASP A 22 -4.64 14.82 10.56
N VAL A 23 -4.50 13.78 9.75
CA VAL A 23 -3.19 13.20 9.46
C VAL A 23 -2.80 13.47 8.02
N VAL A 24 -1.56 13.94 7.83
CA VAL A 24 -1.06 14.24 6.50
C VAL A 24 -0.61 12.97 5.79
N VAL A 25 -1.02 12.82 4.53
CA VAL A 25 -0.64 11.65 3.75
C VAL A 25 0.60 11.96 2.93
N THR A 26 1.61 11.09 3.06
CA THR A 26 2.86 11.25 2.32
C THR A 26 3.31 9.92 1.74
N ALA A 27 4.41 9.95 1.02
CA ALA A 27 4.95 8.74 0.39
C ALA A 27 5.96 8.05 1.31
N ASP A 28 6.40 8.77 2.34
CA ASP A 28 7.37 8.22 3.30
C ASP A 28 6.72 8.06 4.66
N SER A 29 5.40 8.10 4.70
CA SER A 29 4.67 7.95 5.96
C SER A 29 4.73 6.52 6.47
N GLU A 30 5.22 5.62 5.63
CA GLU A 30 5.33 4.22 6.00
C GLU A 30 3.96 3.66 6.38
N PHE A 31 3.50 2.67 5.62
CA PHE A 31 2.20 2.07 5.89
C PHE A 31 2.16 1.48 7.29
N SER A 32 3.24 0.79 7.67
CA SER A 32 3.30 0.18 8.99
C SER A 32 3.26 1.26 10.08
N LYS A 33 2.58 0.95 11.18
CA LYS A 33 2.47 1.89 12.29
C LYS A 33 2.58 1.17 13.63
N LEU A 34 3.05 1.87 14.65
CA LEU A 34 3.20 1.29 15.97
C LEU A 34 1.86 1.25 16.69
N GLY A 35 1.54 0.09 17.26
CA GLY A 35 0.28 -0.06 17.98
C GLY A 35 -0.16 -1.53 18.00
N ALA A 36 -1.42 -1.76 18.34
CA ALA A 36 -1.95 -3.12 18.40
C ALA A 36 -1.89 -3.77 17.02
N ASP A 37 -2.12 -2.97 15.99
CA ASP A 37 -2.08 -3.49 14.62
C ASP A 37 -0.66 -3.95 14.26
N SER A 38 -0.58 -5.11 13.62
CA SER A 38 0.72 -5.66 13.22
C SER A 38 0.56 -6.59 12.03
N LEU A 39 1.61 -6.68 11.22
CA LEU A 39 1.57 -7.55 10.04
C LEU A 39 0.39 -7.20 9.16
N ASP A 40 -0.66 -8.02 9.20
CA ASP A 40 -1.85 -7.79 8.40
C ASP A 40 -1.48 -7.66 6.92
N THR A 41 -0.41 -8.34 6.52
CA THR A 41 0.03 -8.30 5.14
C THR A 41 -1.05 -8.86 4.22
N VAL A 42 -1.65 -9.97 4.62
CA VAL A 42 -2.70 -10.61 3.84
C VAL A 42 -3.89 -9.68 3.70
N GLU A 43 -4.19 -8.95 4.76
CA GLU A 43 -5.31 -8.01 4.73
C GLU A 43 -4.99 -6.77 3.91
N ILE A 44 -3.83 -6.18 4.18
CA ILE A 44 -3.42 -4.98 3.48
C ILE A 44 -3.20 -5.22 2.00
N VAL A 45 -2.53 -6.31 1.68
CA VAL A 45 -2.24 -6.64 0.29
C VAL A 45 -3.54 -6.82 -0.48
N MET A 46 -4.52 -7.45 0.17
CA MET A 46 -5.80 -7.69 -0.48
C MET A 46 -6.46 -6.36 -0.87
N ASN A 47 -6.36 -5.38 0.02
CA ASN A 47 -6.96 -4.07 -0.24
C ASN A 47 -6.31 -3.44 -1.47
N LEU A 48 -4.99 -3.52 -1.55
CA LEU A 48 -4.27 -2.96 -2.69
C LEU A 48 -4.58 -3.74 -3.95
N GLU A 49 -4.61 -5.06 -3.83
CA GLU A 49 -4.89 -5.92 -4.97
C GLU A 49 -6.33 -5.74 -5.43
N GLU A 50 -7.24 -5.57 -4.48
CA GLU A 50 -8.66 -5.40 -4.81
C GLU A 50 -8.89 -4.08 -5.53
N GLU A 51 -8.40 -2.99 -4.95
CA GLU A 51 -8.59 -1.68 -5.55
C GLU A 51 -7.99 -1.64 -6.95
N PHE A 52 -6.70 -1.97 -7.05
CA PHE A 52 -6.02 -1.94 -8.34
C PHE A 52 -6.37 -3.17 -9.16
N GLY A 53 -7.06 -4.11 -8.54
CA GLY A 53 -7.46 -5.33 -9.24
C GLY A 53 -6.28 -5.97 -9.96
N ILE A 54 -5.15 -6.06 -9.26
CA ILE A 54 -3.94 -6.66 -9.85
C ILE A 54 -3.69 -8.04 -9.25
N ASN A 55 -2.50 -8.57 -9.48
CA ASN A 55 -2.14 -9.89 -8.97
C ASN A 55 -0.85 -9.80 -8.15
N VAL A 56 -1.01 -9.68 -6.83
CA VAL A 56 0.15 -9.58 -5.94
C VAL A 56 0.40 -10.93 -5.25
N ASP A 57 1.65 -11.38 -5.33
CA ASP A 57 2.02 -12.65 -4.72
C ASP A 57 2.36 -12.44 -3.24
N GLU A 58 1.97 -13.40 -2.42
CA GLU A 58 2.23 -13.32 -0.98
C GLU A 58 3.72 -13.14 -0.73
N ASP A 59 4.54 -13.50 -1.71
CA ASP A 59 5.98 -13.38 -1.58
C ASP A 59 6.45 -12.00 -2.00
N LYS A 60 5.65 -11.34 -2.82
CA LYS A 60 5.99 -10.01 -3.31
C LYS A 60 5.72 -8.97 -2.24
N ALA A 61 4.59 -9.12 -1.56
CA ALA A 61 4.20 -8.17 -0.52
C ALA A 61 4.74 -8.63 0.83
N GLN A 62 5.85 -9.36 0.80
CA GLN A 62 6.43 -9.87 2.03
C GLN A 62 7.01 -8.75 2.87
N ASP A 63 8.12 -8.18 2.40
CA ASP A 63 8.80 -7.12 3.14
C ASP A 63 8.97 -5.88 2.26
N ILE A 64 7.88 -5.16 2.06
CA ILE A 64 7.93 -3.95 1.24
C ILE A 64 8.23 -2.73 2.10
N SER A 65 9.16 -1.91 1.62
CA SER A 65 9.55 -0.70 2.34
C SER A 65 8.37 0.24 2.44
N THR A 66 8.64 1.47 2.89
CA THR A 66 7.59 2.47 3.04
C THR A 66 6.66 2.48 1.83
N ILE A 67 5.75 3.45 1.81
CA ILE A 67 4.80 3.54 0.70
C ILE A 67 5.52 3.73 -0.62
N GLN A 68 6.53 4.59 -0.63
CA GLN A 68 7.29 4.84 -1.86
C GLN A 68 7.55 3.54 -2.62
N GLN A 69 8.15 2.57 -1.95
CA GLN A 69 8.44 1.29 -2.58
C GLN A 69 7.14 0.54 -2.88
N ALA A 70 6.21 0.58 -1.92
CA ALA A 70 4.94 -0.10 -2.10
C ALA A 70 4.24 0.38 -3.37
N ALA A 71 4.21 1.69 -3.55
CA ALA A 71 3.56 2.27 -4.72
C ALA A 71 4.27 1.83 -6.00
N ASP A 72 5.59 1.77 -5.95
CA ASP A 72 6.37 1.36 -7.11
C ASP A 72 6.08 -0.10 -7.48
N VAL A 73 5.91 -0.93 -6.46
CA VAL A 73 5.63 -2.34 -6.68
C VAL A 73 4.31 -2.51 -7.42
N ILE A 74 3.30 -1.75 -6.99
CA ILE A 74 1.99 -1.82 -7.63
C ILE A 74 2.08 -1.38 -9.08
N GLU A 75 2.81 -0.32 -9.33
CA GLU A 75 2.97 0.20 -10.69
C GLU A 75 3.37 -0.92 -11.64
N GLY A 76 4.29 -1.77 -11.20
CA GLY A 76 4.75 -2.88 -12.01
C GLY A 76 3.68 -3.96 -12.14
N LEU A 77 2.79 -4.02 -11.15
CA LEU A 77 1.73 -5.02 -11.15
C LEU A 77 0.50 -4.50 -11.87
N LEU A 78 0.59 -3.27 -12.36
CA LEU A 78 -0.52 -2.66 -13.10
C LEU A 78 -0.30 -2.80 -14.60
N GLU A 79 0.87 -3.28 -14.99
CA GLU A 79 1.21 -3.46 -16.39
C GLU A 79 1.22 -4.90 -16.79
N LYS A 80 1.10 -5.76 -15.82
CA LYS A 80 1.09 -7.22 -16.05
C LYS A 80 0.46 -7.53 -17.40
N LYS A 81 -0.50 -6.68 -17.79
CA LYS A 81 -1.21 -6.87 -19.04
C LYS A 81 -0.24 -6.80 -20.22
N ALA A 82 0.66 -5.85 -20.15
CA ALA A 82 1.65 -5.67 -21.20
C ALA A 82 2.83 -4.83 -20.70
N ALA A 1 7.91 6.24 -8.31
CA ALA A 1 6.48 5.94 -8.60
C ALA A 1 5.72 7.26 -8.80
N LYS A 2 4.55 7.17 -9.44
CA LYS A 2 3.74 8.35 -9.70
C LYS A 2 3.04 8.81 -8.42
N LYS A 3 2.82 10.11 -8.30
CA LYS A 3 2.18 10.66 -7.11
C LYS A 3 0.77 10.09 -6.95
N GLU A 4 0.06 9.94 -8.06
CA GLU A 4 -1.29 9.42 -8.01
C GLU A 4 -1.31 8.05 -7.33
N THR A 5 -0.42 7.17 -7.76
CA THR A 5 -0.34 5.82 -7.20
C THR A 5 0.10 5.88 -5.75
N ILE A 6 1.10 6.71 -5.47
CA ILE A 6 1.62 6.84 -4.12
C ILE A 6 0.52 7.30 -3.17
N ASP A 7 -0.26 8.27 -3.59
CA ASP A 7 -1.34 8.78 -2.76
C ASP A 7 -2.36 7.68 -2.49
N LYS A 8 -2.60 6.85 -3.49
CA LYS A 8 -3.55 5.76 -3.34
C LYS A 8 -3.07 4.75 -2.32
N VAL A 9 -1.80 4.39 -2.41
CA VAL A 9 -1.24 3.42 -1.48
C VAL A 9 -1.35 3.93 -0.06
N SER A 10 -0.99 5.19 0.14
CA SER A 10 -1.05 5.79 1.46
C SER A 10 -2.48 5.79 1.96
N ASP A 11 -3.43 6.02 1.05
CA ASP A 11 -4.84 6.08 1.42
C ASP A 11 -5.30 4.75 2.00
N ILE A 12 -4.83 3.67 1.43
CA ILE A 12 -5.22 2.36 1.92
C ILE A 12 -4.90 2.24 3.40
N VAL A 13 -3.70 2.65 3.80
CA VAL A 13 -3.29 2.53 5.19
C VAL A 13 -4.23 3.34 6.07
N LYS A 14 -4.54 4.55 5.65
CA LYS A 14 -5.42 5.41 6.42
C LYS A 14 -6.82 4.82 6.50
N GLU A 15 -7.27 4.24 5.41
CA GLU A 15 -8.61 3.65 5.36
C GLU A 15 -8.76 2.59 6.44
N LYS A 16 -7.64 2.07 6.91
CA LYS A 16 -7.67 1.05 7.94
C LYS A 16 -8.29 1.58 9.21
N LEU A 17 -7.92 2.81 9.58
CA LEU A 17 -8.43 3.45 10.80
C LEU A 17 -9.07 4.79 10.46
N ALA A 18 -9.47 4.95 9.21
CA ALA A 18 -10.09 6.19 8.77
C ALA A 18 -9.22 7.37 9.14
N LEU A 19 -8.22 7.66 8.31
CA LEU A 19 -7.30 8.78 8.55
C LEU A 19 -7.18 9.64 7.29
N GLY A 20 -6.28 10.61 7.35
CA GLY A 20 -6.05 11.52 6.23
C GLY A 20 -6.77 12.85 6.45
N ALA A 21 -7.69 12.86 7.42
CA ALA A 21 -8.45 14.07 7.72
C ALA A 21 -7.61 15.01 8.58
N ASP A 22 -7.38 14.61 9.83
CA ASP A 22 -6.60 15.42 10.76
C ASP A 22 -5.15 14.97 10.79
N VAL A 23 -4.81 14.04 9.90
CA VAL A 23 -3.44 13.51 9.82
C VAL A 23 -2.86 13.73 8.43
N VAL A 24 -1.65 14.26 8.38
CA VAL A 24 -0.98 14.52 7.11
C VAL A 24 -0.56 13.21 6.45
N VAL A 25 -0.91 13.06 5.18
CA VAL A 25 -0.57 11.85 4.45
C VAL A 25 0.81 12.00 3.79
N THR A 26 1.66 10.99 4.00
CA THR A 26 3.02 11.01 3.43
C THR A 26 3.37 9.64 2.89
N ALA A 27 4.30 9.63 1.93
CA ALA A 27 4.75 8.38 1.32
C ALA A 27 5.93 7.81 2.09
N ASP A 28 6.62 8.66 2.82
CA ASP A 28 7.77 8.22 3.59
C ASP A 28 7.33 7.60 4.91
N SER A 29 6.02 7.58 5.13
CA SER A 29 5.47 7.01 6.35
C SER A 29 5.40 5.49 6.24
N GLU A 30 6.45 4.81 6.73
CA GLU A 30 6.50 3.36 6.67
C GLU A 30 5.13 2.77 7.02
N PHE A 31 4.76 1.69 6.34
CA PHE A 31 3.48 1.05 6.59
C PHE A 31 3.31 0.75 8.07
N SER A 32 2.28 -0.01 8.42
CA SER A 32 2.00 -0.36 9.81
C SER A 32 1.86 -1.86 9.96
N LYS A 33 2.56 -2.42 10.95
CA LYS A 33 2.49 -3.85 11.20
C LYS A 33 3.01 -4.17 12.60
N LEU A 34 2.22 -3.85 13.62
CA LEU A 34 2.62 -4.11 15.00
C LEU A 34 2.04 -5.45 15.47
N GLY A 35 2.85 -6.21 16.18
CA GLY A 35 2.42 -7.51 16.69
C GLY A 35 2.67 -8.60 15.66
N ALA A 36 3.51 -9.57 16.03
CA ALA A 36 3.83 -10.67 15.13
C ALA A 36 2.59 -11.50 14.84
N ASP A 37 1.74 -11.66 15.84
CA ASP A 37 0.52 -12.44 15.68
C ASP A 37 -0.40 -11.80 14.64
N SER A 38 -0.54 -10.48 14.72
CA SER A 38 -1.38 -9.75 13.77
C SER A 38 -0.61 -9.44 12.50
N LEU A 39 -1.13 -9.94 11.37
CA LEU A 39 -0.48 -9.70 10.08
C LEU A 39 -1.22 -8.63 9.30
N ASP A 40 -0.65 -7.42 9.29
CA ASP A 40 -1.26 -6.31 8.59
C ASP A 40 -0.94 -6.38 7.09
N THR A 41 0.13 -7.09 6.76
CA THR A 41 0.54 -7.22 5.37
C THR A 41 -0.55 -7.90 4.55
N VAL A 42 -1.15 -8.95 5.12
CA VAL A 42 -2.21 -9.69 4.45
C VAL A 42 -3.42 -8.77 4.21
N GLU A 43 -3.76 -7.99 5.22
CA GLU A 43 -4.89 -7.07 5.11
C GLU A 43 -4.54 -5.89 4.20
N ILE A 44 -3.36 -5.33 4.41
CA ILE A 44 -2.92 -4.18 3.62
C ILE A 44 -2.74 -4.54 2.15
N VAL A 45 -2.06 -5.65 1.90
CA VAL A 45 -1.81 -6.08 0.53
C VAL A 45 -3.13 -6.36 -0.19
N MET A 46 -4.05 -7.01 0.51
CA MET A 46 -5.33 -7.35 -0.08
C MET A 46 -6.06 -6.09 -0.53
N ASN A 47 -5.97 -5.04 0.27
CA ASN A 47 -6.62 -3.77 -0.06
C ASN A 47 -6.03 -3.18 -1.34
N LEU A 48 -4.71 -3.15 -1.42
CA LEU A 48 -4.05 -2.60 -2.60
C LEU A 48 -4.36 -3.45 -3.82
N GLU A 49 -4.26 -4.77 -3.66
CA GLU A 49 -4.52 -5.68 -4.76
C GLU A 49 -5.97 -5.53 -5.21
N GLU A 50 -6.86 -5.27 -4.25
CA GLU A 50 -8.28 -5.11 -4.57
C GLU A 50 -8.53 -3.73 -5.16
N GLU A 51 -8.05 -2.69 -4.48
CA GLU A 51 -8.25 -1.32 -4.96
C GLU A 51 -7.69 -1.16 -6.37
N PHE A 52 -6.41 -1.49 -6.54
CA PHE A 52 -5.77 -1.39 -7.85
C PHE A 52 -6.33 -2.43 -8.80
N GLY A 53 -6.66 -3.59 -8.27
CA GLY A 53 -7.20 -4.67 -9.10
C GLY A 53 -6.08 -5.43 -9.79
N ILE A 54 -5.01 -5.72 -9.05
CA ILE A 54 -3.87 -6.45 -9.61
C ILE A 54 -3.70 -7.80 -8.91
N ASN A 55 -2.53 -8.40 -9.06
CA ASN A 55 -2.24 -9.71 -8.46
C ASN A 55 -0.90 -9.66 -7.74
N VAL A 56 -0.93 -9.30 -6.46
CA VAL A 56 0.29 -9.22 -5.67
C VAL A 56 0.63 -10.58 -5.07
N ASP A 57 1.88 -10.99 -5.22
CA ASP A 57 2.33 -12.27 -4.67
C ASP A 57 2.86 -12.09 -3.26
N GLU A 58 2.80 -13.16 -2.47
CA GLU A 58 3.28 -13.11 -1.09
C GLU A 58 4.78 -12.81 -1.05
N ASP A 59 5.50 -13.32 -2.04
CA ASP A 59 6.93 -13.10 -2.10
C ASP A 59 7.24 -11.66 -2.50
N LYS A 60 6.26 -11.01 -3.11
CA LYS A 60 6.44 -9.62 -3.54
C LYS A 60 6.09 -8.66 -2.40
N ALA A 61 5.15 -9.07 -1.56
CA ALA A 61 4.71 -8.24 -0.43
C ALA A 61 5.18 -8.84 0.88
N GLN A 62 6.48 -9.14 0.96
CA GLN A 62 7.06 -9.72 2.18
C GLN A 62 8.10 -8.79 2.78
N ASP A 63 8.88 -8.14 1.91
CA ASP A 63 9.93 -7.23 2.36
C ASP A 63 9.93 -5.95 1.53
N ILE A 64 8.77 -5.33 1.40
CA ILE A 64 8.64 -4.08 0.65
C ILE A 64 8.87 -2.88 1.54
N SER A 65 9.74 -1.98 1.09
CA SER A 65 10.06 -0.78 1.84
C SER A 65 8.78 0.02 2.10
N THR A 66 8.96 1.23 2.62
CA THR A 66 7.83 2.11 2.92
C THR A 66 6.90 2.22 1.72
N ILE A 67 5.94 3.12 1.80
CA ILE A 67 4.98 3.30 0.72
C ILE A 67 5.67 3.69 -0.58
N GLN A 68 6.65 4.59 -0.48
CA GLN A 68 7.38 5.03 -1.67
C GLN A 68 7.71 3.85 -2.57
N GLN A 69 8.35 2.83 -2.01
CA GLN A 69 8.73 1.67 -2.80
C GLN A 69 7.51 0.88 -3.26
N ALA A 70 6.55 0.71 -2.37
CA ALA A 70 5.35 -0.05 -2.69
C ALA A 70 4.67 0.52 -3.92
N ALA A 71 4.65 1.84 -4.03
CA ALA A 71 4.01 2.50 -5.17
C ALA A 71 4.67 2.05 -6.47
N ASP A 72 6.00 2.07 -6.49
CA ASP A 72 6.73 1.67 -7.69
C ASP A 72 6.46 0.20 -8.03
N VAL A 73 6.41 -0.64 -6.99
CA VAL A 73 6.17 -2.07 -7.19
C VAL A 73 4.78 -2.30 -7.80
N ILE A 74 3.79 -1.57 -7.29
CA ILE A 74 2.42 -1.72 -7.79
C ILE A 74 2.35 -1.28 -9.24
N GLU A 75 3.00 -0.17 -9.57
CA GLU A 75 2.99 0.34 -10.93
C GLU A 75 3.28 -0.77 -11.92
N GLY A 76 4.28 -1.59 -11.62
CA GLY A 76 4.64 -2.70 -12.50
C GLY A 76 3.50 -3.70 -12.58
N LEU A 77 2.82 -3.91 -11.47
CA LEU A 77 1.70 -4.85 -11.43
C LEU A 77 0.51 -4.28 -12.16
N LEU A 78 0.56 -2.99 -12.46
CA LEU A 78 -0.51 -2.33 -13.19
C LEU A 78 -0.19 -2.25 -14.69
N GLU A 79 1.03 -2.64 -15.07
CA GLU A 79 1.47 -2.61 -16.44
C GLU A 79 1.50 -4.00 -17.05
N LYS A 80 1.60 -5.01 -16.23
CA LYS A 80 1.64 -6.39 -16.70
C LYS A 80 0.66 -6.59 -17.86
N LYS A 81 -0.30 -5.67 -17.99
CA LYS A 81 -1.27 -5.74 -19.05
C LYS A 81 -1.97 -4.40 -19.22
N ALA A 82 -2.28 -4.05 -20.46
CA ALA A 82 -2.96 -2.79 -20.74
C ALA A 82 -2.34 -1.65 -19.95
N ALA A 1 7.52 6.58 -7.89
CA ALA A 1 6.12 6.26 -8.29
C ALA A 1 5.36 7.57 -8.52
N LYS A 2 4.19 7.47 -9.16
CA LYS A 2 3.38 8.63 -9.44
C LYS A 2 2.62 9.06 -8.19
N LYS A 3 2.35 10.36 -8.09
CA LYS A 3 1.63 10.89 -6.93
C LYS A 3 0.25 10.27 -6.82
N GLU A 4 -0.41 10.09 -7.96
CA GLU A 4 -1.75 9.51 -7.97
C GLU A 4 -1.75 8.15 -7.28
N THR A 5 -0.78 7.31 -7.64
CA THR A 5 -0.69 5.98 -7.07
C THR A 5 -0.31 6.05 -5.59
N ILE A 6 0.63 6.92 -5.27
CA ILE A 6 1.08 7.09 -3.89
C ILE A 6 -0.07 7.54 -3.00
N ASP A 7 -0.87 8.48 -3.47
CA ASP A 7 -1.99 8.97 -2.70
C ASP A 7 -2.98 7.84 -2.44
N LYS A 8 -3.15 7.00 -3.45
CA LYS A 8 -4.07 5.87 -3.34
C LYS A 8 -3.59 4.85 -2.32
N VAL A 9 -2.31 4.51 -2.39
CA VAL A 9 -1.73 3.54 -1.46
C VAL A 9 -1.86 4.03 -0.03
N SER A 10 -1.51 5.29 0.19
CA SER A 10 -1.58 5.86 1.52
C SER A 10 -3.01 5.82 2.06
N ASP A 11 -3.97 6.16 1.21
CA ASP A 11 -5.37 6.19 1.60
C ASP A 11 -5.79 4.85 2.19
N ILE A 12 -5.41 3.76 1.53
CA ILE A 12 -5.77 2.45 2.02
C ILE A 12 -5.37 2.30 3.48
N VAL A 13 -4.17 2.75 3.81
CA VAL A 13 -3.71 2.64 5.18
C VAL A 13 -4.55 3.51 6.10
N LYS A 14 -4.77 4.75 5.72
CA LYS A 14 -5.56 5.66 6.55
C LYS A 14 -7.00 5.21 6.65
N GLU A 15 -7.54 4.75 5.52
CA GLU A 15 -8.93 4.29 5.46
C GLU A 15 -9.19 3.23 6.52
N LYS A 16 -8.22 2.37 6.73
CA LYS A 16 -8.36 1.32 7.72
C LYS A 16 -8.61 1.92 9.11
N LEU A 17 -7.88 2.98 9.42
CA LEU A 17 -8.01 3.66 10.70
C LEU A 17 -9.03 4.78 10.60
N ALA A 18 -9.58 4.97 9.41
CA ALA A 18 -10.56 6.02 9.18
C ALA A 18 -9.89 7.38 9.28
N LEU A 19 -8.61 7.41 8.93
CA LEU A 19 -7.84 8.65 8.97
C LEU A 19 -7.93 9.38 7.63
N GLY A 20 -7.05 10.36 7.44
CA GLY A 20 -7.04 11.15 6.21
C GLY A 20 -7.83 12.45 6.39
N ALA A 21 -8.43 12.62 7.56
CA ALA A 21 -9.22 13.81 7.84
C ALA A 21 -8.31 14.95 8.30
N ASP A 22 -7.76 14.82 9.51
CA ASP A 22 -6.87 15.85 10.07
C ASP A 22 -5.47 15.29 10.29
N VAL A 23 -5.10 14.29 9.49
CA VAL A 23 -3.78 13.66 9.60
C VAL A 23 -2.99 13.87 8.31
N VAL A 24 -1.73 14.28 8.46
CA VAL A 24 -0.87 14.51 7.31
C VAL A 24 -0.54 13.19 6.62
N VAL A 25 -0.36 13.25 5.30
CA VAL A 25 -0.04 12.06 4.51
C VAL A 25 1.25 12.27 3.73
N THR A 26 2.15 11.28 3.81
CA THR A 26 3.43 11.35 3.12
C THR A 26 3.73 10.03 2.42
N ALA A 27 4.62 10.08 1.44
CA ALA A 27 5.00 8.88 0.69
C ALA A 27 6.04 8.07 1.46
N ASP A 28 6.46 8.60 2.60
CA ASP A 28 7.46 7.93 3.44
C ASP A 28 6.88 7.63 4.81
N SER A 29 5.56 7.66 4.92
CA SER A 29 4.89 7.42 6.19
C SER A 29 5.02 5.96 6.61
N GLU A 30 5.39 5.12 5.66
CA GLU A 30 5.54 3.69 5.93
C GLU A 30 4.23 3.12 6.46
N PHE A 31 4.10 1.80 6.33
CA PHE A 31 2.90 1.10 6.80
C PHE A 31 3.29 -0.11 7.65
N SER A 32 3.61 0.15 8.91
CA SER A 32 3.98 -0.92 9.83
C SER A 32 3.80 -0.48 11.27
N LYS A 33 3.75 -1.45 12.18
CA LYS A 33 3.57 -1.14 13.59
C LYS A 33 4.31 -2.17 14.45
N LEU A 34 4.95 -1.69 15.52
CA LEU A 34 5.69 -2.58 16.41
C LEU A 34 4.84 -2.93 17.63
N GLY A 35 4.89 -4.21 18.02
CA GLY A 35 4.12 -4.68 19.16
C GLY A 35 2.70 -5.05 18.75
N ALA A 36 2.44 -5.01 17.46
CA ALA A 36 1.12 -5.34 16.93
C ALA A 36 0.82 -6.83 17.13
N ASP A 37 -0.45 -7.14 17.37
CA ASP A 37 -0.85 -8.53 17.58
C ASP A 37 -0.58 -9.36 16.32
N SER A 38 -0.87 -8.78 15.15
CA SER A 38 -0.64 -9.48 13.88
C SER A 38 -0.39 -8.47 12.77
N LEU A 39 0.33 -8.92 11.73
CA LEU A 39 0.64 -8.04 10.61
C LEU A 39 -0.60 -7.83 9.74
N ASP A 40 -0.77 -6.60 9.26
CA ASP A 40 -1.91 -6.26 8.42
C ASP A 40 -1.56 -6.41 6.94
N THR A 41 -0.37 -6.96 6.68
CA THR A 41 0.09 -7.15 5.32
C THR A 41 -0.98 -7.88 4.51
N VAL A 42 -1.61 -8.88 5.12
CA VAL A 42 -2.65 -9.65 4.45
C VAL A 42 -3.85 -8.76 4.10
N GLU A 43 -4.23 -7.90 5.05
CA GLU A 43 -5.35 -7.00 4.81
C GLU A 43 -4.94 -5.85 3.89
N ILE A 44 -3.73 -5.32 4.12
CA ILE A 44 -3.24 -4.19 3.34
C ILE A 44 -3.04 -4.55 1.87
N VAL A 45 -2.44 -5.71 1.62
CA VAL A 45 -2.19 -6.14 0.26
C VAL A 45 -3.51 -6.29 -0.50
N MET A 46 -4.49 -6.85 0.17
CA MET A 46 -5.80 -7.06 -0.45
C MET A 46 -6.45 -5.72 -0.78
N ASN A 47 -6.30 -4.74 0.11
CA ASN A 47 -6.89 -3.44 -0.13
C ASN A 47 -6.31 -2.82 -1.40
N LEU A 48 -4.99 -2.91 -1.54
CA LEU A 48 -4.32 -2.37 -2.72
C LEU A 48 -4.64 -3.21 -3.94
N GLU A 49 -4.56 -4.53 -3.79
CA GLU A 49 -4.85 -5.44 -4.89
C GLU A 49 -6.30 -5.29 -5.31
N GLU A 50 -7.19 -5.16 -4.34
CA GLU A 50 -8.61 -5.02 -4.61
C GLU A 50 -8.90 -3.64 -5.21
N GLU A 51 -8.31 -2.60 -4.62
CA GLU A 51 -8.53 -1.23 -5.11
C GLU A 51 -7.98 -1.08 -6.52
N PHE A 52 -6.69 -1.33 -6.68
CA PHE A 52 -6.06 -1.22 -7.99
C PHE A 52 -6.62 -2.26 -8.94
N GLY A 53 -6.93 -3.43 -8.42
CA GLY A 53 -7.48 -4.51 -9.24
C GLY A 53 -6.36 -5.29 -9.91
N ILE A 54 -5.24 -5.44 -9.20
CA ILE A 54 -4.08 -6.17 -9.72
C ILE A 54 -3.92 -7.51 -9.01
N ASN A 55 -2.70 -8.06 -9.05
CA ASN A 55 -2.41 -9.34 -8.41
C ASN A 55 -1.08 -9.26 -7.66
N VAL A 56 -1.15 -9.25 -6.33
CA VAL A 56 0.05 -9.17 -5.50
C VAL A 56 0.35 -10.53 -4.88
N ASP A 57 1.59 -10.99 -5.04
CA ASP A 57 2.00 -12.27 -4.49
C ASP A 57 2.58 -12.08 -3.09
N GLU A 58 2.52 -13.15 -2.29
CA GLU A 58 3.05 -13.08 -0.93
C GLU A 58 4.53 -12.74 -0.94
N ASP A 59 5.25 -13.25 -1.94
CA ASP A 59 6.68 -12.99 -2.05
C ASP A 59 6.93 -11.53 -2.40
N LYS A 60 5.92 -10.89 -2.99
CA LYS A 60 6.04 -9.49 -3.38
C LYS A 60 5.63 -8.58 -2.23
N ALA A 61 4.72 -9.06 -1.39
CA ALA A 61 4.23 -8.29 -0.25
C ALA A 61 4.77 -8.86 1.06
N GLN A 62 6.09 -9.12 1.09
CA GLN A 62 6.73 -9.67 2.29
C GLN A 62 7.76 -8.67 2.85
N ASP A 63 8.48 -8.00 1.95
CA ASP A 63 9.50 -7.03 2.36
C ASP A 63 9.41 -5.76 1.53
N ILE A 64 8.23 -5.14 1.53
CA ILE A 64 8.02 -3.90 0.79
C ILE A 64 8.37 -2.69 1.65
N SER A 65 9.21 -1.83 1.10
CA SER A 65 9.63 -0.62 1.80
C SER A 65 8.44 0.31 1.96
N THR A 66 8.70 1.50 2.46
CA THR A 66 7.64 2.48 2.67
C THR A 66 6.71 2.58 1.47
N ILE A 67 5.80 3.56 1.51
CA ILE A 67 4.85 3.74 0.43
C ILE A 67 5.59 3.98 -0.89
N GLN A 68 6.61 4.82 -0.85
CA GLN A 68 7.38 5.13 -2.05
C GLN A 68 7.68 3.84 -2.83
N GLN A 69 7.89 2.75 -2.10
CA GLN A 69 8.18 1.48 -2.73
C GLN A 69 6.89 0.79 -3.18
N ALA A 70 5.89 0.76 -2.30
CA ALA A 70 4.64 0.11 -2.64
C ALA A 70 4.04 0.72 -3.90
N ALA A 71 4.06 2.04 -3.98
CA ALA A 71 3.50 2.73 -5.14
C ALA A 71 4.25 2.33 -6.41
N ASP A 72 5.57 2.33 -6.34
CA ASP A 72 6.38 1.97 -7.49
C ASP A 72 6.14 0.51 -7.87
N VAL A 73 6.06 -0.36 -6.87
CA VAL A 73 5.83 -1.78 -7.13
C VAL A 73 4.48 -1.99 -7.83
N ILE A 74 3.45 -1.30 -7.34
CA ILE A 74 2.11 -1.42 -7.92
C ILE A 74 2.12 -0.96 -9.38
N GLU A 75 2.79 0.15 -9.65
CA GLU A 75 2.86 0.67 -11.00
C GLU A 75 3.26 -0.43 -11.98
N GLY A 76 4.07 -1.37 -11.51
CA GLY A 76 4.51 -2.47 -12.35
C GLY A 76 3.44 -3.56 -12.45
N LEU A 77 2.58 -3.63 -11.43
CA LEU A 77 1.51 -4.62 -11.39
C LEU A 77 0.27 -4.12 -12.12
N LEU A 78 0.25 -2.83 -12.41
CA LEU A 78 -0.88 -2.23 -13.11
C LEU A 78 -0.72 -2.39 -14.62
N GLU A 79 0.43 -2.88 -15.06
CA GLU A 79 0.69 -3.07 -16.48
C GLU A 79 0.57 -4.53 -16.84
N LYS A 80 1.44 -5.34 -16.23
CA LYS A 80 1.47 -6.79 -16.44
C LYS A 80 0.97 -7.16 -17.83
N LYS A 81 1.11 -6.21 -18.74
CA LYS A 81 0.68 -6.37 -20.12
C LYS A 81 1.84 -6.13 -21.08
N ALA A 82 2.41 -7.24 -21.54
CA ALA A 82 3.52 -7.17 -22.48
C ALA A 82 4.61 -6.24 -21.95
N ALA A 1 7.90 5.73 -9.04
CA ALA A 1 6.43 5.45 -9.08
C ALA A 1 5.67 6.75 -9.32
N LYS A 2 4.46 6.63 -9.85
CA LYS A 2 3.64 7.81 -10.11
C LYS A 2 3.04 8.32 -8.81
N LYS A 3 2.84 9.63 -8.72
CA LYS A 3 2.28 10.23 -7.52
C LYS A 3 0.90 9.68 -7.24
N GLU A 4 0.11 9.50 -8.29
CA GLU A 4 -1.23 8.99 -8.14
C GLU A 4 -1.20 7.62 -7.47
N THR A 5 -0.30 6.76 -7.94
CA THR A 5 -0.18 5.42 -7.38
C THR A 5 0.33 5.47 -5.94
N ILE A 6 1.33 6.30 -5.70
CA ILE A 6 1.91 6.44 -4.37
C ILE A 6 0.86 6.90 -3.36
N ASP A 7 0.05 7.87 -3.73
CA ASP A 7 -0.98 8.36 -2.84
C ASP A 7 -2.01 7.26 -2.56
N LYS A 8 -2.31 6.48 -3.59
CA LYS A 8 -3.27 5.37 -3.46
C LYS A 8 -2.77 4.33 -2.47
N VAL A 9 -1.49 3.96 -2.59
CA VAL A 9 -0.93 2.96 -1.69
C VAL A 9 -1.03 3.44 -0.25
N SER A 10 -0.62 4.68 -0.03
CA SER A 10 -0.67 5.26 1.30
C SER A 10 -2.12 5.29 1.79
N ASP A 11 -3.03 5.65 0.90
CA ASP A 11 -4.44 5.74 1.25
C ASP A 11 -4.95 4.42 1.80
N ILE A 12 -4.62 3.33 1.12
CA ILE A 12 -5.06 2.02 1.60
C ILE A 12 -4.66 1.81 3.06
N VAL A 13 -3.43 2.15 3.39
CA VAL A 13 -2.95 1.97 4.75
C VAL A 13 -3.75 2.83 5.74
N LYS A 14 -4.00 4.08 5.36
CA LYS A 14 -4.74 5.01 6.23
C LYS A 14 -6.17 4.52 6.45
N GLU A 15 -6.80 4.04 5.38
CA GLU A 15 -8.17 3.56 5.44
C GLU A 15 -8.34 2.55 6.58
N LYS A 16 -7.26 1.84 6.89
CA LYS A 16 -7.30 0.85 7.97
C LYS A 16 -7.56 1.53 9.30
N LEU A 17 -6.80 2.60 9.55
CA LEU A 17 -6.93 3.37 10.78
C LEU A 17 -7.92 4.51 10.58
N ALA A 18 -8.42 4.66 9.36
CA ALA A 18 -9.35 5.74 9.05
C ALA A 18 -8.63 7.08 9.08
N LEU A 19 -7.40 7.07 8.58
CA LEU A 19 -6.56 8.26 8.53
C LEU A 19 -6.71 8.99 7.19
N GLY A 20 -5.87 10.00 6.96
CA GLY A 20 -5.92 10.76 5.71
C GLY A 20 -6.87 11.95 5.84
N ALA A 21 -7.52 12.06 6.99
CA ALA A 21 -8.46 13.16 7.23
C ALA A 21 -7.72 14.34 7.85
N ASP A 22 -7.43 14.26 9.14
CA ASP A 22 -6.73 15.32 9.85
C ASP A 22 -5.24 15.00 9.98
N VAL A 23 -4.79 13.98 9.24
CA VAL A 23 -3.39 13.55 9.28
C VAL A 23 -2.75 13.69 7.90
N VAL A 24 -1.53 14.23 7.89
CA VAL A 24 -0.82 14.41 6.63
C VAL A 24 -0.38 13.06 6.08
N VAL A 25 -0.64 12.84 4.79
CA VAL A 25 -0.28 11.57 4.14
C VAL A 25 1.06 11.68 3.44
N THR A 26 1.96 10.75 3.73
CA THR A 26 3.28 10.75 3.12
C THR A 26 3.69 9.32 2.76
N ALA A 27 4.42 9.19 1.66
CA ALA A 27 4.87 7.90 1.20
C ALA A 27 6.03 7.39 2.06
N ASP A 28 6.96 8.27 2.37
CA ASP A 28 8.10 7.88 3.16
C ASP A 28 7.67 7.64 4.60
N SER A 29 6.36 7.60 4.82
CA SER A 29 5.84 7.40 6.17
C SER A 29 6.06 5.96 6.63
N GLU A 30 6.50 5.10 5.73
CA GLU A 30 6.72 3.70 6.05
C GLU A 30 5.43 3.06 6.53
N PHE A 31 5.20 1.83 6.08
CA PHE A 31 3.99 1.11 6.46
C PHE A 31 3.94 0.91 7.96
N SER A 32 5.07 0.55 8.55
CA SER A 32 5.14 0.31 9.99
C SER A 32 4.74 1.57 10.75
N LYS A 33 3.94 1.40 11.80
CA LYS A 33 3.48 2.52 12.62
C LYS A 33 3.23 2.07 14.05
N LEU A 34 3.15 3.04 14.96
CA LEU A 34 2.91 2.73 16.36
C LEU A 34 1.49 2.20 16.55
N GLY A 35 1.37 1.10 17.29
CA GLY A 35 0.07 0.48 17.54
C GLY A 35 0.19 -1.04 17.55
N ALA A 36 -0.62 -1.70 16.73
CA ALA A 36 -0.60 -3.16 16.65
C ALA A 36 0.73 -3.64 16.07
N ASP A 37 1.25 -4.73 16.62
CA ASP A 37 2.52 -5.29 16.15
C ASP A 37 2.28 -6.34 15.08
N SER A 38 1.00 -6.56 14.75
CA SER A 38 0.65 -7.53 13.73
C SER A 38 0.97 -7.00 12.34
N LEU A 39 1.64 -7.81 11.54
CA LEU A 39 2.01 -7.42 10.18
C LEU A 39 0.76 -7.19 9.34
N ASP A 40 -0.22 -8.08 9.48
CA ASP A 40 -1.46 -7.96 8.72
C ASP A 40 -1.16 -7.68 7.25
N THR A 41 -0.03 -8.19 6.78
CA THR A 41 0.35 -7.98 5.39
C THR A 41 -0.69 -8.57 4.45
N VAL A 42 -1.36 -9.62 4.91
CA VAL A 42 -2.39 -10.27 4.11
C VAL A 42 -3.53 -9.30 3.83
N GLU A 43 -3.91 -8.50 4.82
CA GLU A 43 -4.99 -7.55 4.65
C GLU A 43 -4.56 -6.38 3.75
N ILE A 44 -3.39 -5.82 4.02
CA ILE A 44 -2.88 -4.68 3.25
C ILE A 44 -2.60 -5.04 1.79
N VAL A 45 -1.95 -6.18 1.57
CA VAL A 45 -1.60 -6.60 0.21
C VAL A 45 -2.86 -6.79 -0.62
N MET A 46 -3.87 -7.40 -0.03
CA MET A 46 -5.13 -7.64 -0.73
C MET A 46 -5.80 -6.32 -1.07
N ASN A 47 -5.72 -5.35 -0.15
CA ASN A 47 -6.33 -4.06 -0.38
C ASN A 47 -5.72 -3.40 -1.61
N LEU A 48 -4.41 -3.55 -1.76
CA LEU A 48 -3.73 -2.96 -2.91
C LEU A 48 -4.05 -3.76 -4.17
N GLU A 49 -3.98 -5.09 -4.06
CA GLU A 49 -4.26 -5.95 -5.21
C GLU A 49 -5.71 -5.79 -5.67
N GLU A 50 -6.64 -5.68 -4.72
CA GLU A 50 -8.05 -5.53 -5.05
C GLU A 50 -8.31 -4.14 -5.64
N GLU A 51 -7.74 -3.11 -5.02
CA GLU A 51 -7.92 -1.74 -5.48
C GLU A 51 -7.38 -1.57 -6.91
N PHE A 52 -6.09 -1.86 -7.08
CA PHE A 52 -5.48 -1.75 -8.40
C PHE A 52 -6.03 -2.81 -9.33
N GLY A 53 -6.31 -3.98 -8.77
CA GLY A 53 -6.85 -5.09 -9.57
C GLY A 53 -5.72 -5.87 -10.22
N ILE A 54 -4.55 -5.89 -9.57
CA ILE A 54 -3.40 -6.60 -10.09
C ILE A 54 -3.27 -7.98 -9.44
N ASN A 55 -2.09 -8.58 -9.56
CA ASN A 55 -1.83 -9.89 -8.98
C ASN A 55 -0.47 -9.91 -8.31
N VAL A 56 -0.41 -9.43 -7.07
CA VAL A 56 0.84 -9.39 -6.33
C VAL A 56 0.99 -10.65 -5.49
N ASP A 57 2.13 -11.33 -5.64
CA ASP A 57 2.38 -12.57 -4.90
C ASP A 57 2.92 -12.24 -3.50
N GLU A 58 2.78 -13.21 -2.59
CA GLU A 58 3.25 -13.03 -1.23
C GLU A 58 4.76 -12.80 -1.22
N ASP A 59 5.44 -13.31 -2.24
CA ASP A 59 6.89 -13.16 -2.33
C ASP A 59 7.25 -11.72 -2.66
N LYS A 60 6.31 -11.01 -3.28
CA LYS A 60 6.52 -9.63 -3.66
C LYS A 60 6.00 -8.70 -2.56
N ALA A 61 5.25 -9.25 -1.61
CA ALA A 61 4.69 -8.46 -0.51
C ALA A 61 5.14 -9.03 0.83
N GLN A 62 6.42 -9.39 0.92
CA GLN A 62 6.99 -9.95 2.16
C GLN A 62 8.10 -9.06 2.71
N ASP A 63 8.85 -8.43 1.81
CA ASP A 63 9.95 -7.55 2.22
C ASP A 63 9.98 -6.27 1.39
N ILE A 64 8.82 -5.62 1.29
CA ILE A 64 8.70 -4.36 0.54
C ILE A 64 9.02 -3.17 1.42
N SER A 65 9.90 -2.32 0.93
CA SER A 65 10.29 -1.12 1.66
C SER A 65 9.07 -0.21 1.87
N THR A 66 9.32 1.00 2.33
CA THR A 66 8.24 1.95 2.59
C THR A 66 7.26 1.99 1.42
N ILE A 67 6.30 2.90 1.50
CA ILE A 67 5.30 3.02 0.45
C ILE A 67 5.96 3.35 -0.89
N GLN A 68 6.92 4.26 -0.85
CA GLN A 68 7.62 4.66 -2.07
C GLN A 68 7.92 3.45 -2.96
N GLN A 69 8.58 2.44 -2.40
CA GLN A 69 8.92 1.25 -3.17
C GLN A 69 7.68 0.45 -3.55
N ALA A 70 6.72 0.39 -2.62
CA ALA A 70 5.49 -0.35 -2.88
C ALA A 70 4.79 0.18 -4.10
N ALA A 71 4.82 1.49 -4.27
CA ALA A 71 4.18 2.12 -5.41
C ALA A 71 4.85 1.66 -6.70
N ASP A 72 6.18 1.55 -6.67
CA ASP A 72 6.93 1.12 -7.84
C ASP A 72 6.56 -0.32 -8.20
N VAL A 73 6.42 -1.18 -7.20
CA VAL A 73 6.08 -2.58 -7.43
C VAL A 73 4.72 -2.67 -8.13
N ILE A 74 3.75 -1.90 -7.66
CA ILE A 74 2.42 -1.91 -8.25
C ILE A 74 2.48 -1.43 -9.70
N GLU A 75 3.23 -0.37 -9.93
CA GLU A 75 3.38 0.17 -11.28
C GLU A 75 3.82 -0.92 -12.25
N GLY A 76 4.70 -1.81 -11.79
CA GLY A 76 5.17 -2.90 -12.64
C GLY A 76 4.13 -4.02 -12.72
N LEU A 77 3.21 -4.05 -11.75
CA LEU A 77 2.16 -5.07 -11.73
C LEU A 77 0.94 -4.58 -12.51
N LEU A 78 0.95 -3.30 -12.87
CA LEU A 78 -0.15 -2.70 -13.63
C LEU A 78 0.13 -2.74 -15.14
N GLU A 79 1.36 -3.09 -15.50
CA GLU A 79 1.74 -3.16 -16.92
C GLU A 79 0.94 -4.24 -17.61
N LYS A 80 0.92 -5.41 -17.01
CA LYS A 80 0.18 -6.53 -17.56
C LYS A 80 -1.19 -6.65 -16.91
N LYS A 81 -1.21 -6.51 -15.60
CA LYS A 81 -2.45 -6.59 -14.84
C LYS A 81 -3.27 -7.78 -15.30
N ALA A 82 -2.93 -8.95 -14.77
CA ALA A 82 -3.63 -10.18 -15.13
C ALA A 82 -5.05 -10.15 -14.61
N ALA A 1 7.20 6.41 -7.62
CA ALA A 1 5.82 6.11 -8.11
C ALA A 1 5.07 7.42 -8.34
N LYS A 2 3.85 7.31 -8.87
CA LYS A 2 3.04 8.48 -9.14
C LYS A 2 2.29 8.92 -7.89
N LYS A 3 2.03 10.21 -7.78
CA LYS A 3 1.34 10.75 -6.61
C LYS A 3 -0.05 10.14 -6.49
N GLU A 4 -0.73 9.97 -7.63
CA GLU A 4 -2.07 9.41 -7.63
C GLU A 4 -2.06 8.01 -7.01
N THR A 5 -1.10 7.19 -7.42
CA THR A 5 -1.00 5.84 -6.91
C THR A 5 -0.60 5.86 -5.42
N ILE A 6 0.32 6.76 -5.08
CA ILE A 6 0.79 6.88 -3.70
C ILE A 6 -0.37 7.25 -2.78
N ASP A 7 -1.17 8.21 -3.21
CA ASP A 7 -2.31 8.66 -2.41
C ASP A 7 -3.31 7.53 -2.25
N LYS A 8 -3.44 6.71 -3.28
CA LYS A 8 -4.37 5.58 -3.23
C LYS A 8 -3.90 4.53 -2.24
N VAL A 9 -2.62 4.17 -2.32
CA VAL A 9 -2.06 3.16 -1.43
C VAL A 9 -2.18 3.61 0.02
N SER A 10 -1.78 4.84 0.29
CA SER A 10 -1.85 5.38 1.64
C SER A 10 -3.30 5.42 2.13
N ASP A 11 -4.20 5.85 1.25
CA ASP A 11 -5.62 5.95 1.60
C ASP A 11 -6.08 4.66 2.26
N ILE A 12 -5.70 3.53 1.69
CA ILE A 12 -6.10 2.25 2.24
C ILE A 12 -5.69 2.15 3.70
N VAL A 13 -4.44 2.48 3.99
CA VAL A 13 -3.93 2.40 5.35
C VAL A 13 -4.69 3.36 6.26
N LYS A 14 -4.94 4.56 5.77
CA LYS A 14 -5.66 5.56 6.55
C LYS A 14 -7.08 5.11 6.84
N GLU A 15 -7.67 4.37 5.91
CA GLU A 15 -9.04 3.88 6.08
C GLU A 15 -9.10 2.76 7.08
N LYS A 16 -7.97 2.11 7.32
CA LYS A 16 -7.91 1.00 8.26
C LYS A 16 -8.28 1.47 9.65
N LEU A 17 -7.90 2.70 9.98
CA LEU A 17 -8.19 3.25 11.29
C LEU A 17 -9.18 4.41 11.16
N ALA A 18 -9.59 4.70 9.93
CA ALA A 18 -10.53 5.77 9.68
C ALA A 18 -9.84 7.13 9.68
N LEU A 19 -8.79 7.25 8.88
CA LEU A 19 -8.05 8.51 8.78
C LEU A 19 -8.23 9.13 7.41
N GLY A 20 -7.40 10.14 7.10
CA GLY A 20 -7.47 10.80 5.82
C GLY A 20 -8.29 12.08 5.90
N ALA A 21 -8.75 12.39 7.12
CA ALA A 21 -9.55 13.60 7.33
C ALA A 21 -8.65 14.80 7.54
N ASP A 22 -8.13 14.94 8.76
CA ASP A 22 -7.25 16.06 9.09
C ASP A 22 -5.80 15.61 9.12
N VAL A 23 -5.58 14.33 8.82
CA VAL A 23 -4.23 13.77 8.82
C VAL A 23 -3.61 13.88 7.43
N VAL A 24 -2.37 14.35 7.37
CA VAL A 24 -1.67 14.50 6.10
C VAL A 24 -1.23 13.14 5.57
N VAL A 25 -1.05 13.05 4.25
CA VAL A 25 -0.63 11.81 3.63
C VAL A 25 0.78 11.94 3.09
N THR A 26 1.64 10.98 3.44
CA THR A 26 3.02 11.00 2.98
C THR A 26 3.42 9.65 2.40
N ALA A 27 4.39 9.65 1.49
CA ALA A 27 4.85 8.42 0.87
C ALA A 27 5.97 7.79 1.69
N ASP A 28 6.79 8.62 2.29
CA ASP A 28 7.91 8.14 3.09
C ASP A 28 7.43 7.60 4.43
N SER A 29 6.14 7.77 4.68
CA SER A 29 5.56 7.30 5.94
C SER A 29 5.31 5.79 5.88
N GLU A 30 6.22 5.02 6.44
CA GLU A 30 6.09 3.56 6.44
C GLU A 30 4.64 3.15 6.72
N PHE A 31 4.27 1.96 6.26
CA PHE A 31 2.92 1.47 6.47
C PHE A 31 2.58 1.44 7.96
N SER A 32 3.54 1.00 8.76
CA SER A 32 3.33 0.92 10.21
C SER A 32 4.57 1.41 10.95
N LYS A 33 4.73 2.74 11.02
CA LYS A 33 5.87 3.32 11.71
C LYS A 33 5.84 2.97 13.18
N LEU A 34 4.66 3.05 13.79
CA LEU A 34 4.53 2.74 15.20
C LEU A 34 4.87 1.27 15.47
N GLY A 35 4.41 0.39 14.59
CA GLY A 35 4.68 -1.03 14.73
C GLY A 35 3.64 -1.87 14.00
N ALA A 36 4.09 -2.67 13.05
CA ALA A 36 3.18 -3.52 12.29
C ALA A 36 2.63 -4.64 13.16
N ASP A 37 1.35 -4.96 12.98
CA ASP A 37 0.71 -6.02 13.74
C ASP A 37 0.95 -7.38 13.09
N SER A 38 0.57 -8.44 13.78
CA SER A 38 0.74 -9.78 13.26
C SER A 38 -0.05 -9.97 11.98
N LEU A 39 -1.31 -9.54 11.99
CA LEU A 39 -2.17 -9.67 10.82
C LEU A 39 -2.52 -8.31 10.25
N ASP A 40 -2.20 -8.11 8.97
CA ASP A 40 -2.49 -6.84 8.31
C ASP A 40 -2.09 -6.90 6.84
N THR A 41 -1.04 -7.65 6.54
CA THR A 41 -0.57 -7.79 5.18
C THR A 41 -1.65 -8.38 4.28
N VAL A 42 -2.32 -9.41 4.79
CA VAL A 42 -3.38 -10.06 4.03
C VAL A 42 -4.51 -9.09 3.74
N GLU A 43 -4.88 -8.30 4.74
CA GLU A 43 -5.95 -7.33 4.57
C GLU A 43 -5.48 -6.13 3.75
N ILE A 44 -4.28 -5.65 4.06
CA ILE A 44 -3.74 -4.50 3.37
C ILE A 44 -3.48 -4.80 1.90
N VAL A 45 -2.84 -5.94 1.66
CA VAL A 45 -2.53 -6.33 0.29
C VAL A 45 -3.80 -6.54 -0.53
N MET A 46 -4.78 -7.21 0.08
CA MET A 46 -6.03 -7.48 -0.60
C MET A 46 -6.74 -6.18 -0.96
N ASN A 47 -6.67 -5.21 -0.05
CA ASN A 47 -7.30 -3.92 -0.30
C ASN A 47 -6.71 -3.23 -1.53
N LEU A 48 -5.38 -3.20 -1.57
CA LEU A 48 -4.69 -2.58 -2.71
C LEU A 48 -4.96 -3.35 -4.00
N GLU A 49 -4.83 -4.67 -3.91
CA GLU A 49 -5.07 -5.51 -5.08
C GLU A 49 -6.52 -5.41 -5.53
N GLU A 50 -7.43 -5.29 -4.57
CA GLU A 50 -8.85 -5.18 -4.89
C GLU A 50 -9.16 -3.81 -5.50
N GLU A 51 -8.57 -2.77 -4.93
CA GLU A 51 -8.80 -1.42 -5.41
C GLU A 51 -8.23 -1.24 -6.81
N PHE A 52 -6.94 -1.51 -6.95
CA PHE A 52 -6.28 -1.38 -8.24
C PHE A 52 -6.77 -2.43 -9.22
N GLY A 53 -7.23 -3.56 -8.68
CA GLY A 53 -7.72 -4.66 -9.53
C GLY A 53 -6.56 -5.36 -10.20
N ILE A 54 -5.51 -5.65 -9.44
CA ILE A 54 -4.32 -6.30 -9.98
C ILE A 54 -4.09 -7.64 -9.31
N ASN A 55 -2.87 -8.17 -9.46
CA ASN A 55 -2.53 -9.46 -8.85
C ASN A 55 -1.28 -9.32 -8.00
N VAL A 56 -1.37 -9.74 -6.75
CA VAL A 56 -0.24 -9.66 -5.84
C VAL A 56 0.01 -10.99 -5.15
N ASP A 57 1.27 -11.40 -5.09
CA ASP A 57 1.63 -12.67 -4.46
C ASP A 57 2.36 -12.42 -3.15
N GLU A 58 2.27 -13.38 -2.23
CA GLU A 58 2.94 -13.25 -0.94
C GLU A 58 4.43 -13.02 -1.12
N ASP A 59 4.99 -13.58 -2.18
CA ASP A 59 6.42 -13.42 -2.45
C ASP A 59 6.75 -11.96 -2.69
N LYS A 60 5.81 -11.23 -3.29
CA LYS A 60 6.03 -9.82 -3.58
C LYS A 60 5.50 -8.95 -2.45
N ALA A 61 4.56 -9.49 -1.68
CA ALA A 61 3.96 -8.75 -0.57
C ALA A 61 4.39 -9.33 0.76
N GLN A 62 5.69 -9.58 0.90
CA GLN A 62 6.23 -10.15 2.13
C GLN A 62 7.22 -9.18 2.77
N ASP A 63 7.85 -8.35 1.95
CA ASP A 63 8.84 -7.40 2.44
C ASP A 63 8.85 -6.15 1.58
N ILE A 64 7.71 -5.46 1.52
CA ILE A 64 7.60 -4.23 0.74
C ILE A 64 7.98 -3.02 1.59
N SER A 65 8.87 -2.19 1.07
CA SER A 65 9.31 -1.00 1.77
C SER A 65 8.11 -0.08 2.06
N THR A 66 8.41 1.14 2.51
CA THR A 66 7.36 2.10 2.82
C THR A 66 6.38 2.22 1.65
N ILE A 67 5.47 3.18 1.75
CA ILE A 67 4.48 3.39 0.70
C ILE A 67 5.15 3.74 -0.62
N GLN A 68 6.36 4.27 -0.54
CA GLN A 68 7.09 4.66 -1.73
C GLN A 68 7.30 3.48 -2.66
N GLN A 69 7.86 2.40 -2.12
CA GLN A 69 8.11 1.22 -2.93
C GLN A 69 6.81 0.53 -3.32
N ALA A 70 5.86 0.50 -2.39
CA ALA A 70 4.58 -0.13 -2.65
C ALA A 70 3.91 0.48 -3.88
N ALA A 71 3.87 1.80 -3.94
CA ALA A 71 3.26 2.48 -5.07
C ALA A 71 3.99 2.15 -6.35
N ASP A 72 5.32 2.12 -6.28
CA ASP A 72 6.13 1.82 -7.46
C ASP A 72 5.88 0.39 -7.92
N VAL A 73 5.77 -0.53 -6.98
CA VAL A 73 5.54 -1.93 -7.29
C VAL A 73 4.18 -2.11 -7.98
N ILE A 74 3.17 -1.44 -7.44
CA ILE A 74 1.83 -1.54 -8.01
C ILE A 74 1.81 -1.03 -9.45
N GLU A 75 2.48 0.09 -9.67
CA GLU A 75 2.53 0.68 -11.00
C GLU A 75 2.87 -0.38 -12.04
N GLY A 76 3.88 -1.20 -11.74
CA GLY A 76 4.29 -2.26 -12.66
C GLY A 76 3.18 -3.28 -12.85
N LEU A 77 2.52 -3.63 -11.75
CA LEU A 77 1.43 -4.60 -11.81
C LEU A 77 0.28 -4.08 -12.66
N LEU A 78 -0.02 -2.80 -12.52
CA LEU A 78 -1.09 -2.17 -13.27
C LEU A 78 -0.83 -2.29 -14.77
N GLU A 79 0.44 -2.16 -15.16
CA GLU A 79 0.81 -2.24 -16.56
C GLU A 79 0.64 -3.68 -17.07
N LYS A 80 1.35 -4.61 -16.45
CA LYS A 80 1.27 -6.01 -16.87
C LYS A 80 2.02 -6.90 -15.87
N LYS A 81 2.92 -6.29 -15.10
CA LYS A 81 3.69 -7.04 -14.12
C LYS A 81 4.52 -6.10 -13.26
N ALA A 82 4.79 -6.52 -12.02
CA ALA A 82 5.58 -5.71 -11.10
C ALA A 82 6.85 -5.21 -11.78
N ALA A 1 7.78 6.03 -8.13
CA ALA A 1 6.36 5.77 -8.50
C ALA A 1 5.64 7.10 -8.68
N LYS A 2 4.48 7.05 -9.31
CA LYS A 2 3.68 8.25 -9.54
C LYS A 2 2.95 8.66 -8.27
N LYS A 3 2.71 9.95 -8.12
CA LYS A 3 2.02 10.46 -6.93
C LYS A 3 0.62 9.88 -6.83
N GLU A 4 -0.05 9.75 -7.97
CA GLU A 4 -1.40 9.21 -7.98
C GLU A 4 -1.44 7.83 -7.36
N THR A 5 -0.49 6.98 -7.74
CA THR A 5 -0.43 5.61 -7.23
C THR A 5 -0.04 5.62 -5.76
N ILE A 6 0.94 6.46 -5.42
CA ILE A 6 1.41 6.54 -4.05
C ILE A 6 0.27 6.97 -3.12
N ASP A 7 -0.51 7.96 -3.54
CA ASP A 7 -1.61 8.44 -2.72
C ASP A 7 -2.63 7.32 -2.51
N LYS A 8 -2.83 6.51 -3.54
CA LYS A 8 -3.77 5.40 -3.45
C LYS A 8 -3.30 4.37 -2.43
N VAL A 9 -2.03 4.02 -2.50
CA VAL A 9 -1.48 3.03 -1.58
C VAL A 9 -1.62 3.51 -0.14
N SER A 10 -1.25 4.75 0.10
CA SER A 10 -1.34 5.31 1.43
C SER A 10 -2.80 5.37 1.89
N ASP A 11 -3.69 5.71 0.96
CA ASP A 11 -5.11 5.82 1.27
C ASP A 11 -5.62 4.54 1.90
N ILE A 12 -5.19 3.41 1.36
CA ILE A 12 -5.63 2.13 1.89
C ILE A 12 -5.31 2.06 3.38
N VAL A 13 -4.12 2.46 3.75
CA VAL A 13 -3.73 2.41 5.14
C VAL A 13 -4.59 3.34 5.97
N LYS A 14 -4.77 4.57 5.49
CA LYS A 14 -5.56 5.54 6.22
C LYS A 14 -7.01 5.11 6.30
N GLU A 15 -7.52 4.57 5.19
CA GLU A 15 -8.91 4.12 5.12
C GLU A 15 -9.17 2.98 6.07
N LYS A 16 -8.17 2.16 6.29
CA LYS A 16 -8.31 1.01 7.18
C LYS A 16 -8.68 1.45 8.58
N LEU A 17 -8.07 2.55 9.03
CA LEU A 17 -8.32 3.07 10.38
C LEU A 17 -9.23 4.28 10.31
N ALA A 18 -9.62 4.65 9.09
CA ALA A 18 -10.50 5.79 8.91
C ALA A 18 -9.76 7.12 9.11
N LEU A 19 -8.69 7.32 8.35
CA LEU A 19 -7.90 8.54 8.45
C LEU A 19 -7.96 9.30 7.12
N GLY A 20 -7.06 10.26 6.97
CA GLY A 20 -7.01 11.08 5.75
C GLY A 20 -7.72 12.40 5.97
N ALA A 21 -8.13 12.67 7.21
CA ALA A 21 -8.82 13.91 7.52
C ALA A 21 -7.82 15.05 7.68
N ASP A 22 -7.21 15.14 8.87
CA ASP A 22 -6.22 16.18 9.15
C ASP A 22 -4.84 15.57 9.35
N VAL A 23 -4.72 14.28 9.07
CA VAL A 23 -3.45 13.59 9.23
C VAL A 23 -2.61 13.71 7.96
N VAL A 24 -1.34 14.08 8.13
CA VAL A 24 -0.44 14.23 7.00
C VAL A 24 -0.04 12.87 6.46
N VAL A 25 -0.09 12.71 5.14
CA VAL A 25 0.26 11.46 4.48
C VAL A 25 1.59 11.59 3.75
N THR A 26 2.50 10.65 4.01
CA THR A 26 3.82 10.66 3.36
C THR A 26 4.14 9.27 2.80
N ALA A 27 4.85 9.25 1.69
CA ALA A 27 5.23 8.01 1.05
C ALA A 27 6.29 7.28 1.87
N ASP A 28 7.21 8.05 2.41
CA ASP A 28 8.28 7.47 3.22
C ASP A 28 7.80 7.21 4.64
N SER A 29 6.48 7.18 4.81
CA SER A 29 5.91 6.96 6.13
C SER A 29 6.15 5.53 6.62
N GLU A 30 6.71 4.71 5.74
CA GLU A 30 7.00 3.33 6.09
C GLU A 30 5.73 2.61 6.51
N PHE A 31 4.64 2.84 5.77
CA PHE A 31 3.37 2.20 6.07
C PHE A 31 3.03 2.40 7.55
N SER A 32 3.55 1.51 8.40
CA SER A 32 3.29 1.59 9.83
C SER A 32 4.44 0.98 10.61
N LYS A 33 4.44 1.21 11.93
CA LYS A 33 5.49 0.67 12.78
C LYS A 33 5.45 -0.85 12.80
N LEU A 34 6.62 -1.48 12.89
CA LEU A 34 6.69 -2.94 12.91
C LEU A 34 6.08 -3.48 14.19
N GLY A 35 5.40 -4.61 14.08
CA GLY A 35 4.76 -5.24 15.24
C GLY A 35 4.77 -6.76 15.10
N ALA A 36 5.35 -7.44 16.09
CA ALA A 36 5.42 -8.88 16.08
C ALA A 36 4.07 -9.49 16.47
N ASP A 37 3.18 -8.65 16.99
CA ASP A 37 1.87 -9.12 17.42
C ASP A 37 1.09 -9.70 16.24
N SER A 38 1.09 -8.97 15.13
CA SER A 38 0.39 -9.43 13.93
C SER A 38 0.91 -8.71 12.70
N LEU A 39 0.70 -9.30 11.53
CA LEU A 39 1.15 -8.71 10.26
C LEU A 39 -0.04 -8.25 9.43
N ASP A 40 0.02 -7.02 8.95
CA ASP A 40 -1.06 -6.45 8.14
C ASP A 40 -0.74 -6.59 6.65
N THR A 41 0.34 -7.33 6.35
CA THR A 41 0.75 -7.53 4.97
C THR A 41 -0.36 -8.20 4.17
N VAL A 42 -0.97 -9.22 4.77
CA VAL A 42 -2.06 -9.94 4.12
C VAL A 42 -3.25 -9.01 3.89
N GLU A 43 -3.55 -8.19 4.89
CA GLU A 43 -4.67 -7.26 4.78
C GLU A 43 -4.33 -6.14 3.82
N ILE A 44 -3.13 -5.59 3.94
CA ILE A 44 -2.71 -4.48 3.08
C ILE A 44 -2.57 -4.92 1.64
N VAL A 45 -1.86 -6.01 1.42
CA VAL A 45 -1.65 -6.49 0.06
C VAL A 45 -2.99 -6.76 -0.62
N MET A 46 -3.91 -7.36 0.13
CA MET A 46 -5.22 -7.67 -0.41
C MET A 46 -5.96 -6.40 -0.79
N ASN A 47 -5.85 -5.37 0.05
CA ASN A 47 -6.51 -4.10 -0.23
C ASN A 47 -5.99 -3.48 -1.52
N LEU A 48 -4.67 -3.45 -1.66
CA LEU A 48 -4.06 -2.87 -2.85
C LEU A 48 -4.36 -3.74 -4.07
N GLU A 49 -4.22 -5.05 -3.90
CA GLU A 49 -4.49 -5.97 -4.99
C GLU A 49 -5.95 -5.90 -5.39
N GLU A 50 -6.82 -5.72 -4.41
CA GLU A 50 -8.26 -5.63 -4.66
C GLU A 50 -8.60 -4.27 -5.27
N GLU A 51 -8.03 -3.21 -4.72
CA GLU A 51 -8.31 -1.86 -5.20
C GLU A 51 -7.79 -1.69 -6.63
N PHE A 52 -6.48 -1.90 -6.80
CA PHE A 52 -5.87 -1.77 -8.11
C PHE A 52 -6.40 -2.84 -9.06
N GLY A 53 -6.67 -4.02 -8.52
CA GLY A 53 -7.19 -5.12 -9.34
C GLY A 53 -6.06 -5.89 -9.99
N ILE A 54 -4.90 -5.91 -9.34
CA ILE A 54 -3.73 -6.63 -9.86
C ILE A 54 -3.59 -7.97 -9.17
N ASN A 55 -2.38 -8.55 -9.24
CA ASN A 55 -2.11 -9.85 -8.62
C ASN A 55 -0.75 -9.83 -7.95
N VAL A 56 -0.74 -9.51 -6.65
CA VAL A 56 0.51 -9.46 -5.89
C VAL A 56 0.85 -10.84 -5.36
N ASP A 57 2.09 -11.27 -5.62
CA ASP A 57 2.55 -12.58 -5.14
C ASP A 57 3.17 -12.45 -3.76
N GLU A 58 3.03 -13.49 -2.96
CA GLU A 58 3.58 -13.50 -1.61
C GLU A 58 5.08 -13.22 -1.66
N ASP A 59 5.66 -13.37 -2.85
CA ASP A 59 7.11 -13.14 -3.02
C ASP A 59 7.37 -11.65 -3.22
N LYS A 60 6.36 -10.94 -3.71
CA LYS A 60 6.49 -9.51 -3.94
C LYS A 60 5.97 -8.72 -2.75
N ALA A 61 5.34 -9.40 -1.82
CA ALA A 61 4.80 -8.74 -0.64
C ALA A 61 5.37 -9.36 0.63
N GLN A 62 6.67 -9.62 0.61
CA GLN A 62 7.35 -10.21 1.78
C GLN A 62 8.41 -9.26 2.33
N ASP A 63 9.07 -8.53 1.42
CA ASP A 63 10.11 -7.59 1.82
C ASP A 63 9.98 -6.28 1.06
N ILE A 64 8.77 -5.73 1.05
CA ILE A 64 8.52 -4.46 0.37
C ILE A 64 8.81 -3.29 1.29
N SER A 65 9.59 -2.34 0.77
CA SER A 65 9.96 -1.17 1.54
C SER A 65 8.71 -0.30 1.78
N THR A 66 8.92 0.90 2.27
CA THR A 66 7.84 1.82 2.54
C THR A 66 6.90 1.92 1.35
N ILE A 67 5.96 2.85 1.41
CA ILE A 67 5.01 3.02 0.32
C ILE A 67 5.73 3.28 -1.00
N GLN A 68 6.76 4.12 -0.95
CA GLN A 68 7.52 4.45 -2.15
C GLN A 68 7.78 3.19 -2.98
N GLN A 69 8.35 2.16 -2.35
CA GLN A 69 8.63 0.93 -3.05
C GLN A 69 7.33 0.23 -3.46
N ALA A 70 6.36 0.24 -2.57
CA ALA A 70 5.09 -0.42 -2.85
C ALA A 70 4.43 0.19 -4.09
N ALA A 71 4.42 1.51 -4.14
CA ALA A 71 3.83 2.21 -5.27
C ALA A 71 4.51 1.79 -6.57
N ASP A 72 5.84 1.76 -6.55
CA ASP A 72 6.60 1.39 -7.73
C ASP A 72 6.29 -0.05 -8.13
N VAL A 73 6.18 -0.93 -7.13
CA VAL A 73 5.89 -2.33 -7.41
C VAL A 73 4.53 -2.46 -8.07
N ILE A 74 3.55 -1.73 -7.55
CA ILE A 74 2.20 -1.80 -8.09
C ILE A 74 2.18 -1.33 -9.53
N GLU A 75 2.90 -0.25 -9.81
CA GLU A 75 2.95 0.28 -11.16
C GLU A 75 3.31 -0.82 -12.15
N GLY A 76 4.26 -1.68 -11.78
CA GLY A 76 4.67 -2.77 -12.64
C GLY A 76 3.62 -3.85 -12.69
N LEU A 77 2.79 -3.93 -11.65
CA LEU A 77 1.74 -4.93 -11.60
C LEU A 77 0.48 -4.44 -12.29
N LEU A 78 0.50 -3.18 -12.69
CA LEU A 78 -0.66 -2.59 -13.38
C LEU A 78 -0.48 -2.67 -14.89
N GLU A 79 0.70 -3.06 -15.31
CA GLU A 79 1.01 -3.14 -16.74
C GLU A 79 0.12 -4.16 -17.43
N LYS A 80 0.16 -5.37 -16.92
CA LYS A 80 -0.66 -6.43 -17.51
C LYS A 80 -2.14 -6.07 -17.45
N LYS A 81 -2.54 -5.47 -16.33
CA LYS A 81 -3.94 -5.10 -16.11
C LYS A 81 -4.05 -3.75 -15.44
N ALA A 82 -4.79 -2.84 -16.05
CA ALA A 82 -4.96 -1.50 -15.50
C ALA A 82 -5.73 -1.56 -14.18
N ALA A 1 7.55 6.17 -7.75
CA ALA A 1 6.19 5.91 -8.28
C ALA A 1 5.50 7.24 -8.58
N LYS A 2 4.25 7.17 -9.04
CA LYS A 2 3.49 8.37 -9.35
C LYS A 2 2.71 8.85 -8.13
N LYS A 3 2.47 10.16 -8.07
CA LYS A 3 1.76 10.74 -6.94
C LYS A 3 0.35 10.15 -6.83
N GLU A 4 -0.30 9.98 -7.97
CA GLU A 4 -1.65 9.42 -7.99
C GLU A 4 -1.68 8.04 -7.32
N THR A 5 -0.71 7.20 -7.68
CA THR A 5 -0.64 5.86 -7.12
C THR A 5 -0.26 5.92 -5.65
N ILE A 6 0.70 6.79 -5.33
CA ILE A 6 1.14 6.94 -3.94
C ILE A 6 -0.01 7.35 -3.04
N ASP A 7 -0.79 8.32 -3.50
CA ASP A 7 -1.93 8.79 -2.71
C ASP A 7 -2.94 7.67 -2.52
N LYS A 8 -3.12 6.86 -3.56
CA LYS A 8 -4.05 5.75 -3.49
C LYS A 8 -3.59 4.71 -2.50
N VAL A 9 -2.31 4.35 -2.58
CA VAL A 9 -1.74 3.34 -1.69
C VAL A 9 -1.82 3.81 -0.24
N SER A 10 -1.43 5.06 -0.02
CA SER A 10 -1.44 5.61 1.34
C SER A 10 -2.85 5.59 1.91
N ASP A 11 -3.83 5.95 1.10
CA ASP A 11 -5.21 5.98 1.55
C ASP A 11 -5.62 4.64 2.15
N ILE A 12 -5.26 3.57 1.49
CA ILE A 12 -5.60 2.25 1.98
C ILE A 12 -5.13 2.08 3.41
N VAL A 13 -3.93 2.52 3.70
CA VAL A 13 -3.36 2.37 5.03
C VAL A 13 -4.18 3.15 6.04
N LYS A 14 -4.50 4.40 5.69
CA LYS A 14 -5.27 5.26 6.58
C LYS A 14 -6.67 4.68 6.83
N GLU A 15 -7.24 4.09 5.78
CA GLU A 15 -8.57 3.51 5.89
C GLU A 15 -8.63 2.51 7.04
N LYS A 16 -7.51 1.86 7.30
CA LYS A 16 -7.45 0.88 8.38
C LYS A 16 -7.78 1.53 9.72
N LEU A 17 -7.09 2.62 10.01
CA LEU A 17 -7.31 3.35 11.25
C LEU A 17 -8.45 4.31 11.09
N ALA A 18 -9.07 4.28 9.93
CA ALA A 18 -10.18 5.19 9.64
C ALA A 18 -9.67 6.61 9.56
N LEU A 19 -8.44 6.77 9.07
CA LEU A 19 -7.84 8.11 8.98
C LEU A 19 -8.09 8.73 7.61
N GLY A 20 -7.34 9.77 7.29
CA GLY A 20 -7.47 10.43 6.00
C GLY A 20 -8.33 11.69 6.13
N ALA A 21 -8.59 12.10 7.38
CA ALA A 21 -9.39 13.29 7.62
C ALA A 21 -8.53 14.54 7.56
N ASP A 22 -7.85 14.85 8.66
CA ASP A 22 -6.99 16.02 8.73
C ASP A 22 -5.54 15.62 8.97
N VAL A 23 -5.25 14.33 8.78
CA VAL A 23 -3.90 13.82 9.00
C VAL A 23 -3.07 13.93 7.73
N VAL A 24 -1.84 14.43 7.88
CA VAL A 24 -0.94 14.60 6.74
C VAL A 24 -0.53 13.23 6.21
N VAL A 25 -0.50 13.10 4.88
CA VAL A 25 -0.12 11.84 4.24
C VAL A 25 1.12 12.03 3.38
N THR A 26 2.11 11.18 3.57
CA THR A 26 3.35 11.24 2.79
C THR A 26 3.73 9.85 2.29
N ALA A 27 4.60 9.82 1.28
CA ALA A 27 5.05 8.56 0.72
C ALA A 27 6.01 7.85 1.67
N ASP A 28 7.09 8.53 2.02
CA ASP A 28 8.09 7.95 2.91
C ASP A 28 7.55 7.87 4.33
N SER A 29 6.24 7.96 4.47
CA SER A 29 5.61 7.91 5.78
C SER A 29 5.64 6.50 6.35
N GLU A 30 5.97 5.53 5.50
CA GLU A 30 6.03 4.14 5.93
C GLU A 30 4.67 3.68 6.43
N PHE A 31 4.04 2.79 5.66
CA PHE A 31 2.72 2.28 6.03
C PHE A 31 2.76 1.66 7.41
N SER A 32 1.73 0.88 7.73
CA SER A 32 1.64 0.23 9.04
C SER A 32 2.87 -0.63 9.30
N LYS A 33 3.50 -0.42 10.45
CA LYS A 33 4.68 -1.19 10.81
C LYS A 33 4.74 -1.40 12.32
N LEU A 34 5.43 -2.46 12.74
CA LEU A 34 5.55 -2.77 14.16
C LEU A 34 4.22 -2.54 14.88
N GLY A 35 4.29 -1.85 16.01
CA GLY A 35 3.08 -1.56 16.79
C GLY A 35 2.42 -2.85 17.26
N ALA A 36 1.10 -2.92 17.14
CA ALA A 36 0.36 -4.09 17.56
C ALA A 36 0.74 -5.29 16.70
N ASP A 37 0.78 -6.47 17.32
CA ASP A 37 1.14 -7.69 16.61
C ASP A 37 -0.07 -8.25 15.89
N SER A 38 -0.08 -8.14 14.56
CA SER A 38 -1.19 -8.65 13.76
C SER A 38 -0.77 -8.78 12.30
N LEU A 39 -1.48 -9.63 11.57
CA LEU A 39 -1.18 -9.83 10.16
C LEU A 39 -2.06 -8.95 9.28
N ASP A 40 -1.64 -7.71 9.07
CA ASP A 40 -2.40 -6.77 8.25
C ASP A 40 -1.91 -6.81 6.81
N THR A 41 -0.89 -7.63 6.55
CA THR A 41 -0.35 -7.75 5.21
C THR A 41 -1.40 -8.29 4.25
N VAL A 42 -2.15 -9.30 4.71
CA VAL A 42 -3.19 -9.90 3.88
C VAL A 42 -4.29 -8.90 3.57
N GLU A 43 -4.66 -8.11 4.56
CA GLU A 43 -5.71 -7.11 4.38
C GLU A 43 -5.20 -5.95 3.54
N ILE A 44 -3.98 -5.52 3.81
CA ILE A 44 -3.40 -4.40 3.08
C ILE A 44 -3.20 -4.72 1.61
N VAL A 45 -2.58 -5.87 1.36
CA VAL A 45 -2.30 -6.28 -0.01
C VAL A 45 -3.58 -6.42 -0.81
N MET A 46 -4.58 -7.05 -0.21
CA MET A 46 -5.84 -7.26 -0.88
C MET A 46 -6.52 -5.93 -1.20
N ASN A 47 -6.42 -4.99 -0.27
CA ASN A 47 -7.03 -3.69 -0.48
C ASN A 47 -6.42 -3.01 -1.70
N LEU A 48 -5.10 -3.04 -1.80
CA LEU A 48 -4.41 -2.44 -2.94
C LEU A 48 -4.67 -3.24 -4.21
N GLU A 49 -4.53 -4.56 -4.09
CA GLU A 49 -4.76 -5.45 -5.23
C GLU A 49 -6.20 -5.32 -5.70
N GLU A 50 -7.12 -5.25 -4.75
CA GLU A 50 -8.54 -5.11 -5.08
C GLU A 50 -8.82 -3.75 -5.69
N GLU A 51 -8.18 -2.71 -5.13
CA GLU A 51 -8.36 -1.35 -5.63
C GLU A 51 -7.80 -1.21 -7.03
N PHE A 52 -6.51 -1.53 -7.19
CA PHE A 52 -5.86 -1.42 -8.48
C PHE A 52 -6.30 -2.56 -9.40
N GLY A 53 -7.08 -3.49 -8.86
CA GLY A 53 -7.56 -4.62 -9.64
C GLY A 53 -6.42 -5.33 -10.34
N ILE A 54 -5.34 -5.59 -9.59
CA ILE A 54 -4.17 -6.26 -10.16
C ILE A 54 -3.96 -7.60 -9.48
N ASN A 55 -2.79 -8.19 -9.70
CA ASN A 55 -2.47 -9.49 -9.11
C ASN A 55 -1.20 -9.38 -8.26
N VAL A 56 -1.30 -9.79 -7.00
CA VAL A 56 -0.16 -9.73 -6.09
C VAL A 56 0.07 -11.09 -5.44
N ASP A 57 1.28 -11.29 -4.94
CA ASP A 57 1.64 -12.56 -4.29
C ASP A 57 2.27 -12.30 -2.92
N GLU A 58 2.37 -13.35 -2.13
CA GLU A 58 2.94 -13.22 -0.79
C GLU A 58 4.42 -12.87 -0.88
N ASP A 59 5.08 -13.38 -1.90
CA ASP A 59 6.51 -13.11 -2.10
C ASP A 59 6.73 -11.63 -2.38
N LYS A 60 5.72 -10.99 -2.94
CA LYS A 60 5.82 -9.56 -3.27
C LYS A 60 5.49 -8.71 -2.05
N ALA A 61 4.60 -9.22 -1.21
CA ALA A 61 4.18 -8.48 -0.01
C ALA A 61 4.75 -9.13 1.25
N GLN A 62 6.05 -9.36 1.25
CA GLN A 62 6.72 -9.97 2.40
C GLN A 62 7.75 -9.00 2.99
N ASP A 63 8.30 -8.14 2.16
CA ASP A 63 9.29 -7.16 2.61
C ASP A 63 9.28 -5.93 1.72
N ILE A 64 8.12 -5.28 1.64
CA ILE A 64 7.99 -4.07 0.83
C ILE A 64 8.31 -2.83 1.65
N SER A 65 9.20 -2.00 1.11
CA SER A 65 9.59 -0.78 1.81
C SER A 65 8.42 0.16 1.93
N THR A 66 8.68 1.38 2.40
CA THR A 66 7.63 2.37 2.57
C THR A 66 6.72 2.43 1.33
N ILE A 67 5.82 3.40 1.31
CA ILE A 67 4.90 3.53 0.20
C ILE A 67 5.65 3.72 -1.11
N GLN A 68 6.69 4.55 -1.08
CA GLN A 68 7.48 4.81 -2.27
C GLN A 68 7.70 3.53 -3.07
N GLN A 69 8.22 2.50 -2.41
CA GLN A 69 8.47 1.23 -3.07
C GLN A 69 7.15 0.54 -3.41
N ALA A 70 6.22 0.56 -2.46
CA ALA A 70 4.93 -0.08 -2.66
C ALA A 70 4.25 0.46 -3.91
N ALA A 71 4.21 1.79 -4.02
CA ALA A 71 3.59 2.41 -5.18
C ALA A 71 4.34 2.07 -6.46
N ASP A 72 5.66 2.06 -6.38
CA ASP A 72 6.48 1.76 -7.55
C ASP A 72 6.26 0.30 -7.98
N VAL A 73 6.15 -0.59 -7.01
CA VAL A 73 5.95 -1.99 -7.31
C VAL A 73 4.60 -2.22 -7.99
N ILE A 74 3.58 -1.55 -7.48
CA ILE A 74 2.24 -1.68 -8.05
C ILE A 74 2.22 -1.20 -9.49
N GLU A 75 2.89 -0.08 -9.74
CA GLU A 75 2.93 0.48 -11.09
C GLU A 75 3.26 -0.61 -12.10
N GLY A 76 4.26 -1.41 -11.79
CA GLY A 76 4.68 -2.49 -12.68
C GLY A 76 3.56 -3.51 -12.85
N LEU A 77 2.87 -3.81 -11.75
CA LEU A 77 1.79 -4.78 -11.79
C LEU A 77 0.64 -4.28 -12.66
N LEU A 78 0.38 -2.99 -12.59
CA LEU A 78 -0.70 -2.40 -13.38
C LEU A 78 -0.44 -2.60 -14.85
N GLU A 79 0.82 -2.50 -15.26
CA GLU A 79 1.17 -2.67 -16.66
C GLU A 79 0.95 -4.12 -17.08
N LYS A 80 1.63 -5.03 -16.41
CA LYS A 80 1.53 -6.45 -16.74
C LYS A 80 2.24 -7.31 -15.70
N LYS A 81 3.17 -6.68 -14.97
CA LYS A 81 3.93 -7.39 -13.95
C LYS A 81 4.79 -6.43 -13.14
N ALA A 82 5.02 -6.77 -11.88
CA ALA A 82 5.83 -5.91 -11.01
C ALA A 82 7.14 -5.53 -11.72
N ALA A 1 7.06 5.88 -8.95
CA ALA A 1 5.60 5.57 -9.03
C ALA A 1 4.84 6.86 -9.32
N LYS A 2 3.58 6.71 -9.71
CA LYS A 2 2.74 7.87 -10.01
C LYS A 2 2.18 8.45 -8.72
N LYS A 3 2.03 9.77 -8.67
CA LYS A 3 1.50 10.43 -7.48
C LYS A 3 0.12 9.91 -7.14
N GLU A 4 -0.70 9.69 -8.15
CA GLU A 4 -2.05 9.19 -7.94
C GLU A 4 -2.01 7.81 -7.27
N THR A 5 -1.12 6.96 -7.77
CA THR A 5 -0.98 5.62 -7.23
C THR A 5 -0.44 5.67 -5.80
N ILE A 6 0.55 6.52 -5.60
CA ILE A 6 1.16 6.65 -4.28
C ILE A 6 0.12 7.09 -3.24
N ASP A 7 -0.67 8.08 -3.60
CA ASP A 7 -1.70 8.59 -2.69
C ASP A 7 -2.76 7.51 -2.45
N LYS A 8 -3.04 6.73 -3.49
CA LYS A 8 -4.03 5.67 -3.37
C LYS A 8 -3.58 4.61 -2.38
N VAL A 9 -2.32 4.22 -2.48
CA VAL A 9 -1.78 3.20 -1.59
C VAL A 9 -1.90 3.64 -0.14
N SER A 10 -1.54 4.89 0.12
CA SER A 10 -1.61 5.42 1.47
C SER A 10 -3.04 5.38 1.98
N ASP A 11 -4.00 5.73 1.11
CA ASP A 11 -5.41 5.76 1.48
C ASP A 11 -5.84 4.43 2.08
N ILE A 12 -5.45 3.34 1.44
CA ILE A 12 -5.82 2.02 1.92
C ILE A 12 -5.50 1.90 3.41
N VAL A 13 -4.32 2.33 3.80
CA VAL A 13 -3.93 2.23 5.20
C VAL A 13 -4.82 3.10 6.06
N LYS A 14 -5.05 4.33 5.62
CA LYS A 14 -5.89 5.27 6.36
C LYS A 14 -7.34 4.81 6.36
N GLU A 15 -7.79 4.34 5.22
CA GLU A 15 -9.17 3.88 5.08
C GLU A 15 -9.52 2.91 6.19
N LYS A 16 -8.55 2.11 6.58
CA LYS A 16 -8.77 1.13 7.63
C LYS A 16 -9.14 1.85 8.93
N LEU A 17 -8.41 2.93 9.24
CA LEU A 17 -8.66 3.69 10.46
C LEU A 17 -9.57 4.86 10.15
N ALA A 18 -9.95 5.00 8.89
CA ALA A 18 -10.82 6.09 8.48
C ALA A 18 -10.07 7.40 8.56
N LEU A 19 -8.76 7.34 8.37
CA LEU A 19 -7.93 8.54 8.42
C LEU A 19 -7.81 9.18 7.04
N GLY A 20 -6.91 10.14 6.92
CA GLY A 20 -6.71 10.85 5.66
C GLY A 20 -7.58 12.10 5.59
N ALA A 21 -8.42 12.29 6.61
CA ALA A 21 -9.29 13.46 6.66
C ALA A 21 -8.57 14.64 7.29
N ASP A 22 -8.40 14.59 8.61
CA ASP A 22 -7.72 15.66 9.34
C ASP A 22 -6.30 15.24 9.71
N VAL A 23 -5.79 14.21 9.01
CA VAL A 23 -4.44 13.71 9.28
C VAL A 23 -3.58 13.78 8.02
N VAL A 24 -2.35 14.26 8.17
CA VAL A 24 -1.44 14.39 7.05
C VAL A 24 -1.09 13.01 6.50
N VAL A 25 -1.00 12.91 5.17
CA VAL A 25 -0.68 11.63 4.53
C VAL A 25 0.63 11.74 3.75
N THR A 26 1.54 10.79 3.98
CA THR A 26 2.83 10.79 3.30
C THR A 26 3.19 9.38 2.87
N ALA A 27 3.96 9.28 1.79
CA ALA A 27 4.36 7.98 1.28
C ALA A 27 5.61 7.47 1.97
N ASP A 28 6.50 8.39 2.31
CA ASP A 28 7.74 8.03 2.97
C ASP A 28 7.52 7.83 4.47
N SER A 29 6.25 7.73 4.86
CA SER A 29 5.91 7.54 6.27
C SER A 29 5.78 6.06 6.60
N GLU A 30 6.20 5.21 5.68
CA GLU A 30 6.13 3.77 5.88
C GLU A 30 4.68 3.36 6.17
N PHE A 31 4.37 2.10 5.87
CA PHE A 31 3.02 1.59 6.11
C PHE A 31 2.67 1.64 7.59
N SER A 32 3.60 1.23 8.43
CA SER A 32 3.38 1.24 9.86
C SER A 32 4.71 1.25 10.61
N LYS A 33 4.66 1.65 11.88
CA LYS A 33 5.87 1.71 12.70
C LYS A 33 6.15 0.35 13.35
N LEU A 34 7.43 0.05 13.55
CA LEU A 34 7.82 -1.22 14.16
C LEU A 34 7.49 -1.22 15.65
N GLY A 35 6.99 -2.35 16.13
CA GLY A 35 6.63 -2.47 17.54
C GLY A 35 5.66 -3.62 17.76
N ALA A 36 5.12 -3.71 18.97
CA ALA A 36 4.18 -4.77 19.30
C ALA A 36 2.94 -4.68 18.42
N ASP A 37 2.52 -3.46 18.12
CA ASP A 37 1.34 -3.24 17.29
C ASP A 37 1.75 -3.08 15.83
N SER A 38 1.34 -4.04 14.99
CA SER A 38 1.66 -4.00 13.56
C SER A 38 0.44 -4.36 12.73
N LEU A 39 0.34 -3.75 11.56
CA LEU A 39 -0.78 -4.00 10.66
C LEU A 39 -0.58 -5.30 9.91
N ASP A 40 -1.68 -5.96 9.58
CA ASP A 40 -1.63 -7.23 8.85
C ASP A 40 -1.35 -6.99 7.36
N THR A 41 -0.27 -7.58 6.86
CA THR A 41 0.10 -7.42 5.47
C THR A 41 -0.99 -7.98 4.55
N VAL A 42 -1.60 -9.07 5.00
CA VAL A 42 -2.65 -9.71 4.22
C VAL A 42 -3.80 -8.74 3.97
N GLU A 43 -4.06 -7.88 4.95
CA GLU A 43 -5.13 -6.90 4.81
C GLU A 43 -4.74 -5.79 3.83
N ILE A 44 -3.54 -5.26 4.01
CA ILE A 44 -3.06 -4.18 3.15
C ILE A 44 -2.92 -4.65 1.70
N VAL A 45 -2.26 -5.77 1.50
CA VAL A 45 -2.04 -6.29 0.16
C VAL A 45 -3.39 -6.56 -0.53
N MET A 46 -4.28 -7.20 0.21
CA MET A 46 -5.59 -7.53 -0.35
C MET A 46 -6.36 -6.27 -0.73
N ASN A 47 -6.25 -5.24 0.10
CA ASN A 47 -6.94 -3.99 -0.16
C ASN A 47 -6.42 -3.35 -1.45
N LEU A 48 -5.10 -3.31 -1.59
CA LEU A 48 -4.50 -2.71 -2.78
C LEU A 48 -4.85 -3.52 -4.02
N GLU A 49 -4.75 -4.84 -3.92
CA GLU A 49 -5.05 -5.71 -5.04
C GLU A 49 -6.51 -5.55 -5.43
N GLU A 50 -7.36 -5.28 -4.45
CA GLU A 50 -8.79 -5.10 -4.71
C GLU A 50 -9.07 -3.71 -5.26
N GLU A 51 -8.47 -2.70 -4.64
CA GLU A 51 -8.69 -1.32 -5.09
C GLU A 51 -8.15 -1.13 -6.51
N PHE A 52 -6.92 -1.55 -6.73
CA PHE A 52 -6.30 -1.42 -8.04
C PHE A 52 -6.85 -2.47 -9.00
N GLY A 53 -7.38 -3.56 -8.43
CA GLY A 53 -7.93 -4.64 -9.25
C GLY A 53 -6.83 -5.36 -10.00
N ILE A 54 -5.69 -5.52 -9.35
CA ILE A 54 -4.54 -6.20 -9.96
C ILE A 54 -4.34 -7.58 -9.33
N ASN A 55 -3.15 -8.14 -9.55
CA ASN A 55 -2.82 -9.46 -9.00
C ASN A 55 -1.43 -9.44 -8.41
N VAL A 56 -1.37 -9.46 -7.07
CA VAL A 56 -0.08 -9.45 -6.38
C VAL A 56 0.06 -10.66 -5.46
N ASP A 57 1.20 -11.32 -5.54
CA ASP A 57 1.45 -12.50 -4.70
C ASP A 57 2.05 -12.09 -3.37
N GLU A 58 1.95 -12.98 -2.38
CA GLU A 58 2.49 -12.69 -1.05
C GLU A 58 4.00 -12.53 -1.11
N ASP A 59 4.64 -13.23 -2.05
CA ASP A 59 6.08 -13.16 -2.19
C ASP A 59 6.50 -11.77 -2.64
N LYS A 60 5.57 -11.04 -3.25
CA LYS A 60 5.86 -9.69 -3.73
C LYS A 60 5.48 -8.67 -2.67
N ALA A 61 4.61 -9.06 -1.74
CA ALA A 61 4.16 -8.17 -0.68
C ALA A 61 4.64 -8.68 0.68
N GLN A 62 5.90 -9.10 0.75
CA GLN A 62 6.48 -9.62 1.99
C GLN A 62 7.64 -8.74 2.46
N ASP A 63 8.40 -8.22 1.51
CA ASP A 63 9.56 -7.37 1.83
C ASP A 63 9.51 -6.06 1.04
N ILE A 64 8.33 -5.46 0.99
CA ILE A 64 8.15 -4.19 0.26
C ILE A 64 8.43 -3.02 1.19
N SER A 65 9.29 -2.13 0.73
CA SER A 65 9.65 -0.95 1.50
C SER A 65 8.40 -0.12 1.77
N THR A 66 8.60 1.10 2.26
CA THR A 66 7.50 2.00 2.57
C THR A 66 6.51 2.05 1.40
N ILE A 67 5.56 2.96 1.48
CA ILE A 67 4.56 3.11 0.43
C ILE A 67 5.23 3.45 -0.90
N GLN A 68 6.21 4.34 -0.86
CA GLN A 68 6.90 4.76 -2.07
C GLN A 68 7.18 3.56 -2.97
N GLN A 69 7.88 2.56 -2.43
CA GLN A 69 8.22 1.38 -3.21
C GLN A 69 6.96 0.61 -3.62
N ALA A 70 6.03 0.49 -2.68
CA ALA A 70 4.79 -0.24 -2.97
C ALA A 70 4.09 0.37 -4.18
N ALA A 71 4.09 1.69 -4.26
CA ALA A 71 3.45 2.37 -5.37
C ALA A 71 4.13 1.98 -6.69
N ASP A 72 5.46 1.90 -6.67
CA ASP A 72 6.19 1.55 -7.88
C ASP A 72 5.91 0.09 -8.28
N VAL A 73 5.87 -0.79 -7.28
CA VAL A 73 5.60 -2.20 -7.55
C VAL A 73 4.22 -2.39 -8.14
N ILE A 74 3.24 -1.70 -7.58
CA ILE A 74 1.87 -1.80 -8.06
C ILE A 74 1.77 -1.31 -9.50
N GLU A 75 2.41 -0.19 -9.78
CA GLU A 75 2.38 0.38 -11.13
C GLU A 75 2.69 -0.69 -12.17
N GLY A 76 3.67 -1.53 -11.86
CA GLY A 76 4.05 -2.60 -12.78
C GLY A 76 2.93 -3.62 -12.92
N LEU A 77 2.17 -3.80 -11.86
CA LEU A 77 1.06 -4.76 -11.87
C LEU A 77 -0.15 -4.16 -12.55
N LEU A 78 -0.10 -2.86 -12.82
CA LEU A 78 -1.20 -2.18 -13.48
C LEU A 78 -0.97 -2.12 -14.99
N GLU A 79 0.23 -2.45 -15.40
CA GLU A 79 0.57 -2.40 -16.82
C GLU A 79 -0.23 -3.44 -17.59
N LYS A 80 -0.13 -4.68 -17.17
CA LYS A 80 -0.82 -5.79 -17.85
C LYS A 80 -1.70 -6.57 -16.87
N LYS A 81 -1.35 -6.49 -15.60
CA LYS A 81 -2.10 -7.18 -14.55
C LYS A 81 -3.08 -6.25 -13.88
N ALA A 82 -3.90 -5.58 -14.69
CA ALA A 82 -4.89 -4.65 -14.17
C ALA A 82 -6.09 -5.39 -13.60
N ALA A 1 7.07 6.62 -7.29
CA ALA A 1 5.73 6.35 -7.85
C ALA A 1 5.00 7.67 -8.09
N LYS A 2 3.83 7.58 -8.74
CA LYS A 2 3.03 8.77 -9.02
C LYS A 2 2.27 9.19 -7.78
N LYS A 3 1.98 10.49 -7.69
CA LYS A 3 1.26 11.02 -6.55
C LYS A 3 -0.13 10.39 -6.45
N GLU A 4 -0.77 10.20 -7.59
CA GLU A 4 -2.10 9.61 -7.61
C GLU A 4 -2.10 8.24 -6.92
N THR A 5 -1.10 7.42 -7.26
CA THR A 5 -1.00 6.09 -6.68
C THR A 5 -0.63 6.17 -5.20
N ILE A 6 0.31 7.07 -4.88
CA ILE A 6 0.75 7.24 -3.51
C ILE A 6 -0.42 7.64 -2.62
N ASP A 7 -1.24 8.57 -3.10
CA ASP A 7 -2.39 9.01 -2.33
C ASP A 7 -3.38 7.87 -2.15
N LYS A 8 -3.57 7.09 -3.21
CA LYS A 8 -4.49 5.97 -3.15
C LYS A 8 -4.00 4.92 -2.17
N VAL A 9 -2.74 4.57 -2.27
CA VAL A 9 -2.17 3.56 -1.38
C VAL A 9 -2.29 4.01 0.07
N SER A 10 -1.93 5.25 0.31
CA SER A 10 -2.00 5.81 1.65
C SER A 10 -3.44 5.84 2.15
N ASP A 11 -4.35 6.21 1.26
CA ASP A 11 -5.76 6.30 1.60
C ASP A 11 -6.23 5.02 2.27
N ILE A 12 -5.80 3.89 1.74
CA ILE A 12 -6.20 2.61 2.31
C ILE A 12 -5.79 2.54 3.79
N VAL A 13 -4.53 2.85 4.06
CA VAL A 13 -4.02 2.80 5.42
C VAL A 13 -4.80 3.74 6.32
N LYS A 14 -5.08 4.93 5.82
CA LYS A 14 -5.83 5.90 6.61
C LYS A 14 -7.24 5.39 6.90
N GLU A 15 -7.80 4.66 5.94
CA GLU A 15 -9.16 4.15 6.10
C GLU A 15 -9.18 3.02 7.13
N LYS A 16 -8.05 2.36 7.29
CA LYS A 16 -7.97 1.25 8.24
C LYS A 16 -8.26 1.74 9.66
N LEU A 17 -7.74 2.91 10.01
CA LEU A 17 -7.94 3.47 11.34
C LEU A 17 -8.90 4.65 11.27
N ALA A 18 -9.45 4.88 10.08
CA ALA A 18 -10.38 5.99 9.90
C ALA A 18 -9.66 7.34 9.98
N LEU A 19 -8.83 7.63 8.97
CA LEU A 19 -8.07 8.89 8.93
C LEU A 19 -8.28 9.58 7.58
N GLY A 20 -7.44 10.58 7.34
CA GLY A 20 -7.51 11.34 6.09
C GLY A 20 -8.37 12.58 6.27
N ALA A 21 -8.88 12.78 7.48
CA ALA A 21 -9.72 13.94 7.78
C ALA A 21 -8.88 15.14 8.18
N ASP A 22 -8.29 15.06 9.38
CA ASP A 22 -7.46 16.14 9.90
C ASP A 22 -6.02 15.68 10.10
N VAL A 23 -5.50 14.92 9.15
CA VAL A 23 -4.14 14.41 9.22
C VAL A 23 -3.43 14.58 7.88
N VAL A 24 -2.11 14.70 7.93
CA VAL A 24 -1.30 14.87 6.73
C VAL A 24 -0.91 13.50 6.18
N VAL A 25 -0.69 13.43 4.86
CA VAL A 25 -0.32 12.18 4.21
C VAL A 25 1.01 12.33 3.49
N THR A 26 1.92 11.39 3.72
CA THR A 26 3.24 11.42 3.09
C THR A 26 3.61 10.03 2.57
N ALA A 27 4.44 10.00 1.54
CA ALA A 27 4.87 8.75 0.95
C ALA A 27 5.88 8.03 1.85
N ASP A 28 6.82 8.80 2.37
CA ASP A 28 7.85 8.25 3.24
C ASP A 28 7.33 8.09 4.66
N SER A 29 6.01 8.07 4.79
CA SER A 29 5.40 7.94 6.12
C SER A 29 5.63 6.55 6.69
N GLU A 30 6.18 5.66 5.89
CA GLU A 30 6.45 4.31 6.34
C GLU A 30 5.18 3.66 6.88
N PHE A 31 4.34 3.17 5.97
CA PHE A 31 3.09 2.52 6.34
C PHE A 31 3.35 1.16 6.97
N SER A 32 4.63 0.83 7.17
CA SER A 32 5.01 -0.46 7.74
C SER A 32 5.33 -0.30 9.22
N LYS A 33 4.58 -0.99 10.06
CA LYS A 33 4.78 -0.93 11.50
C LYS A 33 4.47 -2.27 12.15
N LEU A 34 5.14 -2.56 13.27
CA LEU A 34 4.92 -3.80 13.98
C LEU A 34 3.64 -3.74 14.79
N GLY A 35 2.97 -4.88 14.92
CA GLY A 35 1.73 -4.95 15.67
C GLY A 35 1.38 -6.40 16.01
N ALA A 36 0.51 -6.56 17.01
CA ALA A 36 0.10 -7.90 17.43
C ALA A 36 -0.66 -8.60 16.31
N ASP A 37 -1.42 -7.83 15.55
CA ASP A 37 -2.20 -8.39 14.44
C ASP A 37 -1.32 -8.58 13.22
N SER A 38 -1.09 -9.84 12.86
CA SER A 38 -0.26 -10.16 11.69
C SER A 38 -1.11 -10.25 10.43
N LEU A 39 -2.42 -10.11 10.60
CA LEU A 39 -3.34 -10.16 9.46
C LEU A 39 -3.41 -8.81 8.75
N ASP A 40 -2.64 -7.85 9.26
CA ASP A 40 -2.62 -6.52 8.66
C ASP A 40 -2.22 -6.61 7.18
N THR A 41 -1.20 -7.41 6.91
CA THR A 41 -0.73 -7.56 5.54
C THR A 41 -1.81 -8.16 4.66
N VAL A 42 -2.53 -9.15 5.20
CA VAL A 42 -3.60 -9.80 4.46
C VAL A 42 -4.70 -8.80 4.11
N GLU A 43 -5.04 -7.95 5.07
CA GLU A 43 -6.08 -6.95 4.84
C GLU A 43 -5.57 -5.83 3.93
N ILE A 44 -4.37 -5.33 4.23
CA ILE A 44 -3.79 -4.22 3.47
C ILE A 44 -3.51 -4.64 2.01
N VAL A 45 -2.93 -5.81 1.83
CA VAL A 45 -2.59 -6.27 0.49
C VAL A 45 -3.85 -6.41 -0.35
N MET A 46 -4.88 -6.99 0.23
CA MET A 46 -6.12 -7.19 -0.49
C MET A 46 -6.77 -5.86 -0.85
N ASN A 47 -6.71 -4.91 0.08
CA ASN A 47 -7.32 -3.62 -0.17
C ASN A 47 -6.66 -2.94 -1.37
N LEU A 48 -5.34 -2.94 -1.40
CA LEU A 48 -4.62 -2.31 -2.50
C LEU A 48 -4.82 -3.12 -3.77
N GLU A 49 -4.69 -4.44 -3.66
CA GLU A 49 -4.87 -5.31 -4.81
C GLU A 49 -6.30 -5.20 -5.32
N GLU A 50 -7.25 -5.16 -4.40
CA GLU A 50 -8.65 -5.04 -4.77
C GLU A 50 -8.95 -3.66 -5.34
N GLU A 51 -8.40 -2.62 -4.70
CA GLU A 51 -8.62 -1.26 -5.16
C GLU A 51 -8.05 -1.06 -6.55
N PHE A 52 -6.79 -1.44 -6.73
CA PHE A 52 -6.14 -1.30 -8.03
C PHE A 52 -6.55 -2.44 -8.97
N GLY A 53 -7.22 -3.44 -8.40
CA GLY A 53 -7.66 -4.58 -9.20
C GLY A 53 -6.49 -5.23 -9.92
N ILE A 54 -5.40 -5.48 -9.18
CA ILE A 54 -4.21 -6.09 -9.75
C ILE A 54 -3.96 -7.44 -9.11
N ASN A 55 -2.81 -8.04 -9.44
CA ASN A 55 -2.45 -9.35 -8.91
C ASN A 55 -1.20 -9.24 -8.03
N VAL A 56 -1.39 -9.35 -6.73
CA VAL A 56 -0.29 -9.25 -5.78
C VAL A 56 -0.08 -10.59 -5.08
N ASP A 57 1.18 -11.04 -5.05
CA ASP A 57 1.53 -12.30 -4.41
C ASP A 57 2.14 -12.05 -3.04
N GLU A 58 2.24 -13.10 -2.25
CA GLU A 58 2.80 -12.99 -0.91
C GLU A 58 4.27 -12.60 -0.97
N ASP A 59 4.97 -13.13 -1.97
CA ASP A 59 6.39 -12.83 -2.13
C ASP A 59 6.61 -11.34 -2.36
N LYS A 60 5.67 -10.73 -3.05
CA LYS A 60 5.77 -9.29 -3.34
C LYS A 60 5.22 -8.49 -2.18
N ALA A 61 4.30 -9.08 -1.42
CA ALA A 61 3.67 -8.38 -0.28
C ALA A 61 4.12 -8.99 1.04
N GLN A 62 5.43 -9.15 1.19
CA GLN A 62 6.00 -9.72 2.43
C GLN A 62 6.90 -8.71 3.12
N ASP A 63 7.69 -7.99 2.33
CA ASP A 63 8.61 -6.99 2.88
C ASP A 63 8.64 -5.74 2.01
N ILE A 64 7.49 -5.08 1.88
CA ILE A 64 7.40 -3.86 1.09
C ILE A 64 7.73 -2.65 1.94
N SER A 65 8.66 -1.84 1.44
CA SER A 65 9.07 -0.64 2.14
C SER A 65 7.90 0.34 2.21
N THR A 66 8.18 1.55 2.70
CA THR A 66 7.15 2.57 2.83
C THR A 66 6.29 2.65 1.57
N ILE A 67 5.38 3.61 1.55
CA ILE A 67 4.50 3.76 0.40
C ILE A 67 5.30 3.98 -0.88
N GLN A 68 6.35 4.78 -0.79
CA GLN A 68 7.17 5.07 -1.97
C GLN A 68 7.39 3.80 -2.79
N GLN A 69 7.77 2.72 -2.11
CA GLN A 69 7.98 1.45 -2.79
C GLN A 69 6.66 0.79 -3.13
N ALA A 70 5.73 0.78 -2.18
CA ALA A 70 4.44 0.15 -2.41
C ALA A 70 3.78 0.72 -3.66
N ALA A 71 3.74 2.03 -3.75
CA ALA A 71 3.13 2.69 -4.91
C ALA A 71 3.93 2.40 -6.16
N ASP A 72 5.26 2.37 -6.04
CA ASP A 72 6.12 2.11 -7.17
C ASP A 72 5.91 0.71 -7.74
N VAL A 73 5.82 -0.28 -6.86
CA VAL A 73 5.62 -1.66 -7.28
C VAL A 73 4.25 -1.81 -7.92
N ILE A 74 3.25 -1.16 -7.34
CA ILE A 74 1.89 -1.25 -7.87
C ILE A 74 1.83 -0.71 -9.30
N GLU A 75 2.51 0.40 -9.54
CA GLU A 75 2.52 0.99 -10.87
C GLU A 75 2.81 -0.08 -11.92
N GLY A 76 3.81 -0.91 -11.66
CA GLY A 76 4.17 -1.96 -12.60
C GLY A 76 3.07 -3.02 -12.69
N LEU A 77 2.51 -3.38 -11.54
CA LEU A 77 1.45 -4.39 -11.49
C LEU A 77 0.22 -3.91 -12.25
N LEU A 78 -0.02 -2.61 -12.21
CA LEU A 78 -1.16 -2.04 -12.90
C LEU A 78 -1.07 -2.31 -14.40
N GLU A 79 0.15 -2.29 -14.93
CA GLU A 79 0.35 -2.53 -16.36
C GLU A 79 0.85 -3.94 -16.60
N LYS A 80 1.47 -4.52 -15.56
CA LYS A 80 2.01 -5.86 -15.67
C LYS A 80 2.78 -6.24 -14.41
N LYS A 81 3.88 -5.52 -14.15
CA LYS A 81 4.70 -5.78 -12.99
C LYS A 81 5.92 -4.84 -12.95
N ALA A 82 6.46 -4.65 -11.75
CA ALA A 82 7.62 -3.78 -11.59
C ALA A 82 8.74 -4.18 -12.56
N ALA A 1 7.29 6.21 -8.46
CA ALA A 1 5.88 5.87 -8.78
C ALA A 1 5.08 7.16 -8.97
N LYS A 2 3.90 7.04 -9.57
CA LYS A 2 3.05 8.20 -9.80
C LYS A 2 2.34 8.61 -8.53
N LYS A 3 2.07 9.89 -8.38
CA LYS A 3 1.40 10.40 -7.19
C LYS A 3 0.02 9.77 -7.04
N GLU A 4 -0.64 9.54 -8.16
CA GLU A 4 -1.98 8.95 -8.12
C GLU A 4 -1.95 7.57 -7.46
N THR A 5 -0.98 6.75 -7.85
CA THR A 5 -0.87 5.40 -7.30
C THR A 5 -0.37 5.46 -5.85
N ILE A 6 0.59 6.34 -5.61
CA ILE A 6 1.17 6.49 -4.27
C ILE A 6 0.10 6.91 -3.26
N ASP A 7 -0.73 7.86 -3.64
CA ASP A 7 -1.78 8.33 -2.74
C ASP A 7 -2.75 7.21 -2.40
N LYS A 8 -3.07 6.43 -3.41
CA LYS A 8 -3.99 5.31 -3.26
C LYS A 8 -3.45 4.29 -2.27
N VAL A 9 -2.18 3.97 -2.40
CA VAL A 9 -1.57 2.99 -1.52
C VAL A 9 -1.65 3.47 -0.07
N SER A 10 -1.29 4.73 0.14
CA SER A 10 -1.34 5.31 1.48
C SER A 10 -2.77 5.34 2.01
N ASP A 11 -3.72 5.61 1.12
CA ASP A 11 -5.11 5.71 1.49
C ASP A 11 -5.61 4.37 2.06
N ILE A 12 -5.23 3.28 1.42
CA ILE A 12 -5.65 1.96 1.88
C ILE A 12 -5.34 1.81 3.37
N VAL A 13 -4.15 2.21 3.75
CA VAL A 13 -3.75 2.10 5.15
C VAL A 13 -4.61 3.03 5.99
N LYS A 14 -4.81 4.24 5.52
CA LYS A 14 -5.61 5.20 6.27
C LYS A 14 -7.06 4.77 6.36
N GLU A 15 -7.60 4.32 5.24
CA GLU A 15 -8.99 3.90 5.19
C GLU A 15 -9.27 2.78 6.18
N LYS A 16 -8.28 1.97 6.42
CA LYS A 16 -8.42 0.88 7.36
C LYS A 16 -8.69 1.38 8.77
N LEU A 17 -8.06 2.50 9.13
CA LEU A 17 -8.22 3.09 10.47
C LEU A 17 -9.00 4.39 10.38
N ALA A 18 -9.34 4.80 9.16
CA ALA A 18 -10.10 6.03 8.96
C ALA A 18 -9.24 7.27 9.20
N LEU A 19 -8.19 7.43 8.41
CA LEU A 19 -7.29 8.59 8.53
C LEU A 19 -7.33 9.42 7.25
N GLY A 20 -6.46 10.42 7.20
CA GLY A 20 -6.38 11.31 6.04
C GLY A 20 -7.18 12.59 6.28
N ALA A 21 -7.88 12.64 7.41
CA ALA A 21 -8.67 13.81 7.75
C ALA A 21 -7.80 14.87 8.40
N ASP A 22 -7.46 14.66 9.68
CA ASP A 22 -6.62 15.60 10.42
C ASP A 22 -5.19 15.09 10.50
N VAL A 23 -4.89 14.05 9.73
CA VAL A 23 -3.55 13.45 9.72
C VAL A 23 -2.90 13.61 8.36
N VAL A 24 -1.64 14.05 8.37
CA VAL A 24 -0.90 14.23 7.13
C VAL A 24 -0.53 12.88 6.52
N VAL A 25 -0.74 12.77 5.21
CA VAL A 25 -0.43 11.52 4.49
C VAL A 25 0.87 11.66 3.70
N THR A 26 1.81 10.75 3.94
CA THR A 26 3.09 10.77 3.25
C THR A 26 3.45 9.37 2.79
N ALA A 27 4.20 9.29 1.71
CA ALA A 27 4.61 8.00 1.15
C ALA A 27 5.88 7.51 1.82
N ASP A 28 6.80 8.42 2.07
CA ASP A 28 8.07 8.06 2.68
C ASP A 28 7.89 7.92 4.18
N SER A 29 6.65 7.89 4.63
CA SER A 29 6.37 7.76 6.07
C SER A 29 6.24 6.30 6.48
N GLU A 30 6.65 5.41 5.59
CA GLU A 30 6.57 3.99 5.87
C GLU A 30 5.13 3.58 6.19
N PHE A 31 4.81 2.31 5.97
CA PHE A 31 3.47 1.82 6.25
C PHE A 31 3.15 1.94 7.73
N SER A 32 4.17 1.70 8.57
CA SER A 32 3.98 1.79 10.02
C SER A 32 5.29 2.16 10.70
N LYS A 33 5.18 2.89 11.79
CA LYS A 33 6.37 3.31 12.54
C LYS A 33 7.13 2.11 13.06
N LEU A 34 6.40 1.13 13.59
CA LEU A 34 7.02 -0.08 14.14
C LEU A 34 6.72 -1.27 13.23
N GLY A 35 7.75 -2.08 12.99
CA GLY A 35 7.60 -3.23 12.12
C GLY A 35 6.52 -4.17 12.67
N ALA A 36 6.65 -4.54 13.94
CA ALA A 36 5.67 -5.44 14.57
C ALA A 36 5.22 -6.52 13.61
N ASP A 37 5.88 -7.68 13.67
CA ASP A 37 5.53 -8.78 12.80
C ASP A 37 4.07 -9.19 13.00
N SER A 38 3.31 -9.19 11.91
CA SER A 38 1.90 -9.55 11.97
C SER A 38 1.40 -10.00 10.60
N LEU A 39 0.18 -10.52 10.56
CA LEU A 39 -0.42 -11.00 9.31
C LEU A 39 -1.29 -9.92 8.70
N ASP A 40 -1.09 -8.68 9.13
CA ASP A 40 -1.87 -7.56 8.61
C ASP A 40 -1.51 -7.30 7.14
N THR A 41 -0.39 -7.86 6.71
CA THR A 41 0.06 -7.69 5.33
C THR A 41 -0.94 -8.32 4.37
N VAL A 42 -1.59 -9.39 4.81
CA VAL A 42 -2.58 -10.09 3.98
C VAL A 42 -3.75 -9.18 3.64
N GLU A 43 -4.16 -8.42 4.63
CA GLU A 43 -5.27 -7.52 4.44
C GLU A 43 -4.86 -6.33 3.55
N ILE A 44 -3.65 -5.84 3.78
CA ILE A 44 -3.15 -4.68 3.02
C ILE A 44 -2.96 -5.03 1.55
N VAL A 45 -2.34 -6.16 1.27
CA VAL A 45 -2.10 -6.57 -0.11
C VAL A 45 -3.41 -6.72 -0.86
N MET A 46 -4.38 -7.32 -0.18
CA MET A 46 -5.68 -7.52 -0.80
C MET A 46 -6.35 -6.19 -1.09
N ASN A 47 -6.21 -5.24 -0.18
CA ASN A 47 -6.82 -3.94 -0.37
C ASN A 47 -6.27 -3.28 -1.64
N LEU A 48 -4.97 -3.39 -1.83
CA LEU A 48 -4.32 -2.83 -3.02
C LEU A 48 -4.66 -3.66 -4.25
N GLU A 49 -4.48 -4.97 -4.12
CA GLU A 49 -4.75 -5.87 -5.23
C GLU A 49 -6.22 -5.74 -5.64
N GLU A 50 -7.10 -5.63 -4.65
CA GLU A 50 -8.52 -5.50 -4.93
C GLU A 50 -8.83 -4.14 -5.58
N GLU A 51 -8.28 -3.08 -5.01
CA GLU A 51 -8.52 -1.74 -5.56
C GLU A 51 -7.94 -1.61 -6.96
N PHE A 52 -6.63 -1.84 -7.08
CA PHE A 52 -5.96 -1.75 -8.37
C PHE A 52 -6.49 -2.82 -9.31
N GLY A 53 -6.84 -3.98 -8.75
CA GLY A 53 -7.35 -5.08 -9.56
C GLY A 53 -6.22 -5.80 -10.27
N ILE A 54 -5.15 -6.06 -9.51
CA ILE A 54 -3.97 -6.76 -10.07
C ILE A 54 -3.74 -8.08 -9.36
N ASN A 55 -2.52 -8.60 -9.45
CA ASN A 55 -2.16 -9.86 -8.81
C ASN A 55 -0.86 -9.71 -8.04
N VAL A 56 -0.94 -9.85 -6.72
CA VAL A 56 0.23 -9.72 -5.85
C VAL A 56 0.51 -11.04 -5.15
N ASP A 57 1.77 -11.48 -5.23
CA ASP A 57 2.19 -12.72 -4.59
C ASP A 57 2.74 -12.46 -3.19
N GLU A 58 2.65 -13.46 -2.33
CA GLU A 58 3.14 -13.33 -0.96
C GLU A 58 4.63 -13.00 -0.96
N ASP A 59 5.36 -13.57 -1.90
CA ASP A 59 6.80 -13.33 -1.99
C ASP A 59 7.06 -11.89 -2.41
N LYS A 60 6.07 -11.26 -3.03
CA LYS A 60 6.21 -9.88 -3.48
C LYS A 60 5.82 -8.91 -2.37
N ALA A 61 4.88 -9.35 -1.52
CA ALA A 61 4.40 -8.51 -0.42
C ALA A 61 4.88 -9.06 0.91
N GLN A 62 6.18 -9.35 1.01
CA GLN A 62 6.76 -9.87 2.24
C GLN A 62 7.82 -8.92 2.80
N ASP A 63 8.56 -8.27 1.89
CA ASP A 63 9.61 -7.33 2.30
C ASP A 63 9.59 -6.06 1.44
N ILE A 64 8.41 -5.44 1.36
CA ILE A 64 8.27 -4.20 0.58
C ILE A 64 8.57 -3.00 1.45
N SER A 65 9.48 -2.17 0.97
CA SER A 65 9.86 -0.96 1.67
C SER A 65 8.62 -0.10 1.90
N THR A 66 8.85 1.14 2.34
CA THR A 66 7.76 2.06 2.60
C THR A 66 6.77 2.08 1.44
N ILE A 67 5.81 2.99 1.51
CA ILE A 67 4.81 3.10 0.46
C ILE A 67 5.47 3.43 -0.87
N GLN A 68 6.43 4.34 -0.85
CA GLN A 68 7.11 4.74 -2.09
C GLN A 68 7.41 3.53 -2.96
N GLN A 69 8.12 2.54 -2.42
CA GLN A 69 8.45 1.36 -3.18
C GLN A 69 7.21 0.56 -3.55
N ALA A 70 6.27 0.49 -2.61
CA ALA A 70 5.05 -0.26 -2.85
C ALA A 70 4.32 0.27 -4.07
N ALA A 71 4.29 1.59 -4.20
CA ALA A 71 3.62 2.21 -5.33
C ALA A 71 4.29 1.81 -6.64
N ASP A 72 5.62 1.81 -6.65
CA ASP A 72 6.36 1.45 -7.85
C ASP A 72 6.11 -0.02 -8.21
N VAL A 73 6.05 -0.87 -7.18
CA VAL A 73 5.82 -2.29 -7.40
C VAL A 73 4.46 -2.52 -8.06
N ILE A 74 3.44 -1.83 -7.55
CA ILE A 74 2.09 -1.95 -8.10
C ILE A 74 2.06 -1.50 -9.55
N GLU A 75 2.73 -0.39 -9.83
CA GLU A 75 2.77 0.13 -11.19
C GLU A 75 3.20 -0.95 -12.16
N GLY A 76 4.14 -1.79 -11.74
CA GLY A 76 4.63 -2.87 -12.59
C GLY A 76 3.54 -3.91 -12.83
N LEU A 77 2.68 -4.11 -11.83
CA LEU A 77 1.61 -5.10 -11.93
C LEU A 77 0.42 -4.54 -12.69
N LEU A 78 0.45 -3.25 -12.96
CA LEU A 78 -0.62 -2.58 -13.69
C LEU A 78 -0.32 -2.52 -15.19
N GLU A 79 0.92 -2.86 -15.54
CA GLU A 79 1.32 -2.81 -16.94
C GLU A 79 0.60 -3.84 -17.77
N LYS A 80 0.80 -5.09 -17.40
CA LYS A 80 0.17 -6.20 -18.12
C LYS A 80 -1.24 -6.46 -17.60
N LYS A 81 -1.39 -6.37 -16.28
CA LYS A 81 -2.67 -6.61 -15.64
C LYS A 81 -3.25 -5.30 -15.10
N ALA A 82 -4.04 -4.62 -15.92
CA ALA A 82 -4.64 -3.36 -15.51
C ALA A 82 -5.88 -3.60 -14.66
N ALA A 1 7.16 6.30 -7.57
CA ALA A 1 5.76 6.07 -8.03
C ALA A 1 5.08 7.42 -8.25
N LYS A 2 3.90 7.38 -8.88
CA LYS A 2 3.15 8.60 -9.14
C LYS A 2 2.37 9.03 -7.90
N LYS A 3 2.15 10.34 -7.77
CA LYS A 3 1.44 10.87 -6.61
C LYS A 3 0.02 10.28 -6.55
N GLU A 4 -0.61 10.14 -7.71
CA GLU A 4 -1.96 9.61 -7.77
C GLU A 4 -2.02 8.22 -7.14
N THR A 5 -1.07 7.36 -7.51
CA THR A 5 -1.02 6.01 -6.99
C THR A 5 -0.68 6.03 -5.49
N ILE A 6 0.28 6.88 -5.13
CA ILE A 6 0.71 6.98 -3.75
C ILE A 6 -0.46 7.41 -2.86
N ASP A 7 -1.22 8.39 -3.34
CA ASP A 7 -2.37 8.87 -2.58
C ASP A 7 -3.39 7.76 -2.37
N LYS A 8 -3.56 6.94 -3.40
CA LYS A 8 -4.50 5.82 -3.32
C LYS A 8 -4.05 4.81 -2.29
N VAL A 9 -2.78 4.46 -2.32
CA VAL A 9 -2.22 3.49 -1.39
C VAL A 9 -2.34 4.00 0.05
N SER A 10 -1.95 5.25 0.25
CA SER A 10 -2.01 5.86 1.58
C SER A 10 -3.45 5.87 2.09
N ASP A 11 -4.39 6.19 1.21
CA ASP A 11 -5.80 6.24 1.59
C ASP A 11 -6.27 4.89 2.09
N ILE A 12 -5.83 3.84 1.42
CA ILE A 12 -6.22 2.49 1.80
C ILE A 12 -5.84 2.24 3.25
N VAL A 13 -4.74 2.81 3.69
CA VAL A 13 -4.26 2.60 5.05
C VAL A 13 -5.13 3.38 6.03
N LYS A 14 -5.51 4.58 5.63
CA LYS A 14 -6.29 5.44 6.50
C LYS A 14 -7.67 4.85 6.78
N GLU A 15 -8.33 4.38 5.72
CA GLU A 15 -9.66 3.80 5.86
C GLU A 15 -9.66 2.70 6.91
N LYS A 16 -8.50 2.14 7.16
CA LYS A 16 -8.37 1.07 8.14
C LYS A 16 -8.68 1.58 9.53
N LEU A 17 -8.17 2.77 9.83
CA LEU A 17 -8.36 3.38 11.16
C LEU A 17 -9.09 4.71 11.01
N ALA A 18 -9.79 4.87 9.90
CA ALA A 18 -10.54 6.10 9.66
C ALA A 18 -9.65 7.31 9.88
N LEU A 19 -8.82 7.62 8.88
CA LEU A 19 -7.92 8.78 8.96
C LEU A 19 -8.11 9.68 7.76
N GLY A 20 -7.27 10.70 7.66
CA GLY A 20 -7.33 11.63 6.53
C GLY A 20 -8.07 12.90 6.93
N ALA A 21 -8.67 12.89 8.13
CA ALA A 21 -9.41 14.04 8.62
C ALA A 21 -8.45 15.12 9.10
N ASP A 22 -7.69 14.82 10.13
CA ASP A 22 -6.72 15.77 10.70
C ASP A 22 -5.30 15.25 10.54
N VAL A 23 -5.13 14.24 9.67
CA VAL A 23 -3.81 13.64 9.45
C VAL A 23 -3.38 13.86 8.01
N VAL A 24 -2.13 14.28 7.82
CA VAL A 24 -1.59 14.52 6.49
C VAL A 24 -1.22 13.19 5.83
N VAL A 25 -1.33 13.15 4.51
CA VAL A 25 -1.00 11.95 3.75
C VAL A 25 0.38 12.09 3.10
N THR A 26 1.28 11.19 3.43
CA THR A 26 2.63 11.20 2.85
C THR A 26 3.04 9.80 2.43
N ALA A 27 3.97 9.73 1.48
CA ALA A 27 4.46 8.44 0.99
C ALA A 27 5.39 7.80 2.03
N ASP A 28 6.37 8.56 2.50
CA ASP A 28 7.32 8.05 3.47
C ASP A 28 6.70 7.98 4.86
N SER A 29 5.36 8.01 4.89
CA SER A 29 4.65 7.96 6.15
C SER A 29 4.76 6.59 6.79
N GLU A 30 5.30 5.63 6.03
CA GLU A 30 5.45 4.27 6.53
C GLU A 30 4.09 3.68 6.91
N PHE A 31 3.81 2.49 6.41
CA PHE A 31 2.54 1.84 6.69
C PHE A 31 2.33 1.70 8.21
N SER A 32 3.33 1.21 8.90
CA SER A 32 3.24 1.05 10.35
C SER A 32 4.58 0.56 10.91
N LYS A 33 5.37 1.47 11.43
CA LYS A 33 6.67 1.12 12.00
C LYS A 33 6.49 0.24 13.23
N LEU A 34 5.56 0.65 14.11
CA LEU A 34 5.30 -0.10 15.32
C LEU A 34 4.75 -1.48 14.98
N GLY A 35 3.83 -1.52 14.03
CA GLY A 35 3.21 -2.78 13.63
C GLY A 35 4.21 -3.66 12.89
N ALA A 36 4.04 -4.97 13.01
CA ALA A 36 4.93 -5.92 12.34
C ALA A 36 4.26 -7.27 12.18
N ASP A 37 2.94 -7.29 12.35
CA ASP A 37 2.19 -8.54 12.21
C ASP A 37 1.84 -8.80 10.75
N SER A 38 2.35 -9.91 10.22
CA SER A 38 2.09 -10.27 8.83
C SER A 38 0.59 -10.44 8.59
N LEU A 39 -0.15 -10.68 9.68
CA LEU A 39 -1.59 -10.87 9.57
C LEU A 39 -2.26 -9.61 9.04
N ASP A 40 -1.82 -8.46 9.54
CA ASP A 40 -2.37 -7.19 9.10
C ASP A 40 -2.10 -6.96 7.62
N THR A 41 -0.92 -7.39 7.17
CA THR A 41 -0.54 -7.21 5.78
C THR A 41 -1.57 -7.85 4.85
N VAL A 42 -2.23 -8.90 5.34
CA VAL A 42 -3.23 -9.60 4.55
C VAL A 42 -4.41 -8.68 4.24
N GLU A 43 -4.77 -7.86 5.21
CA GLU A 43 -5.89 -6.93 5.03
C GLU A 43 -5.50 -5.79 4.09
N ILE A 44 -4.30 -5.25 4.30
CA ILE A 44 -3.84 -4.13 3.48
C ILE A 44 -3.60 -4.54 2.04
N VAL A 45 -2.85 -5.63 1.86
CA VAL A 45 -2.53 -6.11 0.52
C VAL A 45 -3.80 -6.34 -0.29
N MET A 46 -4.78 -6.96 0.34
CA MET A 46 -6.03 -7.24 -0.34
C MET A 46 -6.74 -5.95 -0.73
N ASN A 47 -6.69 -4.97 0.15
CA ASN A 47 -7.35 -3.70 -0.12
C ASN A 47 -6.77 -3.06 -1.38
N LEU A 48 -5.46 -3.08 -1.49
CA LEU A 48 -4.80 -2.51 -2.67
C LEU A 48 -5.08 -3.36 -3.90
N GLU A 49 -4.93 -4.67 -3.75
CA GLU A 49 -5.19 -5.58 -4.87
C GLU A 49 -6.66 -5.50 -5.29
N GLU A 50 -7.54 -5.41 -4.31
CA GLU A 50 -8.98 -5.33 -4.58
C GLU A 50 -9.31 -3.97 -5.19
N GLU A 51 -8.74 -2.91 -4.60
CA GLU A 51 -9.00 -1.55 -5.10
C GLU A 51 -8.43 -1.37 -6.49
N PHE A 52 -7.13 -1.60 -6.63
CA PHE A 52 -6.47 -1.47 -7.92
C PHE A 52 -6.97 -2.52 -8.89
N GLY A 53 -7.31 -3.70 -8.35
CA GLY A 53 -7.79 -4.78 -9.18
C GLY A 53 -6.65 -5.48 -9.89
N ILE A 54 -5.54 -5.67 -9.18
CA ILE A 54 -4.36 -6.32 -9.76
C ILE A 54 -4.14 -7.68 -9.13
N ASN A 55 -2.95 -8.25 -9.34
CA ASN A 55 -2.62 -9.56 -8.79
C ASN A 55 -1.30 -9.49 -8.04
N VAL A 56 -1.35 -9.04 -6.79
CA VAL A 56 -0.14 -8.94 -5.98
C VAL A 56 0.06 -10.20 -5.15
N ASP A 57 1.23 -10.80 -5.26
CA ASP A 57 1.55 -12.01 -4.52
C ASP A 57 2.02 -11.67 -3.10
N GLU A 58 1.90 -12.63 -2.20
CA GLU A 58 2.33 -12.43 -0.82
C GLU A 58 3.84 -12.22 -0.74
N ASP A 59 4.57 -12.88 -1.64
CA ASP A 59 6.01 -12.78 -1.66
C ASP A 59 6.44 -11.35 -2.03
N LYS A 60 5.55 -10.65 -2.74
CA LYS A 60 5.85 -9.28 -3.14
C LYS A 60 5.28 -8.29 -2.13
N ALA A 61 4.44 -8.79 -1.22
CA ALA A 61 3.84 -7.95 -0.20
C ALA A 61 4.21 -8.44 1.18
N GLN A 62 5.46 -8.84 1.35
CA GLN A 62 5.94 -9.35 2.65
C GLN A 62 7.05 -8.46 3.18
N ASP A 63 7.89 -7.95 2.29
CA ASP A 63 9.00 -7.09 2.69
C ASP A 63 9.02 -5.81 1.87
N ILE A 64 7.85 -5.20 1.71
CA ILE A 64 7.73 -3.96 0.96
C ILE A 64 7.95 -2.76 1.86
N SER A 65 8.81 -1.85 1.41
CA SER A 65 9.09 -0.64 2.19
C SER A 65 7.83 0.20 2.35
N THR A 66 7.99 1.40 2.87
CA THR A 66 6.86 2.30 3.09
C THR A 66 6.01 2.40 1.83
N ILE A 67 5.02 3.29 1.85
CA ILE A 67 4.13 3.45 0.72
C ILE A 67 4.91 3.77 -0.55
N GLN A 68 6.09 4.34 -0.38
CA GLN A 68 6.91 4.70 -1.52
C GLN A 68 7.11 3.51 -2.46
N GLN A 69 7.63 2.42 -1.92
CA GLN A 69 7.85 1.23 -2.72
C GLN A 69 6.53 0.59 -3.15
N ALA A 70 5.59 0.51 -2.21
CA ALA A 70 4.31 -0.11 -2.49
C ALA A 70 3.67 0.54 -3.73
N ALA A 71 3.71 1.87 -3.79
CA ALA A 71 3.14 2.58 -4.92
C ALA A 71 3.86 2.22 -6.21
N ASP A 72 5.18 2.13 -6.14
CA ASP A 72 5.97 1.81 -7.32
C ASP A 72 5.70 0.36 -7.76
N VAL A 73 5.61 -0.54 -6.78
CA VAL A 73 5.35 -1.94 -7.08
C VAL A 73 3.99 -2.12 -7.73
N ILE A 74 3.00 -1.42 -7.20
CA ILE A 74 1.65 -1.52 -7.74
C ILE A 74 1.61 -1.03 -9.18
N GLU A 75 2.29 0.07 -9.44
CA GLU A 75 2.33 0.64 -10.79
C GLU A 75 2.67 -0.45 -11.80
N GLY A 76 3.65 -1.27 -11.46
CA GLY A 76 4.06 -2.36 -12.35
C GLY A 76 2.98 -3.41 -12.45
N LEU A 77 2.20 -3.57 -11.39
CA LEU A 77 1.13 -4.55 -11.36
C LEU A 77 -0.11 -4.02 -12.06
N LEU A 78 -0.08 -2.75 -12.40
CA LEU A 78 -1.20 -2.12 -13.11
C LEU A 78 -0.99 -2.16 -14.61
N GLU A 79 0.25 -2.42 -15.02
CA GLU A 79 0.56 -2.43 -16.43
C GLU A 79 -0.24 -3.51 -17.14
N LYS A 80 -0.02 -4.76 -16.75
CA LYS A 80 -0.70 -5.89 -17.38
C LYS A 80 -0.84 -7.05 -16.40
N LYS A 81 -0.02 -7.04 -15.37
CA LYS A 81 -0.05 -8.10 -14.37
C LYS A 81 -1.19 -7.86 -13.39
N ALA A 82 -2.30 -8.55 -13.61
CA ALA A 82 -3.47 -8.41 -12.73
C ALA A 82 -4.20 -9.74 -12.61
N ALA A 1 7.23 5.46 -9.06
CA ALA A 1 5.77 5.15 -8.99
C ALA A 1 4.97 6.42 -9.24
N LYS A 2 3.74 6.26 -9.71
CA LYS A 2 2.88 7.40 -9.99
C LYS A 2 2.31 7.98 -8.69
N LYS A 3 2.13 9.28 -8.66
CA LYS A 3 1.62 9.94 -7.47
C LYS A 3 0.23 9.41 -7.13
N GLU A 4 -0.59 9.20 -8.16
CA GLU A 4 -1.93 8.69 -7.95
C GLU A 4 -1.89 7.34 -7.24
N THR A 5 -1.01 6.47 -7.69
CA THR A 5 -0.87 5.15 -7.11
C THR A 5 -0.36 5.25 -5.68
N ILE A 6 0.61 6.13 -5.47
CA ILE A 6 1.20 6.32 -4.14
C ILE A 6 0.13 6.79 -3.16
N ASP A 7 -0.70 7.73 -3.58
CA ASP A 7 -1.75 8.24 -2.71
C ASP A 7 -2.72 7.13 -2.35
N LYS A 8 -3.00 6.28 -3.32
CA LYS A 8 -3.93 5.18 -3.11
C LYS A 8 -3.36 4.20 -2.08
N VAL A 9 -2.09 3.87 -2.22
CA VAL A 9 -1.48 2.93 -1.31
C VAL A 9 -1.48 3.48 0.10
N SER A 10 -1.09 4.73 0.23
CA SER A 10 -1.06 5.38 1.53
C SER A 10 -2.46 5.45 2.12
N ASP A 11 -3.47 5.49 1.24
CA ASP A 11 -4.86 5.57 1.68
C ASP A 11 -5.30 4.25 2.31
N ILE A 12 -4.88 3.14 1.73
CA ILE A 12 -5.29 1.85 2.23
C ILE A 12 -5.05 1.75 3.74
N VAL A 13 -3.85 2.07 4.18
CA VAL A 13 -3.53 2.01 5.59
C VAL A 13 -4.46 2.93 6.35
N LYS A 14 -4.85 4.04 5.75
CA LYS A 14 -5.77 4.98 6.40
C LYS A 14 -7.19 4.48 6.34
N GLU A 15 -7.51 3.79 5.24
CA GLU A 15 -8.86 3.26 5.04
C GLU A 15 -9.15 2.17 6.06
N LYS A 16 -8.09 1.63 6.64
CA LYS A 16 -8.24 0.57 7.62
C LYS A 16 -8.97 1.09 8.87
N LEU A 17 -8.72 2.34 9.23
CA LEU A 17 -9.36 2.95 10.39
C LEU A 17 -9.98 4.29 10.02
N ALA A 18 -10.06 4.56 8.72
CA ALA A 18 -10.65 5.80 8.25
C ALA A 18 -9.80 7.00 8.65
N LEU A 19 -8.77 7.30 7.85
CA LEU A 19 -7.89 8.43 8.12
C LEU A 19 -7.65 9.25 6.85
N GLY A 20 -6.72 10.20 6.94
CA GLY A 20 -6.39 11.07 5.82
C GLY A 20 -7.10 12.42 5.94
N ALA A 21 -7.96 12.53 6.96
CA ALA A 21 -8.70 13.77 7.17
C ALA A 21 -7.84 14.75 7.96
N ASP A 22 -7.67 14.48 9.25
CA ASP A 22 -6.87 15.34 10.12
C ASP A 22 -5.45 14.80 10.27
N VAL A 23 -5.12 13.79 9.48
CA VAL A 23 -3.79 13.17 9.52
C VAL A 23 -3.06 13.38 8.20
N VAL A 24 -1.81 13.82 8.28
CA VAL A 24 -1.01 14.05 7.09
C VAL A 24 -0.64 12.72 6.44
N VAL A 25 -0.84 12.63 5.12
CA VAL A 25 -0.53 11.41 4.39
C VAL A 25 0.77 11.56 3.60
N THR A 26 1.70 10.64 3.80
CA THR A 26 2.99 10.67 3.11
C THR A 26 3.41 9.25 2.72
N ALA A 27 4.16 9.15 1.64
CA ALA A 27 4.62 7.87 1.16
C ALA A 27 5.76 7.34 2.02
N ASP A 28 6.71 8.21 2.32
CA ASP A 28 7.86 7.80 3.12
C ASP A 28 7.45 7.60 4.56
N SER A 29 6.14 7.53 4.79
CA SER A 29 5.63 7.36 6.15
C SER A 29 5.74 5.92 6.61
N GLU A 30 6.17 5.05 5.70
CA GLU A 30 6.32 3.63 6.01
C GLU A 30 4.99 3.04 6.46
N PHE A 31 4.74 1.80 6.07
CA PHE A 31 3.49 1.14 6.44
C PHE A 31 3.37 1.02 7.95
N SER A 32 4.47 0.64 8.60
CA SER A 32 4.47 0.50 10.05
C SER A 32 4.39 1.86 10.72
N LYS A 33 3.77 1.92 11.89
CA LYS A 33 3.63 3.18 12.63
C LYS A 33 3.93 2.96 14.11
N LEU A 34 4.49 3.98 14.74
CA LEU A 34 4.83 3.90 16.16
C LEU A 34 3.57 4.01 17.02
N GLY A 35 3.52 3.24 18.09
CA GLY A 35 2.38 3.26 18.99
C GLY A 35 1.17 2.56 18.36
N ALA A 36 1.46 1.59 17.49
CA ALA A 36 0.40 0.84 16.80
C ALA A 36 0.70 -0.66 16.85
N ASP A 37 -0.35 -1.46 16.67
CA ASP A 37 -0.19 -2.91 16.68
C ASP A 37 0.39 -3.41 15.36
N SER A 38 0.64 -4.71 15.28
CA SER A 38 1.20 -5.29 14.07
C SER A 38 0.30 -5.00 12.88
N LEU A 39 0.90 -4.92 11.69
CA LEU A 39 0.15 -4.64 10.47
C LEU A 39 -0.14 -5.93 9.72
N ASP A 40 -1.40 -6.13 9.35
CA ASP A 40 -1.80 -7.32 8.61
C ASP A 40 -1.49 -7.18 7.13
N THR A 41 -0.46 -7.87 6.67
CA THR A 41 -0.06 -7.82 5.27
C THR A 41 -1.15 -8.45 4.39
N VAL A 42 -1.73 -9.54 4.87
CA VAL A 42 -2.78 -10.23 4.13
C VAL A 42 -3.96 -9.30 3.86
N GLU A 43 -4.33 -8.53 4.86
CA GLU A 43 -5.43 -7.61 4.69
C GLU A 43 -5.02 -6.43 3.81
N ILE A 44 -3.81 -5.92 4.03
CA ILE A 44 -3.30 -4.78 3.27
C ILE A 44 -3.04 -5.16 1.81
N VAL A 45 -2.39 -6.29 1.61
CA VAL A 45 -2.06 -6.73 0.25
C VAL A 45 -3.34 -7.00 -0.53
N MET A 46 -4.28 -7.65 0.11
CA MET A 46 -5.53 -7.99 -0.54
C MET A 46 -6.27 -6.72 -0.96
N ASN A 47 -6.23 -5.70 -0.11
CA ASN A 47 -6.90 -4.45 -0.41
C ASN A 47 -6.30 -3.80 -1.66
N LEU A 48 -4.97 -3.80 -1.74
CA LEU A 48 -4.29 -3.21 -2.89
C LEU A 48 -4.61 -3.97 -4.17
N GLU A 49 -4.57 -5.30 -4.07
CA GLU A 49 -4.85 -6.15 -5.22
C GLU A 49 -6.31 -6.00 -5.64
N GLU A 50 -7.20 -5.91 -4.64
CA GLU A 50 -8.62 -5.76 -4.92
C GLU A 50 -8.93 -4.37 -5.47
N GLU A 51 -8.33 -3.35 -4.86
CA GLU A 51 -8.55 -1.98 -5.30
C GLU A 51 -8.04 -1.77 -6.73
N PHE A 52 -6.84 -2.25 -6.99
CA PHE A 52 -6.24 -2.11 -8.32
C PHE A 52 -6.66 -3.27 -9.21
N GLY A 53 -7.29 -4.29 -8.60
CA GLY A 53 -7.74 -5.44 -9.36
C GLY A 53 -6.59 -6.10 -10.12
N ILE A 54 -5.43 -6.18 -9.47
CA ILE A 54 -4.25 -6.78 -10.08
C ILE A 54 -3.96 -8.13 -9.44
N ASN A 55 -2.71 -8.59 -9.55
CA ASN A 55 -2.30 -9.87 -8.98
C ASN A 55 -1.01 -9.70 -8.21
N VAL A 56 -1.06 -9.96 -6.90
CA VAL A 56 0.11 -9.83 -6.04
C VAL A 56 0.42 -11.17 -5.36
N ASP A 57 1.69 -11.57 -5.44
CA ASP A 57 2.13 -12.83 -4.83
C ASP A 57 2.64 -12.58 -3.42
N GLU A 58 2.53 -13.59 -2.56
CA GLU A 58 2.98 -13.46 -1.19
C GLU A 58 4.48 -13.17 -1.15
N ASP A 59 5.21 -13.76 -2.08
CA ASP A 59 6.66 -13.56 -2.14
C ASP A 59 6.97 -12.14 -2.56
N LYS A 60 5.99 -11.46 -3.16
CA LYS A 60 6.17 -10.08 -3.59
C LYS A 60 5.76 -9.11 -2.50
N ALA A 61 4.80 -9.54 -1.67
CA ALA A 61 4.30 -8.70 -0.58
C ALA A 61 4.75 -9.24 0.77
N GLN A 62 6.03 -9.57 0.88
CA GLN A 62 6.59 -10.10 2.13
C GLN A 62 7.67 -9.18 2.68
N ASP A 63 8.40 -8.53 1.79
CA ASP A 63 9.48 -7.62 2.19
C ASP A 63 9.48 -6.35 1.32
N ILE A 64 8.34 -5.69 1.24
CA ILE A 64 8.21 -4.47 0.45
C ILE A 64 8.55 -3.25 1.31
N SER A 65 9.44 -2.42 0.78
CA SER A 65 9.85 -1.21 1.47
C SER A 65 8.63 -0.35 1.77
N THR A 66 8.88 0.87 2.22
CA THR A 66 7.80 1.80 2.54
C THR A 66 6.79 1.87 1.41
N ILE A 67 5.83 2.79 1.54
CA ILE A 67 4.80 2.94 0.52
C ILE A 67 5.41 3.33 -0.83
N GLN A 68 6.59 3.96 -0.79
CA GLN A 68 7.24 4.39 -2.04
C GLN A 68 7.49 3.19 -2.96
N GLN A 69 8.09 2.13 -2.44
CA GLN A 69 8.35 0.95 -3.22
C GLN A 69 7.07 0.21 -3.58
N ALA A 70 6.15 0.17 -2.62
CA ALA A 70 4.88 -0.51 -2.85
C ALA A 70 4.15 0.07 -4.05
N ALA A 71 4.18 1.39 -4.17
CA ALA A 71 3.51 2.05 -5.29
C ALA A 71 4.17 1.65 -6.61
N ASP A 72 5.50 1.56 -6.59
CA ASP A 72 6.24 1.19 -7.79
C ASP A 72 5.92 -0.24 -8.19
N VAL A 73 5.83 -1.13 -7.20
CA VAL A 73 5.55 -2.54 -7.46
C VAL A 73 4.18 -2.69 -8.12
N ILE A 74 3.19 -1.96 -7.59
CA ILE A 74 1.83 -2.02 -8.13
C ILE A 74 1.81 -1.53 -9.58
N GLU A 75 2.52 -0.43 -9.84
CA GLU A 75 2.55 0.12 -11.18
C GLU A 75 2.99 -0.94 -12.19
N GLY A 76 3.88 -1.82 -11.74
CA GLY A 76 4.37 -2.90 -12.60
C GLY A 76 3.31 -3.99 -12.76
N LEU A 77 2.43 -4.09 -11.77
CA LEU A 77 1.37 -5.10 -11.82
C LEU A 77 0.15 -4.58 -12.57
N LEU A 78 0.16 -3.29 -12.88
CA LEU A 78 -0.95 -2.68 -13.60
C LEU A 78 -0.66 -2.67 -15.10
N GLU A 79 0.59 -2.86 -15.46
CA GLU A 79 0.95 -2.85 -16.86
C GLU A 79 0.08 -3.81 -17.64
N LYS A 80 0.06 -5.07 -17.18
CA LYS A 80 -0.74 -6.11 -17.85
C LYS A 80 -2.00 -6.43 -17.04
N LYS A 81 -1.99 -6.01 -15.79
CA LYS A 81 -3.13 -6.26 -14.90
C LYS A 81 -3.73 -7.64 -15.15
N ALA A 82 -3.16 -8.66 -14.52
CA ALA A 82 -3.64 -10.02 -14.69
C ALA A 82 -4.97 -10.20 -13.98
N ALA A 1 7.32 6.73 -7.73
CA ALA A 1 5.95 6.35 -8.17
C ALA A 1 5.14 7.62 -8.42
N LYS A 2 3.97 7.45 -9.02
CA LYS A 2 3.09 8.58 -9.33
C LYS A 2 2.33 9.01 -8.09
N LYS A 3 2.03 10.30 -8.00
CA LYS A 3 1.31 10.83 -6.85
C LYS A 3 -0.07 10.18 -6.74
N GLU A 4 -0.71 9.96 -7.87
CA GLU A 4 -2.03 9.35 -7.87
C GLU A 4 -2.00 7.99 -7.19
N THR A 5 -1.01 7.18 -7.55
CA THR A 5 -0.88 5.84 -6.96
C THR A 5 -0.49 5.93 -5.49
N ILE A 6 0.44 6.84 -5.20
CA ILE A 6 0.90 7.01 -3.83
C ILE A 6 -0.24 7.45 -2.91
N ASP A 7 -1.07 8.36 -3.38
CA ASP A 7 -2.18 8.84 -2.58
C ASP A 7 -3.16 7.69 -2.31
N LYS A 8 -3.32 6.82 -3.29
CA LYS A 8 -4.21 5.69 -3.14
C LYS A 8 -3.69 4.71 -2.10
N VAL A 9 -2.40 4.40 -2.20
CA VAL A 9 -1.80 3.46 -1.27
C VAL A 9 -1.95 3.96 0.16
N SER A 10 -1.60 5.22 0.36
CA SER A 10 -1.69 5.80 1.68
C SER A 10 -3.13 5.76 2.17
N ASP A 11 -4.05 6.16 1.31
CA ASP A 11 -5.45 6.18 1.66
C ASP A 11 -5.87 4.85 2.28
N ILE A 12 -5.53 3.76 1.64
CA ILE A 12 -5.91 2.46 2.17
C ILE A 12 -5.49 2.33 3.63
N VAL A 13 -4.23 2.58 3.90
CA VAL A 13 -3.72 2.47 5.25
C VAL A 13 -4.40 3.48 6.15
N LYS A 14 -4.59 4.69 5.65
CA LYS A 14 -5.24 5.71 6.45
C LYS A 14 -6.68 5.35 6.74
N GLU A 15 -7.33 4.72 5.76
CA GLU A 15 -8.73 4.34 5.91
C GLU A 15 -8.89 3.32 7.03
N LYS A 16 -7.85 2.52 7.24
CA LYS A 16 -7.89 1.52 8.27
C LYS A 16 -8.07 2.19 9.64
N LEU A 17 -7.28 3.23 9.92
CA LEU A 17 -7.40 3.94 11.18
C LEU A 17 -8.36 5.11 11.03
N ALA A 18 -8.80 5.35 9.81
CA ALA A 18 -9.70 6.46 9.53
C ALA A 18 -8.95 7.77 9.50
N LEU A 19 -7.75 7.73 8.93
CA LEU A 19 -6.90 8.91 8.84
C LEU A 19 -7.08 9.62 7.50
N GLY A 20 -6.22 10.60 7.24
CA GLY A 20 -6.27 11.37 6.00
C GLY A 20 -7.16 12.59 6.17
N ALA A 21 -7.80 12.70 7.33
CA ALA A 21 -8.68 13.84 7.61
C ALA A 21 -7.91 14.95 8.30
N ASP A 22 -7.65 14.77 9.60
CA ASP A 22 -6.91 15.77 10.38
C ASP A 22 -5.43 15.42 10.44
N VAL A 23 -5.02 14.41 9.67
CA VAL A 23 -3.63 13.97 9.64
C VAL A 23 -3.05 14.16 8.23
N VAL A 24 -1.84 14.72 8.19
CA VAL A 24 -1.18 14.95 6.90
C VAL A 24 -0.72 13.63 6.31
N VAL A 25 -1.03 13.43 5.03
CA VAL A 25 -0.66 12.20 4.35
C VAL A 25 0.70 12.36 3.68
N THR A 26 1.58 11.38 3.88
CA THR A 26 2.92 11.41 3.30
C THR A 26 3.28 10.05 2.71
N ALA A 27 4.24 10.05 1.79
CA ALA A 27 4.68 8.83 1.14
C ALA A 27 5.85 8.21 1.88
N ASP A 28 6.49 9.00 2.74
CA ASP A 28 7.62 8.51 3.50
C ASP A 28 7.15 7.86 4.80
N SER A 29 5.85 7.89 5.03
CA SER A 29 5.29 7.29 6.23
C SER A 29 5.39 5.78 6.19
N GLU A 30 6.48 5.25 6.73
CA GLU A 30 6.69 3.81 6.74
C GLU A 30 5.43 3.08 7.18
N PHE A 31 4.71 2.52 6.22
CA PHE A 31 3.46 1.79 6.51
C PHE A 31 3.74 0.28 6.59
N SER A 32 4.99 -0.11 6.38
CA SER A 32 5.36 -1.52 6.40
C SER A 32 5.96 -1.89 7.75
N LYS A 33 5.15 -2.51 8.60
CA LYS A 33 5.61 -2.92 9.93
C LYS A 33 4.92 -4.20 10.35
N LEU A 34 5.14 -4.61 11.60
CA LEU A 34 4.54 -5.83 12.11
C LEU A 34 3.34 -5.50 12.98
N GLY A 35 2.16 -5.93 12.55
CA GLY A 35 0.93 -5.68 13.29
C GLY A 35 0.80 -6.61 14.48
N ALA A 36 -0.42 -7.05 14.76
CA ALA A 36 -0.65 -7.94 15.88
C ALA A 36 0.10 -9.25 15.70
N ASP A 37 0.00 -9.82 14.49
CA ASP A 37 0.67 -11.09 14.17
C ASP A 37 1.21 -11.05 12.74
N SER A 38 1.43 -9.85 12.22
CA SER A 38 1.95 -9.70 10.87
C SER A 38 0.93 -10.22 9.84
N LEU A 39 -0.30 -10.44 10.30
CA LEU A 39 -1.35 -10.94 9.42
C LEU A 39 -2.06 -9.78 8.74
N ASP A 40 -1.69 -8.57 9.11
CA ASP A 40 -2.30 -7.38 8.52
C ASP A 40 -2.01 -7.31 7.03
N THR A 41 -0.81 -7.73 6.65
CA THR A 41 -0.41 -7.71 5.25
C THR A 41 -1.49 -8.35 4.39
N VAL A 42 -2.19 -9.33 4.95
CA VAL A 42 -3.25 -10.02 4.21
C VAL A 42 -4.39 -9.06 3.88
N GLU A 43 -4.76 -8.22 4.85
CA GLU A 43 -5.84 -7.26 4.63
C GLU A 43 -5.36 -6.11 3.74
N ILE A 44 -4.18 -5.58 4.04
CA ILE A 44 -3.63 -4.45 3.28
C ILE A 44 -3.37 -4.81 1.83
N VAL A 45 -2.73 -5.95 1.60
CA VAL A 45 -2.42 -6.37 0.23
C VAL A 45 -3.69 -6.50 -0.59
N MET A 46 -4.72 -7.09 0.00
CA MET A 46 -5.98 -7.26 -0.70
C MET A 46 -6.59 -5.91 -1.03
N ASN A 47 -6.50 -4.96 -0.11
CA ASN A 47 -7.06 -3.65 -0.35
C ASN A 47 -6.37 -3.00 -1.55
N LEU A 48 -5.04 -3.09 -1.60
CA LEU A 48 -4.29 -2.52 -2.71
C LEU A 48 -4.55 -3.31 -3.97
N GLU A 49 -4.56 -4.63 -3.85
CA GLU A 49 -4.80 -5.49 -5.00
C GLU A 49 -6.23 -5.33 -5.48
N GLU A 50 -7.16 -5.27 -4.54
CA GLU A 50 -8.57 -5.12 -4.88
C GLU A 50 -8.83 -3.74 -5.49
N GLU A 51 -8.22 -2.71 -4.90
CA GLU A 51 -8.41 -1.35 -5.39
C GLU A 51 -7.90 -1.23 -6.83
N PHE A 52 -6.66 -1.66 -7.05
CA PHE A 52 -6.07 -1.58 -8.40
C PHE A 52 -6.44 -2.83 -9.20
N GLY A 53 -7.08 -3.79 -8.54
CA GLY A 53 -7.47 -5.03 -9.22
C GLY A 53 -6.28 -5.70 -9.87
N ILE A 54 -5.10 -5.53 -9.28
CA ILE A 54 -3.89 -6.13 -9.81
C ILE A 54 -3.64 -7.51 -9.18
N ASN A 55 -2.40 -7.96 -9.20
CA ASN A 55 -2.03 -9.25 -8.63
C ASN A 55 -0.76 -9.13 -7.81
N VAL A 56 -0.91 -9.11 -6.49
CA VAL A 56 0.25 -9.00 -5.60
C VAL A 56 0.59 -10.37 -5.02
N ASP A 57 1.80 -10.83 -5.31
CA ASP A 57 2.26 -12.12 -4.82
C ASP A 57 2.79 -12.00 -3.40
N GLU A 58 2.56 -13.04 -2.59
CA GLU A 58 3.03 -13.04 -1.21
C GLU A 58 4.52 -12.74 -1.16
N ASP A 59 5.21 -12.98 -2.27
CA ASP A 59 6.64 -12.74 -2.32
C ASP A 59 6.91 -11.25 -2.49
N LYS A 60 5.94 -10.53 -3.01
CA LYS A 60 6.08 -9.09 -3.23
C LYS A 60 5.52 -8.31 -2.05
N ALA A 61 4.63 -8.94 -1.29
CA ALA A 61 4.02 -8.28 -0.13
C ALA A 61 4.54 -8.89 1.16
N GLN A 62 5.85 -9.13 1.21
CA GLN A 62 6.48 -9.72 2.40
C GLN A 62 7.48 -8.75 3.01
N ASP A 63 8.14 -7.97 2.16
CA ASP A 63 9.14 -7.00 2.64
C ASP A 63 9.09 -5.71 1.81
N ILE A 64 7.92 -5.08 1.79
CA ILE A 64 7.74 -3.83 1.05
C ILE A 64 8.08 -2.64 1.92
N SER A 65 8.94 -1.76 1.39
CA SER A 65 9.34 -0.56 2.09
C SER A 65 8.14 0.34 2.30
N THR A 66 8.40 1.55 2.75
CA THR A 66 7.34 2.52 3.01
C THR A 66 6.41 2.61 1.81
N ILE A 67 5.52 3.60 1.84
CA ILE A 67 4.57 3.77 0.75
C ILE A 67 5.29 3.99 -0.57
N GLN A 68 6.33 4.82 -0.55
CA GLN A 68 7.08 5.12 -1.77
C GLN A 68 7.36 3.84 -2.55
N GLN A 69 7.84 2.81 -1.87
CA GLN A 69 8.13 1.54 -2.53
C GLN A 69 6.85 0.83 -2.96
N ALA A 70 5.86 0.86 -2.09
CA ALA A 70 4.60 0.19 -2.38
C ALA A 70 3.96 0.76 -3.63
N ALA A 71 4.01 2.09 -3.75
CA ALA A 71 3.43 2.75 -4.90
C ALA A 71 4.13 2.29 -6.18
N ASP A 72 5.45 2.17 -6.11
CA ASP A 72 6.23 1.74 -7.27
C ASP A 72 5.88 0.31 -7.65
N VAL A 73 5.73 -0.55 -6.65
CA VAL A 73 5.41 -1.95 -6.91
C VAL A 73 4.09 -2.07 -7.64
N ILE A 74 3.08 -1.32 -7.18
CA ILE A 74 1.77 -1.37 -7.80
C ILE A 74 1.86 -0.92 -9.26
N GLU A 75 2.62 0.14 -9.50
CA GLU A 75 2.78 0.66 -10.86
C GLU A 75 3.22 -0.45 -11.80
N GLY A 76 4.20 -1.24 -11.37
CA GLY A 76 4.69 -2.34 -12.18
C GLY A 76 3.62 -3.41 -12.37
N LEU A 77 2.80 -3.58 -11.34
CA LEU A 77 1.75 -4.59 -11.39
C LEU A 77 0.56 -4.07 -12.21
N LEU A 78 0.61 -2.80 -12.57
CA LEU A 78 -0.46 -2.21 -13.38
C LEU A 78 -0.09 -2.24 -14.86
N GLU A 79 1.14 -2.59 -15.14
CA GLU A 79 1.61 -2.61 -16.52
C GLU A 79 0.95 -3.73 -17.31
N LYS A 80 1.15 -4.96 -16.83
CA LYS A 80 0.62 -6.15 -17.51
C LYS A 80 -0.58 -6.73 -16.75
N LYS A 81 -0.59 -6.52 -15.44
CA LYS A 81 -1.67 -7.02 -14.60
C LYS A 81 -2.59 -5.89 -14.18
N ALA A 82 -3.86 -6.22 -14.00
CA ALA A 82 -4.84 -5.21 -13.60
C ALA A 82 -6.22 -5.84 -13.46
N ALA A 1 7.73 6.13 -7.85
CA ALA A 1 6.36 5.84 -8.33
C ALA A 1 5.65 7.15 -8.66
N LYS A 2 4.40 7.06 -9.10
CA LYS A 2 3.61 8.24 -9.46
C LYS A 2 2.80 8.71 -8.26
N LYS A 3 2.54 10.02 -8.21
CA LYS A 3 1.79 10.58 -7.11
C LYS A 3 0.39 9.97 -7.03
N GLU A 4 -0.21 9.73 -8.19
CA GLU A 4 -1.54 9.15 -8.24
C GLU A 4 -1.57 7.80 -7.53
N THR A 5 -0.58 6.96 -7.81
CA THR A 5 -0.50 5.64 -7.20
C THR A 5 -0.15 5.76 -5.72
N ILE A 6 0.79 6.64 -5.40
CA ILE A 6 1.21 6.85 -4.03
C ILE A 6 0.04 7.32 -3.18
N ASP A 7 -0.73 8.26 -3.69
CA ASP A 7 -1.87 8.78 -2.95
C ASP A 7 -2.87 7.67 -2.68
N LYS A 8 -3.04 6.80 -3.68
CA LYS A 8 -3.98 5.69 -3.55
C LYS A 8 -3.52 4.72 -2.46
N VAL A 9 -2.24 4.38 -2.49
CA VAL A 9 -1.70 3.45 -1.52
C VAL A 9 -1.86 3.99 -0.10
N SER A 10 -1.52 5.26 0.08
CA SER A 10 -1.62 5.86 1.38
C SER A 10 -3.05 5.78 1.91
N ASP A 11 -4.01 6.12 1.04
CA ASP A 11 -5.42 6.09 1.42
C ASP A 11 -5.81 4.72 1.93
N ILE A 12 -5.36 3.68 1.23
CA ILE A 12 -5.67 2.33 1.65
C ILE A 12 -5.22 2.09 3.07
N VAL A 13 -4.01 2.50 3.39
CA VAL A 13 -3.46 2.28 4.72
C VAL A 13 -4.25 3.07 5.76
N LYS A 14 -4.57 4.32 5.43
CA LYS A 14 -5.29 5.18 6.36
C LYS A 14 -6.67 4.59 6.68
N GLU A 15 -7.31 4.03 5.67
CA GLU A 15 -8.63 3.44 5.84
C GLU A 15 -8.59 2.29 6.85
N LYS A 16 -7.43 1.71 7.03
CA LYS A 16 -7.28 0.59 7.95
C LYS A 16 -7.58 1.04 9.38
N LEU A 17 -7.06 2.20 9.76
CA LEU A 17 -7.29 2.73 11.11
C LEU A 17 -8.30 3.87 11.05
N ALA A 18 -8.85 4.10 9.86
CA ALA A 18 -9.84 5.17 9.68
C ALA A 18 -9.19 6.55 9.77
N LEU A 19 -8.27 6.83 8.86
CA LEU A 19 -7.58 8.13 8.83
C LEU A 19 -7.80 8.81 7.48
N GLY A 20 -6.99 9.84 7.23
CA GLY A 20 -7.08 10.59 5.98
C GLY A 20 -7.92 11.85 6.18
N ALA A 21 -8.20 12.19 7.44
CA ALA A 21 -8.98 13.38 7.74
C ALA A 21 -8.09 14.62 7.73
N ASP A 22 -7.41 14.85 8.86
CA ASP A 22 -6.52 16.01 8.99
C ASP A 22 -5.07 15.55 9.22
N VAL A 23 -4.81 14.28 8.95
CA VAL A 23 -3.48 13.72 9.13
C VAL A 23 -2.65 13.87 7.86
N VAL A 24 -1.42 14.36 8.01
CA VAL A 24 -0.53 14.56 6.87
C VAL A 24 -0.20 13.21 6.23
N VAL A 25 -0.10 13.21 4.91
CA VAL A 25 0.21 11.98 4.17
C VAL A 25 1.49 12.16 3.36
N THR A 26 2.40 11.19 3.46
CA THR A 26 3.66 11.24 2.73
C THR A 26 4.02 9.85 2.21
N ALA A 27 4.79 9.82 1.13
CA ALA A 27 5.21 8.55 0.53
C ALA A 27 6.21 7.83 1.43
N ASP A 28 6.90 8.61 2.27
CA ASP A 28 7.89 8.06 3.18
C ASP A 28 7.34 7.96 4.59
N SER A 29 6.02 7.99 4.70
CA SER A 29 5.37 7.92 6.01
C SER A 29 5.59 6.56 6.65
N GLU A 30 6.08 5.61 5.87
CA GLU A 30 6.33 4.27 6.38
C GLU A 30 5.04 3.68 6.95
N PHE A 31 4.25 3.05 6.07
CA PHE A 31 2.99 2.45 6.49
C PHE A 31 3.19 1.60 7.74
N SER A 32 4.45 1.32 8.07
CA SER A 32 4.76 0.51 9.24
C SER A 32 6.13 0.89 9.79
N LYS A 33 6.31 0.72 11.10
CA LYS A 33 7.57 1.04 11.75
C LYS A 33 8.46 -0.18 11.83
N LEU A 34 8.13 -1.09 12.73
CA LEU A 34 8.92 -2.30 12.88
C LEU A 34 8.90 -3.12 11.61
N GLY A 35 7.72 -3.24 11.01
CA GLY A 35 7.57 -4.02 9.78
C GLY A 35 7.49 -5.52 10.08
N ALA A 36 7.16 -5.85 11.33
CA ALA A 36 7.06 -7.25 11.73
C ALA A 36 6.28 -7.37 13.04
N ASP A 37 5.64 -6.28 13.45
CA ASP A 37 4.87 -6.28 14.68
C ASP A 37 3.71 -7.27 14.59
N SER A 38 3.05 -7.29 13.44
CA SER A 38 1.92 -8.19 13.23
C SER A 38 1.68 -8.43 11.75
N LEU A 39 0.84 -9.40 11.43
CA LEU A 39 0.54 -9.71 10.04
C LEU A 39 -0.19 -8.55 9.38
N ASP A 40 -1.50 -8.66 9.28
CA ASP A 40 -2.31 -7.62 8.66
C ASP A 40 -1.91 -7.42 7.20
N THR A 41 -0.88 -8.15 6.77
CA THR A 41 -0.40 -8.04 5.40
C THR A 41 -1.49 -8.46 4.43
N VAL A 42 -2.24 -9.50 4.79
CA VAL A 42 -3.30 -10.00 3.93
C VAL A 42 -4.34 -8.91 3.67
N GLU A 43 -4.56 -8.05 4.66
CA GLU A 43 -5.52 -6.97 4.51
C GLU A 43 -5.00 -5.89 3.55
N ILE A 44 -3.75 -5.48 3.74
CA ILE A 44 -3.15 -4.43 2.91
C ILE A 44 -2.99 -4.88 1.46
N VAL A 45 -2.43 -6.07 1.27
CA VAL A 45 -2.22 -6.58 -0.08
C VAL A 45 -3.52 -6.70 -0.83
N MET A 46 -4.53 -7.23 -0.17
CA MET A 46 -5.83 -7.40 -0.80
C MET A 46 -6.44 -6.05 -1.14
N ASN A 47 -6.29 -5.09 -0.26
CA ASN A 47 -6.83 -3.77 -0.50
C ASN A 47 -6.17 -3.15 -1.73
N LEU A 48 -4.85 -3.25 -1.80
CA LEU A 48 -4.12 -2.71 -2.95
C LEU A 48 -4.44 -3.50 -4.21
N GLU A 49 -4.46 -4.82 -4.07
CA GLU A 49 -4.75 -5.69 -5.20
C GLU A 49 -6.19 -5.49 -5.66
N GLU A 50 -7.10 -5.38 -4.69
CA GLU A 50 -8.51 -5.19 -5.00
C GLU A 50 -8.74 -3.79 -5.58
N GLU A 51 -8.10 -2.79 -4.99
CA GLU A 51 -8.26 -1.41 -5.46
C GLU A 51 -7.78 -1.28 -6.90
N PHE A 52 -6.58 -1.80 -7.18
CA PHE A 52 -6.02 -1.72 -8.52
C PHE A 52 -6.41 -2.93 -9.35
N GLY A 53 -7.04 -3.91 -8.69
CA GLY A 53 -7.49 -5.11 -9.38
C GLY A 53 -6.31 -5.80 -10.08
N ILE A 54 -5.14 -5.76 -9.45
CA ILE A 54 -3.95 -6.38 -10.01
C ILE A 54 -3.70 -7.74 -9.35
N ASN A 55 -2.45 -8.19 -9.38
CA ASN A 55 -2.08 -9.47 -8.78
C ASN A 55 -0.80 -9.33 -7.98
N VAL A 56 -0.92 -9.38 -6.65
CA VAL A 56 0.24 -9.25 -5.77
C VAL A 56 0.59 -10.61 -5.17
N ASP A 57 1.81 -11.06 -5.41
CA ASP A 57 2.26 -12.34 -4.89
C ASP A 57 2.77 -12.19 -3.45
N GLU A 58 2.55 -13.22 -2.64
CA GLU A 58 2.98 -13.18 -1.25
C GLU A 58 4.48 -12.88 -1.17
N ASP A 59 5.18 -13.08 -2.28
CA ASP A 59 6.61 -12.83 -2.32
C ASP A 59 6.88 -11.35 -2.54
N LYS A 60 5.91 -10.66 -3.13
CA LYS A 60 6.05 -9.23 -3.41
C LYS A 60 5.45 -8.41 -2.27
N ALA A 61 4.71 -9.07 -1.38
CA ALA A 61 4.10 -8.37 -0.25
C ALA A 61 4.56 -9.00 1.05
N GLN A 62 5.86 -9.23 1.16
CA GLN A 62 6.44 -9.83 2.37
C GLN A 62 7.43 -8.87 3.03
N ASP A 63 8.21 -8.17 2.21
CA ASP A 63 9.21 -7.23 2.71
C ASP A 63 9.22 -5.95 1.87
N ILE A 64 8.05 -5.32 1.75
CA ILE A 64 7.93 -4.08 0.98
C ILE A 64 8.20 -2.88 1.86
N SER A 65 9.05 -1.98 1.35
CA SER A 65 9.41 -0.77 2.09
C SER A 65 8.21 0.15 2.18
N THR A 66 8.44 1.35 2.69
CA THR A 66 7.38 2.33 2.83
C THR A 66 6.53 2.42 1.57
N ILE A 67 5.63 3.40 1.54
CA ILE A 67 4.75 3.56 0.40
C ILE A 67 5.56 3.75 -0.88
N GLN A 68 6.63 4.53 -0.80
CA GLN A 68 7.47 4.81 -1.97
C GLN A 68 7.67 3.54 -2.80
N GLN A 69 8.18 2.49 -2.17
CA GLN A 69 8.41 1.23 -2.88
C GLN A 69 7.09 0.55 -3.21
N ALA A 70 6.15 0.59 -2.27
CA ALA A 70 4.86 -0.04 -2.47
C ALA A 70 4.20 0.49 -3.74
N ALA A 71 4.22 1.80 -3.92
CA ALA A 71 3.61 2.42 -5.09
C ALA A 71 4.31 1.94 -6.35
N ASP A 72 5.63 1.80 -6.29
CA ASP A 72 6.40 1.35 -7.44
C ASP A 72 6.03 -0.07 -7.82
N VAL A 73 5.83 -0.92 -6.81
CA VAL A 73 5.48 -2.31 -7.04
C VAL A 73 4.15 -2.40 -7.80
N ILE A 74 3.18 -1.62 -7.36
CA ILE A 74 1.87 -1.62 -7.99
C ILE A 74 1.97 -1.17 -9.44
N GLU A 75 2.76 -0.13 -9.68
CA GLU A 75 2.93 0.38 -11.03
C GLU A 75 3.31 -0.75 -11.99
N GLY A 76 4.27 -1.56 -11.59
CA GLY A 76 4.69 -2.68 -12.42
C GLY A 76 3.58 -3.72 -12.58
N LEU A 77 2.83 -3.92 -11.51
CA LEU A 77 1.74 -4.90 -11.52
C LEU A 77 0.57 -4.39 -12.34
N LEU A 78 0.64 -3.13 -12.72
CA LEU A 78 -0.41 -2.51 -13.53
C LEU A 78 -0.09 -2.62 -15.01
N GLU A 79 1.13 -3.02 -15.32
CA GLU A 79 1.55 -3.14 -16.72
C GLU A 79 0.94 -4.34 -17.40
N LYS A 80 1.30 -5.52 -16.92
CA LYS A 80 0.78 -6.75 -17.49
C LYS A 80 -0.68 -6.95 -17.11
N LYS A 81 -1.01 -6.62 -15.86
CA LYS A 81 -2.37 -6.80 -15.35
C LYS A 81 -2.97 -5.46 -14.94
N ALA A 82 -3.99 -5.03 -15.66
CA ALA A 82 -4.65 -3.76 -15.36
C ALA A 82 -5.17 -3.75 -13.92
N ALA A 1 7.58 6.17 -7.79
CA ALA A 1 6.20 5.87 -8.28
C ALA A 1 5.46 7.18 -8.54
N LYS A 2 4.27 7.08 -9.12
CA LYS A 2 3.47 8.26 -9.42
C LYS A 2 2.69 8.71 -8.19
N LYS A 3 2.44 10.01 -8.11
CA LYS A 3 1.70 10.55 -6.97
C LYS A 3 0.31 9.95 -6.89
N GLU A 4 -0.32 9.79 -8.05
CA GLU A 4 -1.67 9.24 -8.09
C GLU A 4 -1.72 7.87 -7.44
N THR A 5 -0.75 7.02 -7.77
CA THR A 5 -0.70 5.68 -7.21
C THR A 5 -0.34 5.74 -5.73
N ILE A 6 0.61 6.59 -5.38
CA ILE A 6 1.04 6.73 -4.01
C ILE A 6 -0.13 7.13 -3.11
N ASP A 7 -0.93 8.09 -3.58
CA ASP A 7 -2.07 8.55 -2.81
C ASP A 7 -3.03 7.39 -2.55
N LYS A 8 -3.21 6.55 -3.56
CA LYS A 8 -4.11 5.41 -3.42
C LYS A 8 -3.57 4.41 -2.41
N VAL A 9 -2.29 4.08 -2.54
CA VAL A 9 -1.66 3.13 -1.61
C VAL A 9 -1.78 3.63 -0.18
N SER A 10 -1.47 4.90 0.03
CA SER A 10 -1.55 5.49 1.35
C SER A 10 -2.98 5.42 1.87
N ASP A 11 -3.95 5.68 1.00
CA ASP A 11 -5.35 5.67 1.39
C ASP A 11 -5.75 4.28 1.87
N ILE A 12 -5.22 3.25 1.23
CA ILE A 12 -5.55 1.90 1.62
C ILE A 12 -5.21 1.67 3.07
N VAL A 13 -4.01 2.08 3.47
CA VAL A 13 -3.55 1.85 4.83
C VAL A 13 -4.41 2.64 5.81
N LYS A 14 -4.68 3.89 5.46
CA LYS A 14 -5.47 4.75 6.33
C LYS A 14 -6.89 4.22 6.47
N GLU A 15 -7.47 3.76 5.37
CA GLU A 15 -8.82 3.22 5.38
C GLU A 15 -8.95 2.09 6.39
N LYS A 16 -7.83 1.51 6.76
CA LYS A 16 -7.83 0.41 7.71
C LYS A 16 -8.30 0.88 9.07
N LEU A 17 -7.85 2.06 9.47
CA LEU A 17 -8.25 2.63 10.76
C LEU A 17 -9.10 3.87 10.55
N ALA A 18 -9.31 4.23 9.28
CA ALA A 18 -10.13 5.40 8.96
C ALA A 18 -9.35 6.68 9.18
N LEU A 19 -8.38 6.95 8.31
CA LEU A 19 -7.56 8.17 8.42
C LEU A 19 -7.56 8.93 7.11
N GLY A 20 -6.68 9.92 7.02
CA GLY A 20 -6.56 10.73 5.81
C GLY A 20 -7.31 12.03 5.94
N ALA A 21 -7.79 12.31 7.16
CA ALA A 21 -8.53 13.55 7.40
C ALA A 21 -7.58 14.68 7.76
N ASP A 22 -7.17 14.72 9.04
CA ASP A 22 -6.25 15.76 9.49
C ASP A 22 -4.83 15.23 9.55
N VAL A 23 -4.66 13.97 9.17
CA VAL A 23 -3.34 13.34 9.20
C VAL A 23 -2.64 13.53 7.85
N VAL A 24 -1.39 13.99 7.90
CA VAL A 24 -0.62 14.21 6.69
C VAL A 24 -0.22 12.89 6.05
N VAL A 25 -0.32 12.81 4.74
CA VAL A 25 0.04 11.60 4.00
C VAL A 25 1.28 11.84 3.15
N THR A 26 2.23 10.91 3.24
CA THR A 26 3.47 11.02 2.46
C THR A 26 3.86 9.65 1.91
N ALA A 27 4.80 9.66 0.97
CA ALA A 27 5.26 8.42 0.36
C ALA A 27 6.36 7.77 1.20
N ASP A 28 7.20 8.61 1.80
CA ASP A 28 8.30 8.12 2.61
C ASP A 28 7.80 7.70 3.99
N SER A 29 6.51 7.87 4.22
CA SER A 29 5.92 7.51 5.51
C SER A 29 5.68 6.01 5.59
N GLU A 30 6.62 5.29 6.19
CA GLU A 30 6.49 3.85 6.33
C GLU A 30 5.09 3.48 6.79
N PHE A 31 4.43 2.62 6.02
CA PHE A 31 3.07 2.20 6.37
C PHE A 31 3.09 1.34 7.63
N SER A 32 2.12 1.59 8.51
CA SER A 32 2.04 0.84 9.76
C SER A 32 3.35 0.91 10.53
N LYS A 33 3.94 2.11 10.55
CA LYS A 33 5.20 2.31 11.25
C LYS A 33 5.03 2.04 12.75
N LEU A 34 3.92 2.52 13.30
CA LEU A 34 3.66 2.33 14.73
C LEU A 34 3.55 0.85 15.07
N GLY A 35 2.86 0.10 14.21
CA GLY A 35 2.69 -1.33 14.43
C GLY A 35 1.72 -1.60 15.56
N ALA A 36 1.12 -0.53 16.09
CA ALA A 36 0.17 -0.67 17.18
C ALA A 36 -1.05 -1.48 16.75
N ASP A 37 -1.56 -1.17 15.55
CA ASP A 37 -2.72 -1.88 15.03
C ASP A 37 -2.32 -3.26 14.51
N SER A 38 -1.04 -3.41 14.19
CA SER A 38 -0.54 -4.68 13.68
C SER A 38 -1.48 -5.24 12.62
N LEU A 39 -1.62 -4.51 11.52
CA LEU A 39 -2.50 -4.94 10.44
C LEU A 39 -1.90 -6.14 9.71
N ASP A 40 -2.75 -7.09 9.36
CA ASP A 40 -2.30 -8.29 8.67
C ASP A 40 -1.90 -7.97 7.24
N THR A 41 -0.85 -8.62 6.76
CA THR A 41 -0.39 -8.41 5.39
C THR A 41 -1.44 -8.84 4.38
N VAL A 42 -2.23 -9.83 4.75
CA VAL A 42 -3.28 -10.33 3.87
C VAL A 42 -4.32 -9.26 3.62
N GLU A 43 -4.57 -8.43 4.63
CA GLU A 43 -5.55 -7.35 4.49
C GLU A 43 -5.03 -6.24 3.59
N ILE A 44 -3.81 -5.78 3.87
CA ILE A 44 -3.22 -4.70 3.11
C ILE A 44 -3.01 -5.10 1.65
N VAL A 45 -2.39 -6.26 1.45
CA VAL A 45 -2.11 -6.74 0.11
C VAL A 45 -3.41 -6.91 -0.68
N MET A 46 -4.41 -7.51 -0.05
CA MET A 46 -5.68 -7.76 -0.70
C MET A 46 -6.34 -6.44 -1.08
N ASN A 47 -6.22 -5.45 -0.21
CA ASN A 47 -6.82 -4.15 -0.47
C ASN A 47 -6.24 -3.52 -1.73
N LEU A 48 -4.91 -3.53 -1.82
CA LEU A 48 -4.25 -2.96 -2.99
C LEU A 48 -4.57 -3.77 -4.24
N GLU A 49 -4.44 -5.09 -4.13
CA GLU A 49 -4.72 -5.96 -5.26
C GLU A 49 -6.17 -5.83 -5.69
N GLU A 50 -7.06 -5.62 -4.73
CA GLU A 50 -8.47 -5.47 -5.01
C GLU A 50 -8.76 -4.08 -5.59
N GLU A 51 -8.27 -3.06 -4.91
CA GLU A 51 -8.50 -1.68 -5.35
C GLU A 51 -7.92 -1.47 -6.75
N PHE A 52 -6.63 -1.75 -6.89
CA PHE A 52 -5.96 -1.60 -8.18
C PHE A 52 -6.49 -2.62 -9.19
N GLY A 53 -6.82 -3.81 -8.69
CA GLY A 53 -7.32 -4.87 -9.55
C GLY A 53 -6.18 -5.60 -10.25
N ILE A 54 -5.09 -5.83 -9.52
CA ILE A 54 -3.92 -6.52 -10.07
C ILE A 54 -3.72 -7.87 -9.41
N ASN A 55 -2.50 -8.38 -9.45
CA ASN A 55 -2.17 -9.67 -8.85
C ASN A 55 -0.87 -9.57 -8.08
N VAL A 56 -0.97 -9.65 -6.74
CA VAL A 56 0.21 -9.57 -5.89
C VAL A 56 0.51 -10.91 -5.24
N ASP A 57 1.76 -11.35 -5.34
CA ASP A 57 2.17 -12.63 -4.76
C ASP A 57 2.65 -12.42 -3.33
N GLU A 58 2.66 -13.50 -2.56
CA GLU A 58 3.10 -13.43 -1.16
C GLU A 58 4.58 -13.07 -1.10
N ASP A 59 5.36 -13.61 -2.02
CA ASP A 59 6.79 -13.34 -2.05
C ASP A 59 7.06 -11.89 -2.42
N LYS A 60 6.05 -11.24 -2.99
CA LYS A 60 6.17 -9.85 -3.38
C LYS A 60 5.69 -8.93 -2.28
N ALA A 61 4.75 -9.42 -1.47
CA ALA A 61 4.21 -8.63 -0.36
C ALA A 61 4.64 -9.23 0.97
N GLN A 62 5.93 -9.48 1.10
CA GLN A 62 6.47 -10.05 2.34
C GLN A 62 7.45 -9.10 3.00
N ASP A 63 8.12 -8.29 2.18
CA ASP A 63 9.10 -7.32 2.69
C ASP A 63 9.12 -6.08 1.82
N ILE A 64 7.99 -5.41 1.70
CA ILE A 64 7.89 -4.19 0.91
C ILE A 64 8.22 -2.97 1.76
N SER A 65 9.13 -2.14 1.25
CA SER A 65 9.54 -0.93 1.95
C SER A 65 8.35 0.03 2.06
N THR A 66 8.64 1.25 2.50
CA THR A 66 7.60 2.26 2.65
C THR A 66 6.70 2.30 1.43
N ILE A 67 5.79 3.26 1.41
CA ILE A 67 4.85 3.40 0.31
C ILE A 67 5.60 3.59 -1.01
N GLN A 68 6.65 4.39 -0.98
CA GLN A 68 7.43 4.66 -2.19
C GLN A 68 7.62 3.38 -3.00
N GLN A 69 8.21 2.37 -2.37
CA GLN A 69 8.44 1.11 -3.05
C GLN A 69 7.12 0.42 -3.39
N ALA A 70 6.20 0.41 -2.43
CA ALA A 70 4.91 -0.22 -2.66
C ALA A 70 4.23 0.35 -3.90
N ALA A 71 4.22 1.67 -4.00
CA ALA A 71 3.60 2.32 -5.15
C ALA A 71 4.32 1.94 -6.43
N ASP A 72 5.64 1.90 -6.38
CA ASP A 72 6.43 1.55 -7.55
C ASP A 72 6.17 0.11 -7.98
N VAL A 73 6.07 -0.78 -7.01
CA VAL A 73 5.83 -2.18 -7.28
C VAL A 73 4.46 -2.37 -7.95
N ILE A 74 3.46 -1.67 -7.43
CA ILE A 74 2.11 -1.77 -7.97
C ILE A 74 2.09 -1.29 -9.42
N GLU A 75 2.77 -0.18 -9.69
CA GLU A 75 2.80 0.37 -11.03
C GLU A 75 3.13 -0.72 -12.05
N GLY A 76 4.18 -1.49 -11.76
CA GLY A 76 4.58 -2.56 -12.66
C GLY A 76 3.48 -3.63 -12.77
N LEU A 77 2.69 -3.76 -11.72
CA LEU A 77 1.61 -4.73 -11.71
C LEU A 77 0.38 -4.18 -12.41
N LEU A 78 0.40 -2.89 -12.70
CA LEU A 78 -0.71 -2.24 -13.39
C LEU A 78 -0.48 -2.22 -14.89
N GLU A 79 0.78 -2.41 -15.29
CA GLU A 79 1.11 -2.39 -16.70
C GLU A 79 0.24 -3.38 -17.47
N LYS A 80 0.33 -4.65 -17.11
CA LYS A 80 -0.45 -5.68 -17.79
C LYS A 80 -0.52 -6.94 -16.95
N LYS A 81 0.17 -6.93 -15.82
CA LYS A 81 0.19 -8.09 -14.94
C LYS A 81 -1.02 -8.07 -14.01
N ALA A 82 -1.77 -9.16 -14.01
CA ALA A 82 -2.95 -9.26 -13.15
C ALA A 82 -3.43 -10.70 -13.09
N ALA A 1 7.42 5.60 -8.75
CA ALA A 1 5.95 5.34 -8.78
C ALA A 1 5.20 6.64 -9.07
N LYS A 2 4.01 6.52 -9.64
CA LYS A 2 3.20 7.69 -9.96
C LYS A 2 2.57 8.27 -8.70
N LYS A 3 2.35 9.58 -8.69
CA LYS A 3 1.75 10.23 -7.53
C LYS A 3 0.36 9.67 -7.26
N GLU A 4 -0.40 9.44 -8.33
CA GLU A 4 -1.75 8.92 -8.18
C GLU A 4 -1.73 7.58 -7.46
N THR A 5 -0.79 6.72 -7.85
CA THR A 5 -0.67 5.40 -7.24
C THR A 5 -0.21 5.53 -5.78
N ILE A 6 0.74 6.41 -5.55
CA ILE A 6 1.27 6.63 -4.21
C ILE A 6 0.16 7.09 -3.27
N ASP A 7 -0.65 8.02 -3.72
CA ASP A 7 -1.74 8.54 -2.90
C ASP A 7 -2.73 7.43 -2.58
N LYS A 8 -2.96 6.57 -3.55
CA LYS A 8 -3.89 5.46 -3.38
C LYS A 8 -3.40 4.49 -2.32
N VAL A 9 -2.13 4.14 -2.40
CA VAL A 9 -1.56 3.20 -1.45
C VAL A 9 -1.70 3.72 -0.03
N SER A 10 -1.33 4.98 0.15
CA SER A 10 -1.42 5.59 1.46
C SER A 10 -2.85 5.59 1.96
N ASP A 11 -3.77 5.94 1.07
CA ASP A 11 -5.19 6.00 1.43
C ASP A 11 -5.63 4.69 2.04
N ILE A 12 -5.19 3.58 1.45
CA ILE A 12 -5.57 2.28 1.97
C ILE A 12 -5.10 2.13 3.42
N VAL A 13 -3.86 2.53 3.67
CA VAL A 13 -3.31 2.39 5.01
C VAL A 13 -4.11 3.21 6.02
N LYS A 14 -4.45 4.44 5.64
CA LYS A 14 -5.20 5.32 6.53
C LYS A 14 -6.59 4.74 6.82
N GLU A 15 -7.20 4.14 5.80
CA GLU A 15 -8.53 3.57 5.96
C GLU A 15 -8.56 2.56 7.10
N LYS A 16 -7.56 1.70 7.18
CA LYS A 16 -7.52 0.70 8.22
C LYS A 16 -7.80 1.34 9.59
N LEU A 17 -7.07 2.40 9.90
CA LEU A 17 -7.24 3.09 11.15
C LEU A 17 -8.34 4.13 11.03
N ALA A 18 -8.91 4.21 9.84
CA ALA A 18 -9.97 5.15 9.59
C ALA A 18 -9.42 6.56 9.61
N LEU A 19 -8.19 6.71 9.16
CA LEU A 19 -7.52 8.00 9.14
C LEU A 19 -7.80 8.73 7.82
N GLY A 20 -7.03 9.77 7.57
CA GLY A 20 -7.17 10.57 6.35
C GLY A 20 -8.04 11.79 6.61
N ALA A 21 -8.40 12.02 7.87
CA ALA A 21 -9.24 13.16 8.22
C ALA A 21 -8.40 14.43 8.26
N ASP A 22 -7.63 14.60 9.33
CA ASP A 22 -6.77 15.79 9.49
C ASP A 22 -5.31 15.38 9.52
N VAL A 23 -5.04 14.10 9.30
CA VAL A 23 -3.67 13.60 9.30
C VAL A 23 -3.04 13.75 7.93
N VAL A 24 -1.81 14.27 7.90
CA VAL A 24 -1.10 14.47 6.64
C VAL A 24 -0.74 13.13 6.03
N VAL A 25 -0.54 13.12 4.72
CA VAL A 25 -0.18 11.89 4.00
C VAL A 25 1.14 12.07 3.27
N THR A 26 2.05 11.12 3.46
CA THR A 26 3.36 11.17 2.83
C THR A 26 3.73 9.79 2.28
N ALA A 27 4.63 9.77 1.30
CA ALA A 27 5.07 8.51 0.70
C ALA A 27 6.24 7.92 1.49
N ASP A 28 7.03 8.79 2.09
CA ASP A 28 8.19 8.33 2.86
C ASP A 28 7.76 7.89 4.24
N SER A 29 6.46 7.97 4.51
CA SER A 29 5.94 7.57 5.82
C SER A 29 5.64 6.09 5.82
N GLU A 30 6.57 5.30 6.35
CA GLU A 30 6.40 3.86 6.40
C GLU A 30 4.99 3.50 6.85
N PHE A 31 4.30 2.69 6.04
CA PHE A 31 2.93 2.30 6.35
C PHE A 31 2.88 1.61 7.71
N SER A 32 3.92 0.85 8.02
CA SER A 32 3.98 0.13 9.29
C SER A 32 3.99 1.11 10.45
N LYS A 33 3.36 0.74 11.56
CA LYS A 33 3.28 1.59 12.75
C LYS A 33 4.11 0.99 13.88
N LEU A 34 4.74 1.86 14.65
CA LEU A 34 5.57 1.43 15.77
C LEU A 34 4.74 1.27 17.03
N GLY A 35 4.94 0.16 17.73
CA GLY A 35 4.20 -0.11 18.95
C GLY A 35 2.94 -0.93 18.66
N ALA A 36 2.70 -1.18 17.38
CA ALA A 36 1.52 -1.97 16.99
C ALA A 36 1.72 -3.44 17.35
N ASP A 37 0.66 -4.08 17.82
CA ASP A 37 0.72 -5.48 18.19
C ASP A 37 1.08 -6.34 16.99
N SER A 38 0.38 -6.11 15.88
CA SER A 38 0.64 -6.87 14.67
C SER A 38 0.06 -6.15 13.46
N LEU A 39 0.54 -6.52 12.27
CA LEU A 39 0.06 -5.90 11.03
C LEU A 39 -0.61 -6.94 10.14
N ASP A 40 -1.79 -6.60 9.63
CA ASP A 40 -2.53 -7.51 8.76
C ASP A 40 -2.08 -7.36 7.32
N THR A 41 -1.06 -8.12 6.94
CA THR A 41 -0.53 -8.08 5.57
C THR A 41 -1.59 -8.54 4.59
N VAL A 42 -2.39 -9.53 4.99
CA VAL A 42 -3.45 -10.06 4.13
C VAL A 42 -4.49 -8.98 3.82
N GLU A 43 -4.79 -8.15 4.81
CA GLU A 43 -5.77 -7.10 4.60
C GLU A 43 -5.20 -5.99 3.72
N ILE A 44 -3.97 -5.58 4.01
CA ILE A 44 -3.34 -4.50 3.24
C ILE A 44 -3.12 -4.89 1.79
N VAL A 45 -2.57 -6.08 1.57
CA VAL A 45 -2.30 -6.54 0.22
C VAL A 45 -3.58 -6.66 -0.60
N MET A 46 -4.59 -7.24 0.01
CA MET A 46 -5.86 -7.42 -0.68
C MET A 46 -6.46 -6.08 -1.06
N ASN A 47 -6.35 -5.10 -0.17
CA ASN A 47 -6.90 -3.80 -0.44
C ASN A 47 -6.23 -3.19 -1.66
N LEU A 48 -4.90 -3.31 -1.73
CA LEU A 48 -4.16 -2.76 -2.86
C LEU A 48 -4.44 -3.55 -4.12
N GLU A 49 -4.46 -4.88 -3.99
CA GLU A 49 -4.72 -5.74 -5.12
C GLU A 49 -6.16 -5.58 -5.59
N GLU A 50 -7.08 -5.50 -4.64
CA GLU A 50 -8.49 -5.34 -4.97
C GLU A 50 -8.75 -3.97 -5.60
N GLU A 51 -8.12 -2.94 -5.03
CA GLU A 51 -8.31 -1.58 -5.54
C GLU A 51 -7.82 -1.48 -6.98
N PHE A 52 -6.57 -1.91 -7.22
CA PHE A 52 -6.00 -1.86 -8.55
C PHE A 52 -6.36 -3.11 -9.34
N GLY A 53 -7.01 -4.06 -8.67
CA GLY A 53 -7.42 -5.31 -9.33
C GLY A 53 -6.23 -5.99 -9.98
N ILE A 54 -5.04 -5.78 -9.42
CA ILE A 54 -3.83 -6.38 -9.97
C ILE A 54 -3.59 -7.75 -9.35
N ASN A 55 -2.38 -8.27 -9.55
CA ASN A 55 -2.02 -9.59 -9.01
C ASN A 55 -0.75 -9.47 -8.17
N VAL A 56 -0.93 -9.53 -6.84
CA VAL A 56 0.21 -9.43 -5.93
C VAL A 56 0.48 -10.79 -5.28
N ASP A 57 1.73 -11.23 -5.36
CA ASP A 57 2.12 -12.51 -4.79
C ASP A 57 2.60 -12.32 -3.37
N GLU A 58 2.40 -13.34 -2.54
CA GLU A 58 2.83 -13.28 -1.14
C GLU A 58 4.31 -12.97 -1.05
N ASP A 59 5.02 -13.18 -2.15
CA ASP A 59 6.45 -12.92 -2.18
C ASP A 59 6.71 -11.45 -2.41
N LYS A 60 5.71 -10.76 -2.97
CA LYS A 60 5.84 -9.34 -3.25
C LYS A 60 5.23 -8.51 -2.13
N ALA A 61 4.54 -9.17 -1.22
CA ALA A 61 3.90 -8.47 -0.09
C ALA A 61 4.38 -9.06 1.22
N GLN A 62 5.67 -9.42 1.28
CA GLN A 62 6.25 -10.00 2.50
C GLN A 62 7.33 -9.08 3.06
N ASP A 63 8.01 -8.37 2.17
CA ASP A 63 9.08 -7.45 2.58
C ASP A 63 9.07 -6.17 1.75
N ILE A 64 7.92 -5.51 1.72
CA ILE A 64 7.77 -4.26 0.97
C ILE A 64 8.15 -3.06 1.85
N SER A 65 9.01 -2.22 1.31
CA SER A 65 9.45 -1.03 2.03
C SER A 65 8.31 -0.04 2.14
N THR A 66 8.61 1.16 2.62
CA THR A 66 7.61 2.20 2.80
C THR A 66 6.67 2.29 1.60
N ILE A 67 5.80 3.28 1.61
CA ILE A 67 4.86 3.43 0.52
C ILE A 67 5.60 3.63 -0.81
N GLN A 68 6.63 4.45 -0.80
CA GLN A 68 7.39 4.72 -2.01
C GLN A 68 7.61 3.45 -2.83
N GLN A 69 8.20 2.43 -2.20
CA GLN A 69 8.44 1.17 -2.89
C GLN A 69 7.13 0.46 -3.21
N ALA A 70 6.21 0.47 -2.26
CA ALA A 70 4.93 -0.19 -2.46
C ALA A 70 4.23 0.33 -3.72
N ALA A 71 4.25 1.65 -3.89
CA ALA A 71 3.62 2.26 -5.05
C ALA A 71 4.31 1.80 -6.33
N ASP A 72 5.63 1.65 -6.27
CA ASP A 72 6.38 1.23 -7.44
C ASP A 72 6.00 -0.19 -7.84
N VAL A 73 5.76 -1.04 -6.85
CA VAL A 73 5.39 -2.42 -7.12
C VAL A 73 4.06 -2.49 -7.87
N ILE A 74 3.09 -1.70 -7.42
CA ILE A 74 1.79 -1.69 -8.05
C ILE A 74 1.91 -1.24 -9.50
N GLU A 75 2.68 -0.20 -9.73
CA GLU A 75 2.86 0.31 -11.08
C GLU A 75 3.41 -0.79 -11.99
N GLY A 76 4.36 -1.55 -11.48
CA GLY A 76 4.95 -2.65 -12.24
C GLY A 76 3.96 -3.76 -12.45
N LEU A 77 2.96 -3.82 -11.56
CA LEU A 77 1.93 -4.86 -11.65
C LEU A 77 0.80 -4.45 -12.57
N LEU A 78 0.79 -3.18 -12.95
CA LEU A 78 -0.25 -2.65 -13.84
C LEU A 78 0.24 -2.60 -15.27
N GLU A 79 1.52 -2.87 -15.47
CA GLU A 79 2.11 -2.80 -16.80
C GLU A 79 1.41 -3.73 -17.78
N LYS A 80 1.45 -5.01 -17.45
CA LYS A 80 0.85 -6.03 -18.32
C LYS A 80 -0.68 -5.92 -18.30
N LYS A 81 -1.20 -5.56 -17.15
CA LYS A 81 -2.65 -5.45 -17.00
C LYS A 81 -3.20 -4.37 -17.90
N ALA A 82 -2.44 -3.31 -18.05
CA ALA A 82 -2.85 -2.18 -18.89
C ALA A 82 -1.67 -1.25 -19.17
N ALA A 1 7.36 6.02 -8.23
CA ALA A 1 5.92 5.69 -8.42
C ALA A 1 5.14 6.95 -8.74
N LYS A 2 3.90 6.79 -9.19
CA LYS A 2 3.06 7.94 -9.53
C LYS A 2 2.47 8.55 -8.27
N LYS A 3 2.29 9.85 -8.28
CA LYS A 3 1.74 10.55 -7.12
C LYS A 3 0.35 10.03 -6.77
N GLU A 4 -0.45 9.78 -7.80
CA GLU A 4 -1.80 9.27 -7.58
C GLU A 4 -1.75 7.93 -6.85
N THR A 5 -0.85 7.06 -7.28
CA THR A 5 -0.72 5.75 -6.67
C THR A 5 -0.20 5.88 -5.23
N ILE A 6 0.79 6.74 -5.05
CA ILE A 6 1.36 6.94 -3.73
C ILE A 6 0.29 7.42 -2.75
N ASP A 7 -0.51 8.38 -3.17
CA ASP A 7 -1.55 8.91 -2.31
C ASP A 7 -2.58 7.82 -2.03
N LYS A 8 -2.85 7.00 -3.04
CA LYS A 8 -3.83 5.93 -2.88
C LYS A 8 -3.34 4.89 -1.89
N VAL A 9 -2.08 4.52 -2.01
CA VAL A 9 -1.51 3.53 -1.11
C VAL A 9 -1.58 4.00 0.33
N SER A 10 -1.18 5.24 0.55
CA SER A 10 -1.20 5.81 1.89
C SER A 10 -2.63 5.91 2.39
N ASP A 11 -3.56 6.22 1.50
CA ASP A 11 -4.95 6.37 1.86
C ASP A 11 -5.50 5.08 2.44
N ILE A 12 -5.06 3.96 1.89
CA ILE A 12 -5.53 2.68 2.39
C ILE A 12 -5.22 2.52 3.86
N VAL A 13 -3.99 2.82 4.24
CA VAL A 13 -3.59 2.66 5.63
C VAL A 13 -4.45 3.50 6.56
N LYS A 14 -4.67 4.73 6.17
CA LYS A 14 -5.48 5.64 6.98
C LYS A 14 -6.89 5.10 7.16
N GLU A 15 -7.42 4.49 6.11
CA GLU A 15 -8.77 3.93 6.16
C GLU A 15 -8.88 2.80 7.18
N LYS A 16 -7.81 2.05 7.32
CA LYS A 16 -7.81 0.93 8.25
C LYS A 16 -8.03 1.41 9.68
N LEU A 17 -7.47 2.55 9.99
CA LEU A 17 -7.59 3.13 11.33
C LEU A 17 -8.68 4.19 11.34
N ALA A 18 -9.26 4.44 10.17
CA ALA A 18 -10.32 5.44 10.04
C ALA A 18 -9.75 6.85 10.08
N LEU A 19 -8.74 7.10 9.26
CA LEU A 19 -8.11 8.42 9.19
C LEU A 19 -8.29 9.02 7.81
N GLY A 20 -7.51 10.06 7.52
CA GLY A 20 -7.58 10.75 6.24
C GLY A 20 -8.40 12.02 6.36
N ALA A 21 -8.69 12.42 7.59
CA ALA A 21 -9.48 13.63 7.82
C ALA A 21 -8.56 14.85 7.81
N ASP A 22 -7.91 15.11 8.95
CA ASP A 22 -7.00 16.25 9.09
C ASP A 22 -5.59 15.77 9.41
N VAL A 23 -5.35 14.47 9.23
CA VAL A 23 -4.04 13.90 9.51
C VAL A 23 -3.12 14.02 8.29
N VAL A 24 -1.90 14.47 8.52
CA VAL A 24 -0.93 14.62 7.44
C VAL A 24 -0.52 13.25 6.92
N VAL A 25 -0.44 13.12 5.60
CA VAL A 25 -0.05 11.85 4.97
C VAL A 25 1.20 12.03 4.13
N THR A 26 2.19 11.14 4.34
CA THR A 26 3.45 11.19 3.60
C THR A 26 3.82 9.81 3.10
N ALA A 27 4.56 9.78 1.99
CA ALA A 27 4.97 8.53 1.40
C ALA A 27 6.09 7.89 2.22
N ASP A 28 7.13 8.67 2.49
CA ASP A 28 8.25 8.16 3.26
C ASP A 28 7.88 8.00 4.73
N SER A 29 6.58 7.97 5.00
CA SER A 29 6.10 7.83 6.35
C SER A 29 6.41 6.43 6.91
N GLU A 30 6.92 5.56 6.05
CA GLU A 30 7.25 4.21 6.46
C GLU A 30 6.01 3.52 7.02
N PHE A 31 4.91 3.58 6.28
CA PHE A 31 3.67 2.95 6.72
C PHE A 31 3.44 3.23 8.21
N SER A 32 2.68 4.28 8.50
CA SER A 32 2.41 4.64 9.88
C SER A 32 2.00 3.42 10.69
N LYS A 33 1.18 2.56 10.09
CA LYS A 33 0.73 1.35 10.78
C LYS A 33 1.90 0.41 11.02
N LEU A 34 1.99 -0.11 12.24
CA LEU A 34 3.07 -1.02 12.60
C LEU A 34 3.01 -2.27 11.75
N GLY A 35 1.81 -2.79 11.55
CA GLY A 35 1.63 -3.99 10.74
C GLY A 35 1.96 -5.24 11.55
N ALA A 36 2.40 -5.04 12.79
CA ALA A 36 2.76 -6.16 13.66
C ALA A 36 3.48 -7.25 12.87
N ASP A 37 2.71 -8.18 12.32
CA ASP A 37 3.28 -9.27 11.53
C ASP A 37 2.55 -9.40 10.19
N SER A 38 2.73 -10.53 9.53
CA SER A 38 2.10 -10.76 8.24
C SER A 38 0.58 -10.82 8.38
N LEU A 39 0.12 -10.88 9.61
CA LEU A 39 -1.32 -10.94 9.89
C LEU A 39 -2.00 -9.67 9.40
N ASP A 40 -1.34 -8.54 9.59
CA ASP A 40 -1.90 -7.26 9.16
C ASP A 40 -1.59 -6.98 7.70
N THR A 41 -0.53 -7.61 7.20
CA THR A 41 -0.11 -7.43 5.81
C THR A 41 -1.20 -7.94 4.87
N VAL A 42 -1.79 -9.08 5.20
CA VAL A 42 -2.84 -9.65 4.37
C VAL A 42 -4.01 -8.69 4.21
N GLU A 43 -4.37 -8.04 5.29
CA GLU A 43 -5.47 -7.09 5.26
C GLU A 43 -5.12 -5.86 4.43
N ILE A 44 -3.90 -5.36 4.63
CA ILE A 44 -3.44 -4.17 3.90
C ILE A 44 -3.24 -4.45 2.42
N VAL A 45 -2.53 -5.53 2.12
CA VAL A 45 -2.26 -5.88 0.73
C VAL A 45 -3.57 -6.15 -0.02
N MET A 46 -4.55 -6.68 0.69
CA MET A 46 -5.84 -6.98 0.08
C MET A 46 -6.54 -5.69 -0.35
N ASN A 47 -6.45 -4.67 0.49
CA ASN A 47 -7.09 -3.41 0.17
C ASN A 47 -6.47 -2.81 -1.09
N LEU A 48 -5.14 -2.85 -1.16
CA LEU A 48 -4.45 -2.31 -2.33
C LEU A 48 -4.75 -3.14 -3.56
N GLU A 49 -4.65 -4.45 -3.42
CA GLU A 49 -4.91 -5.35 -4.53
C GLU A 49 -6.37 -5.21 -4.96
N GLU A 50 -7.26 -4.98 -4.00
CA GLU A 50 -8.67 -4.83 -4.29
C GLU A 50 -8.93 -3.49 -4.97
N GLU A 51 -8.36 -2.41 -4.41
CA GLU A 51 -8.54 -1.08 -4.97
C GLU A 51 -7.98 -1.02 -6.39
N PHE A 52 -6.68 -1.30 -6.51
CA PHE A 52 -6.02 -1.28 -7.81
C PHE A 52 -6.54 -2.41 -8.70
N GLY A 53 -6.95 -3.50 -8.06
CA GLY A 53 -7.47 -4.64 -8.79
C GLY A 53 -6.35 -5.42 -9.45
N ILE A 54 -5.14 -5.32 -8.87
CA ILE A 54 -3.98 -6.02 -9.41
C ILE A 54 -3.85 -7.41 -8.78
N ASN A 55 -2.68 -8.02 -8.93
CA ASN A 55 -2.43 -9.35 -8.38
C ASN A 55 -1.04 -9.40 -7.74
N VAL A 56 -0.95 -8.93 -6.49
CA VAL A 56 0.31 -8.94 -5.78
C VAL A 56 0.41 -10.18 -4.89
N ASP A 57 1.54 -10.89 -5.01
CA ASP A 57 1.75 -12.10 -4.22
C ASP A 57 2.34 -11.76 -2.85
N GLU A 58 2.39 -12.75 -1.98
CA GLU A 58 2.94 -12.55 -0.63
C GLU A 58 4.45 -12.34 -0.70
N ASP A 59 5.09 -13.01 -1.65
CA ASP A 59 6.54 -12.90 -1.82
C ASP A 59 6.92 -11.47 -2.17
N LYS A 60 6.03 -10.77 -2.84
CA LYS A 60 6.29 -9.38 -3.24
C LYS A 60 5.71 -8.43 -2.20
N ALA A 61 4.90 -8.96 -1.28
CA ALA A 61 4.29 -8.12 -0.24
C ALA A 61 4.65 -8.65 1.14
N GLN A 62 5.92 -8.96 1.34
CA GLN A 62 6.40 -9.47 2.63
C GLN A 62 7.43 -8.53 3.24
N ASP A 63 8.32 -8.01 2.40
CA ASP A 63 9.37 -7.09 2.86
C ASP A 63 9.42 -5.84 1.98
N ILE A 64 8.30 -5.15 1.88
CA ILE A 64 8.21 -3.93 1.09
C ILE A 64 8.57 -2.70 1.92
N SER A 65 9.44 -1.87 1.37
CA SER A 65 9.85 -0.64 2.04
C SER A 65 8.64 0.25 2.29
N THR A 66 8.91 1.48 2.70
CA THR A 66 7.85 2.44 2.97
C THR A 66 6.85 2.48 1.82
N ILE A 67 5.94 3.43 1.86
CA ILE A 67 4.92 3.54 0.82
C ILE A 67 5.58 3.77 -0.53
N GLN A 68 6.60 4.63 -0.56
CA GLN A 68 7.30 4.91 -1.81
C GLN A 68 7.57 3.62 -2.58
N GLN A 69 8.13 2.62 -1.91
CA GLN A 69 8.43 1.35 -2.54
C GLN A 69 7.14 0.64 -2.92
N ALA A 70 6.15 0.70 -2.04
CA ALA A 70 4.88 0.04 -2.28
C ALA A 70 4.20 0.62 -3.51
N ALA A 71 4.30 1.93 -3.64
CA ALA A 71 3.70 2.61 -4.79
C ALA A 71 4.40 2.20 -6.08
N ASP A 72 5.71 2.09 -6.03
CA ASP A 72 6.48 1.71 -7.20
C ASP A 72 6.20 0.25 -7.58
N VAL A 73 6.13 -0.61 -6.57
CA VAL A 73 5.88 -2.03 -6.81
C VAL A 73 4.49 -2.21 -7.44
N ILE A 74 3.51 -1.51 -6.91
CA ILE A 74 2.15 -1.62 -7.43
C ILE A 74 2.11 -1.15 -8.88
N GLU A 75 2.77 -0.05 -9.17
CA GLU A 75 2.78 0.49 -10.53
C GLU A 75 3.24 -0.58 -11.50
N GLY A 76 4.16 -1.43 -11.04
CA GLY A 76 4.67 -2.51 -11.89
C GLY A 76 3.59 -3.53 -12.17
N LEU A 77 2.64 -3.67 -11.25
CA LEU A 77 1.55 -4.63 -11.41
C LEU A 77 0.38 -4.02 -12.15
N LEU A 78 0.44 -2.72 -12.37
CA LEU A 78 -0.62 -2.01 -13.08
C LEU A 78 -0.30 -1.89 -14.57
N GLU A 79 0.95 -2.16 -14.92
CA GLU A 79 1.37 -2.07 -16.30
C GLU A 79 0.62 -3.06 -17.17
N LYS A 80 0.79 -4.33 -16.86
CA LYS A 80 0.13 -5.39 -17.62
C LYS A 80 -1.39 -5.22 -17.54
N LYS A 81 -1.87 -5.01 -16.32
CA LYS A 81 -3.30 -4.86 -16.11
C LYS A 81 -3.83 -3.64 -16.84
N ALA A 82 -2.96 -2.67 -17.00
CA ALA A 82 -3.32 -1.42 -17.69
C ALA A 82 -2.08 -0.70 -18.20
N ALA A 1 7.51 6.59 -7.50
CA ALA A 1 6.16 6.27 -8.03
C ALA A 1 5.44 7.58 -8.36
N LYS A 2 4.13 7.48 -8.62
CA LYS A 2 3.33 8.65 -8.95
C LYS A 2 2.54 9.11 -7.73
N LYS A 3 2.27 10.41 -7.65
CA LYS A 3 1.54 10.97 -6.53
C LYS A 3 0.15 10.35 -6.43
N GLU A 4 -0.48 10.14 -7.59
CA GLU A 4 -1.82 9.57 -7.61
C GLU A 4 -1.82 8.17 -6.97
N THR A 5 -0.81 7.38 -7.30
CA THR A 5 -0.70 6.04 -6.77
C THR A 5 -0.33 6.08 -5.28
N ILE A 6 0.57 7.01 -4.94
CA ILE A 6 1.01 7.15 -3.56
C ILE A 6 -0.16 7.55 -2.67
N ASP A 7 -0.97 8.48 -3.12
CA ASP A 7 -2.12 8.93 -2.36
C ASP A 7 -3.09 7.77 -2.14
N LYS A 8 -3.26 6.95 -3.17
CA LYS A 8 -4.15 5.81 -3.07
C LYS A 8 -3.65 4.81 -2.04
N VAL A 9 -2.35 4.52 -2.11
CA VAL A 9 -1.77 3.56 -1.18
C VAL A 9 -1.93 4.04 0.25
N SER A 10 -1.59 5.29 0.49
CA SER A 10 -1.71 5.87 1.82
C SER A 10 -3.17 5.86 2.27
N ASP A 11 -4.08 6.17 1.34
CA ASP A 11 -5.50 6.21 1.65
C ASP A 11 -5.95 4.88 2.23
N ILE A 12 -5.49 3.79 1.65
CA ILE A 12 -5.87 2.48 2.13
C ILE A 12 -5.51 2.33 3.59
N VAL A 13 -4.32 2.75 3.96
CA VAL A 13 -3.86 2.60 5.33
C VAL A 13 -4.75 3.40 6.28
N LYS A 14 -5.05 4.63 5.90
CA LYS A 14 -5.88 5.49 6.72
C LYS A 14 -7.27 4.91 6.88
N GLU A 15 -7.80 4.37 5.79
CA GLU A 15 -9.14 3.78 5.81
C GLU A 15 -9.23 2.71 6.90
N LYS A 16 -8.08 2.21 7.31
CA LYS A 16 -8.05 1.18 8.34
C LYS A 16 -8.58 1.71 9.66
N LEU A 17 -8.24 2.96 9.97
CA LEU A 17 -8.69 3.59 11.21
C LEU A 17 -9.33 4.94 10.92
N ALA A 18 -9.78 5.11 9.69
CA ALA A 18 -10.41 6.37 9.28
C ALA A 18 -9.52 7.56 9.60
N LEU A 19 -8.59 7.87 8.68
CA LEU A 19 -7.67 9.00 8.87
C LEU A 19 -7.55 9.80 7.58
N GLY A 20 -6.58 10.71 7.56
CA GLY A 20 -6.36 11.55 6.38
C GLY A 20 -7.06 12.90 6.56
N ALA A 21 -7.64 13.11 7.74
CA ALA A 21 -8.33 14.37 8.02
C ALA A 21 -7.34 15.44 8.46
N ASP A 22 -6.82 15.29 9.68
CA ASP A 22 -5.86 16.25 10.23
C ASP A 22 -4.50 15.59 10.43
N VAL A 23 -4.24 14.55 9.64
CA VAL A 23 -2.96 13.83 9.74
C VAL A 23 -2.15 14.02 8.46
N VAL A 24 -0.86 14.33 8.62
CA VAL A 24 0.01 14.53 7.48
C VAL A 24 0.24 13.22 6.75
N VAL A 25 0.07 13.23 5.43
CA VAL A 25 0.27 12.03 4.62
C VAL A 25 1.29 12.28 3.52
N THR A 26 2.30 11.42 3.45
CA THR A 26 3.34 11.54 2.44
C THR A 26 3.82 10.16 1.99
N ALA A 27 4.60 10.14 0.92
CA ALA A 27 5.12 8.89 0.39
C ALA A 27 6.11 8.27 1.37
N ASP A 28 6.85 9.10 2.08
CA ASP A 28 7.85 8.63 3.03
C ASP A 28 7.28 8.60 4.44
N SER A 29 5.96 8.63 4.53
CA SER A 29 5.30 8.63 5.82
C SER A 29 5.43 7.26 6.49
N GLU A 30 5.97 6.30 5.76
CA GLU A 30 6.14 4.95 6.29
C GLU A 30 4.79 4.36 6.69
N PHE A 31 4.62 3.07 6.45
CA PHE A 31 3.37 2.40 6.80
C PHE A 31 3.21 2.33 8.32
N SER A 32 1.99 2.58 8.79
CA SER A 32 1.71 2.54 10.23
C SER A 32 0.78 1.38 10.56
N LYS A 33 1.25 0.46 11.38
CA LYS A 33 0.46 -0.70 11.76
C LYS A 33 -0.47 -0.35 12.93
N LEU A 34 -1.73 -0.74 12.81
CA LEU A 34 -2.70 -0.47 13.86
C LEU A 34 -2.31 -1.16 15.15
N GLY A 35 -1.85 -2.41 15.03
CA GLY A 35 -1.47 -3.19 16.20
C GLY A 35 -1.21 -4.64 15.82
N ALA A 36 -2.10 -5.20 15.00
CA ALA A 36 -1.96 -6.58 14.57
C ALA A 36 -0.80 -6.73 13.60
N ASP A 37 -0.06 -7.84 13.69
CA ASP A 37 1.08 -8.09 12.81
C ASP A 37 0.74 -9.19 11.81
N SER A 38 1.35 -9.12 10.64
CA SER A 38 1.12 -10.10 9.60
C SER A 38 -0.31 -10.02 9.08
N LEU A 39 -1.25 -9.92 10.00
CA LEU A 39 -2.66 -9.82 9.64
C LEU A 39 -2.92 -8.56 8.82
N ASP A 40 -2.30 -7.47 9.22
CA ASP A 40 -2.48 -6.20 8.52
C ASP A 40 -1.98 -6.32 7.09
N THR A 41 -0.84 -6.97 6.90
CA THR A 41 -0.27 -7.16 5.57
C THR A 41 -1.26 -7.89 4.67
N VAL A 42 -1.91 -8.91 5.21
CA VAL A 42 -2.88 -9.69 4.45
C VAL A 42 -4.06 -8.81 4.03
N GLU A 43 -4.53 -7.98 4.95
CA GLU A 43 -5.64 -7.09 4.66
C GLU A 43 -5.19 -5.92 3.79
N ILE A 44 -4.04 -5.35 4.12
CA ILE A 44 -3.53 -4.20 3.40
C ILE A 44 -3.21 -4.55 1.94
N VAL A 45 -2.52 -5.65 1.75
CA VAL A 45 -2.14 -6.08 0.41
C VAL A 45 -3.37 -6.26 -0.46
N MET A 46 -4.38 -6.91 0.10
CA MET A 46 -5.61 -7.16 -0.64
C MET A 46 -6.29 -5.86 -1.02
N ASN A 47 -6.26 -4.88 -0.13
CA ASN A 47 -6.88 -3.60 -0.39
C ASN A 47 -6.23 -2.95 -1.61
N LEU A 48 -4.90 -3.01 -1.68
CA LEU A 48 -4.18 -2.42 -2.80
C LEU A 48 -4.45 -3.21 -4.08
N GLU A 49 -4.39 -4.53 -3.97
CA GLU A 49 -4.64 -5.39 -5.11
C GLU A 49 -6.10 -5.26 -5.56
N GLU A 50 -7.01 -5.22 -4.59
CA GLU A 50 -8.43 -5.11 -4.91
C GLU A 50 -8.73 -3.74 -5.50
N GLU A 51 -8.15 -2.69 -4.92
CA GLU A 51 -8.38 -1.34 -5.41
C GLU A 51 -7.91 -1.19 -6.84
N PHE A 52 -6.65 -1.54 -7.09
CA PHE A 52 -6.08 -1.43 -8.43
C PHE A 52 -6.42 -2.67 -9.26
N GLY A 53 -7.05 -3.64 -8.63
CA GLY A 53 -7.44 -4.86 -9.32
C GLY A 53 -6.26 -5.47 -10.06
N ILE A 54 -5.12 -5.56 -9.38
CA ILE A 54 -3.91 -6.12 -9.99
C ILE A 54 -3.58 -7.47 -9.37
N ASN A 55 -2.34 -7.91 -9.51
CA ASN A 55 -1.92 -9.19 -8.96
C ASN A 55 -0.61 -9.02 -8.19
N VAL A 56 -0.70 -9.07 -6.86
CA VAL A 56 0.49 -8.93 -6.01
C VAL A 56 0.67 -10.19 -5.18
N ASP A 57 1.89 -10.73 -5.22
CA ASP A 57 2.21 -11.94 -4.48
C ASP A 57 2.59 -11.60 -3.04
N GLU A 58 2.64 -12.62 -2.18
CA GLU A 58 3.01 -12.41 -0.79
C GLU A 58 4.47 -12.00 -0.67
N ASP A 59 5.29 -12.49 -1.61
CA ASP A 59 6.71 -12.18 -1.60
C ASP A 59 6.93 -10.71 -1.96
N LYS A 60 5.93 -10.11 -2.60
CA LYS A 60 6.03 -8.72 -3.00
C LYS A 60 5.49 -7.82 -1.91
N ALA A 61 4.81 -8.40 -0.94
CA ALA A 61 4.25 -7.63 0.17
C ALA A 61 4.73 -8.18 1.50
N GLN A 62 5.94 -8.74 1.50
CA GLN A 62 6.52 -9.30 2.72
C GLN A 62 7.50 -8.33 3.35
N ASP A 63 8.26 -7.63 2.51
CA ASP A 63 9.25 -6.67 3.00
C ASP A 63 9.31 -5.43 2.11
N ILE A 64 8.17 -4.77 1.97
CA ILE A 64 8.09 -3.56 1.15
C ILE A 64 8.40 -2.32 1.98
N SER A 65 9.27 -1.48 1.45
CA SER A 65 9.64 -0.24 2.14
C SER A 65 8.41 0.65 2.33
N THR A 66 8.64 1.88 2.76
CA THR A 66 7.55 2.82 2.98
C THR A 66 6.63 2.88 1.76
N ILE A 67 5.67 3.79 1.79
CA ILE A 67 4.72 3.91 0.70
C ILE A 67 5.43 4.18 -0.62
N GLN A 68 6.62 4.75 -0.55
CA GLN A 68 7.38 5.06 -1.75
C GLN A 68 7.53 3.85 -2.64
N GLN A 69 8.09 2.78 -2.08
CA GLN A 69 8.30 1.56 -2.84
C GLN A 69 6.98 0.88 -3.16
N ALA A 70 6.07 0.89 -2.19
CA ALA A 70 4.77 0.27 -2.39
C ALA A 70 4.08 0.81 -3.62
N ALA A 71 4.09 2.14 -3.76
CA ALA A 71 3.46 2.77 -4.91
C ALA A 71 4.17 2.36 -6.18
N ASP A 72 5.49 2.26 -6.13
CA ASP A 72 6.27 1.86 -7.30
C ASP A 72 5.97 0.42 -7.70
N VAL A 73 5.78 -0.42 -6.70
CA VAL A 73 5.47 -1.84 -6.95
C VAL A 73 4.15 -1.96 -7.69
N ILE A 74 3.16 -1.21 -7.24
CA ILE A 74 1.83 -1.25 -7.86
C ILE A 74 1.92 -0.77 -9.31
N GLU A 75 2.68 0.29 -9.53
CA GLU A 75 2.83 0.83 -10.87
C GLU A 75 3.23 -0.27 -11.85
N GLY A 76 4.21 -1.06 -11.47
CA GLY A 76 4.68 -2.15 -12.32
C GLY A 76 3.60 -3.22 -12.47
N LEU A 77 2.90 -3.51 -11.39
CA LEU A 77 1.83 -4.52 -11.40
C LEU A 77 0.68 -4.06 -12.28
N LEU A 78 0.46 -2.77 -12.32
CA LEU A 78 -0.63 -2.22 -13.13
C LEU A 78 -0.42 -2.52 -14.59
N GLU A 79 0.84 -2.52 -15.02
CA GLU A 79 1.14 -2.78 -16.41
C GLU A 79 0.72 -4.20 -16.78
N LYS A 80 1.25 -5.17 -16.06
CA LYS A 80 0.95 -6.57 -16.34
C LYS A 80 1.63 -7.48 -15.32
N LYS A 81 2.74 -7.00 -14.74
CA LYS A 81 3.48 -7.78 -13.77
C LYS A 81 4.63 -6.96 -13.19
N ALA A 82 5.10 -7.37 -12.02
CA ALA A 82 6.20 -6.67 -11.36
C ALA A 82 6.03 -5.16 -11.50
N ALA A 1 7.45 5.73 -8.61
CA ALA A 1 5.97 5.53 -8.67
C ALA A 1 5.28 6.87 -8.93
N LYS A 2 4.08 6.81 -9.49
CA LYS A 2 3.33 8.02 -9.80
C LYS A 2 2.70 8.58 -8.52
N LYS A 3 2.55 9.89 -8.46
CA LYS A 3 1.97 10.54 -7.29
C LYS A 3 0.55 10.03 -7.05
N GLU A 4 -0.20 9.88 -8.13
CA GLU A 4 -1.57 9.40 -8.02
C GLU A 4 -1.62 8.03 -7.34
N THR A 5 -0.71 7.15 -7.76
CA THR A 5 -0.66 5.81 -7.19
C THR A 5 -0.21 5.86 -5.74
N ILE A 6 0.80 6.68 -5.47
CA ILE A 6 1.34 6.82 -4.12
C ILE A 6 0.25 7.29 -3.16
N ASP A 7 -0.54 8.25 -3.60
CA ASP A 7 -1.62 8.76 -2.76
C ASP A 7 -2.63 7.67 -2.45
N LYS A 8 -2.88 6.81 -3.43
CA LYS A 8 -3.82 5.71 -3.24
C LYS A 8 -3.33 4.74 -2.19
N VAL A 9 -2.06 4.37 -2.28
CA VAL A 9 -1.50 3.42 -1.34
C VAL A 9 -1.58 3.97 0.09
N SER A 10 -1.18 5.22 0.26
CA SER A 10 -1.23 5.86 1.57
C SER A 10 -2.66 5.91 2.09
N ASP A 11 -3.60 6.21 1.19
CA ASP A 11 -5.01 6.31 1.56
C ASP A 11 -5.52 4.96 2.06
N ILE A 12 -5.08 3.89 1.42
CA ILE A 12 -5.49 2.56 1.81
C ILE A 12 -5.14 2.30 3.27
N VAL A 13 -4.04 2.86 3.73
CA VAL A 13 -3.60 2.66 5.09
C VAL A 13 -4.50 3.41 6.07
N LYS A 14 -4.86 4.63 5.72
CA LYS A 14 -5.69 5.46 6.59
C LYS A 14 -7.07 4.85 6.79
N GLU A 15 -7.68 4.42 5.71
CA GLU A 15 -9.02 3.83 5.79
C GLU A 15 -9.06 2.69 6.80
N LYS A 16 -7.90 2.15 7.10
CA LYS A 16 -7.80 1.03 8.04
C LYS A 16 -8.26 1.47 9.42
N LEU A 17 -7.90 2.69 9.80
CA LEU A 17 -8.29 3.23 11.12
C LEU A 17 -9.13 4.49 10.94
N ALA A 18 -9.77 4.60 9.79
CA ALA A 18 -10.61 5.77 9.51
C ALA A 18 -9.85 7.06 9.74
N LEU A 19 -8.96 7.40 8.81
CA LEU A 19 -8.16 8.62 8.91
C LEU A 19 -8.20 9.39 7.59
N GLY A 20 -7.28 10.34 7.45
CA GLY A 20 -7.20 11.16 6.26
C GLY A 20 -8.00 12.44 6.42
N ALA A 21 -8.57 12.63 7.60
CA ALA A 21 -9.36 13.83 7.87
C ALA A 21 -8.45 15.01 8.16
N ASP A 22 -7.87 15.04 9.35
CA ASP A 22 -6.97 16.12 9.74
C ASP A 22 -5.57 15.58 10.03
N VAL A 23 -5.19 14.53 9.31
CA VAL A 23 -3.88 13.91 9.49
C VAL A 23 -3.05 14.05 8.22
N VAL A 24 -1.79 14.48 8.40
CA VAL A 24 -0.90 14.66 7.27
C VAL A 24 -0.56 13.31 6.65
N VAL A 25 -0.50 13.27 5.31
CA VAL A 25 -0.19 12.03 4.60
C VAL A 25 1.12 12.16 3.83
N THR A 26 2.00 11.19 4.02
CA THR A 26 3.30 11.19 3.34
C THR A 26 3.68 9.77 2.92
N ALA A 27 4.39 9.67 1.80
CA ALA A 27 4.81 8.37 1.30
C ALA A 27 5.94 7.79 2.15
N ASP A 28 6.89 8.63 2.51
CA ASP A 28 8.02 8.19 3.32
C ASP A 28 7.62 8.04 4.77
N SER A 29 6.30 7.95 5.01
CA SER A 29 5.80 7.82 6.37
C SER A 29 5.76 6.35 6.79
N GLU A 30 6.26 5.48 5.92
CA GLU A 30 6.28 4.06 6.21
C GLU A 30 4.87 3.55 6.49
N PHE A 31 4.68 2.24 6.40
CA PHE A 31 3.37 1.65 6.66
C PHE A 31 3.12 1.54 8.16
N SER A 32 1.88 1.84 8.56
CA SER A 32 1.51 1.78 9.97
C SER A 32 1.16 0.34 10.36
N LYS A 33 1.10 0.08 11.66
CA LYS A 33 0.76 -1.26 12.15
C LYS A 33 -0.41 -1.18 13.12
N LEU A 34 -1.43 -2.00 12.87
CA LEU A 34 -2.61 -2.03 13.72
C LEU A 34 -2.46 -3.08 14.81
N GLY A 35 -2.74 -2.66 16.05
CA GLY A 35 -2.64 -3.57 17.17
C GLY A 35 -1.26 -4.21 17.23
N ALA A 36 -1.11 -5.20 18.11
CA ALA A 36 0.17 -5.90 18.24
C ALA A 36 0.37 -6.88 17.09
N ASP A 37 -0.67 -7.08 16.30
CA ASP A 37 -0.60 -8.00 15.18
C ASP A 37 0.06 -7.34 13.97
N SER A 38 1.28 -7.78 13.66
CA SER A 38 2.01 -7.22 12.53
C SER A 38 1.66 -7.96 11.24
N LEU A 39 0.84 -8.99 11.36
CA LEU A 39 0.43 -9.78 10.20
C LEU A 39 -0.71 -9.09 9.46
N ASP A 40 -0.70 -7.76 9.45
CA ASP A 40 -1.74 -7.00 8.78
C ASP A 40 -1.44 -6.89 7.29
N THR A 41 -0.28 -7.37 6.88
CA THR A 41 0.12 -7.32 5.48
C THR A 41 -0.99 -7.86 4.60
N VAL A 42 -1.64 -8.93 5.04
CA VAL A 42 -2.72 -9.54 4.27
C VAL A 42 -3.86 -8.53 4.06
N GLU A 43 -4.15 -7.77 5.09
CA GLU A 43 -5.22 -6.79 5.00
C GLU A 43 -4.81 -5.62 4.12
N ILE A 44 -3.58 -5.14 4.31
CA ILE A 44 -3.07 -4.02 3.52
C ILE A 44 -2.87 -4.39 2.07
N VAL A 45 -2.22 -5.53 1.84
CA VAL A 45 -1.94 -5.97 0.49
C VAL A 45 -3.23 -6.20 -0.29
N MET A 46 -4.21 -6.80 0.37
CA MET A 46 -5.49 -7.07 -0.26
C MET A 46 -6.17 -5.77 -0.67
N ASN A 47 -6.06 -4.75 0.16
CA ASN A 47 -6.67 -3.47 -0.14
C ASN A 47 -6.06 -2.87 -1.42
N LEU A 48 -4.73 -2.90 -1.49
CA LEU A 48 -4.04 -2.36 -2.66
C LEU A 48 -4.33 -3.21 -3.88
N GLU A 49 -4.29 -4.52 -3.71
CA GLU A 49 -4.57 -5.44 -4.80
C GLU A 49 -6.03 -5.34 -5.22
N GLU A 50 -6.91 -5.19 -4.24
CA GLU A 50 -8.34 -5.09 -4.51
C GLU A 50 -8.67 -3.73 -5.13
N GLU A 51 -8.07 -2.67 -4.58
CA GLU A 51 -8.31 -1.33 -5.08
C GLU A 51 -7.87 -1.21 -6.53
N PHE A 52 -6.63 -1.58 -6.81
CA PHE A 52 -6.09 -1.52 -8.17
C PHE A 52 -6.52 -2.75 -8.96
N GLY A 53 -7.12 -3.71 -8.27
CA GLY A 53 -7.58 -4.94 -8.91
C GLY A 53 -6.43 -5.63 -9.64
N ILE A 54 -5.23 -5.48 -9.11
CA ILE A 54 -4.05 -6.09 -9.72
C ILE A 54 -3.78 -7.45 -9.09
N ASN A 55 -2.58 -7.98 -9.32
CA ASN A 55 -2.20 -9.28 -8.77
C ASN A 55 -0.91 -9.15 -7.97
N VAL A 56 -1.01 -9.29 -6.65
CA VAL A 56 0.16 -9.20 -5.78
C VAL A 56 0.40 -10.52 -5.08
N ASP A 57 1.64 -11.00 -5.17
CA ASP A 57 2.01 -12.28 -4.55
C ASP A 57 2.52 -12.04 -3.13
N GLU A 58 2.35 -13.03 -2.27
CA GLU A 58 2.80 -12.93 -0.88
C GLU A 58 4.30 -12.68 -0.83
N ASP A 59 5.04 -13.35 -1.71
CA ASP A 59 6.48 -13.18 -1.76
C ASP A 59 6.84 -11.74 -2.11
N LYS A 60 6.02 -11.13 -2.95
CA LYS A 60 6.26 -9.76 -3.37
C LYS A 60 5.84 -8.78 -2.27
N ALA A 61 4.83 -9.17 -1.49
CA ALA A 61 4.33 -8.32 -0.41
C ALA A 61 4.81 -8.84 0.93
N GLN A 62 6.10 -9.19 1.01
CA GLN A 62 6.68 -9.70 2.26
C GLN A 62 7.81 -8.79 2.73
N ASP A 63 8.53 -8.20 1.77
CA ASP A 63 9.65 -7.31 2.10
C ASP A 63 9.57 -6.02 1.30
N ILE A 64 8.40 -5.39 1.31
CA ILE A 64 8.19 -4.13 0.59
C ILE A 64 8.53 -2.94 1.47
N SER A 65 9.30 -2.01 0.92
CA SER A 65 9.70 -0.82 1.66
C SER A 65 8.47 0.03 1.98
N THR A 66 8.71 1.23 2.48
CA THR A 66 7.63 2.14 2.83
C THR A 66 6.64 2.27 1.67
N ILE A 67 5.69 3.18 1.80
CA ILE A 67 4.69 3.39 0.77
C ILE A 67 5.34 3.77 -0.56
N GLN A 68 6.53 4.36 -0.50
CA GLN A 68 7.23 4.77 -1.70
C GLN A 68 7.50 3.57 -2.61
N GLN A 69 8.00 2.49 -2.04
CA GLN A 69 8.29 1.30 -2.81
C GLN A 69 7.01 0.59 -3.21
N ALA A 70 6.06 0.53 -2.29
CA ALA A 70 4.79 -0.15 -2.56
C ALA A 70 4.12 0.43 -3.79
N ALA A 71 4.16 1.76 -3.91
CA ALA A 71 3.57 2.42 -5.05
C ALA A 71 4.26 2.02 -6.34
N ASP A 72 5.59 1.84 -6.27
CA ASP A 72 6.36 1.45 -7.44
C ASP A 72 5.98 0.05 -7.89
N VAL A 73 5.79 -0.84 -6.91
CA VAL A 73 5.42 -2.23 -7.22
C VAL A 73 4.06 -2.28 -7.90
N ILE A 74 3.12 -1.48 -7.39
CA ILE A 74 1.79 -1.44 -7.96
C ILE A 74 1.82 -0.99 -9.41
N GLU A 75 2.62 0.04 -9.68
CA GLU A 75 2.73 0.56 -11.04
C GLU A 75 3.21 -0.53 -11.99
N GLY A 76 4.09 -1.38 -11.50
CA GLY A 76 4.62 -2.47 -12.32
C GLY A 76 3.57 -3.57 -12.52
N LEU A 77 2.62 -3.65 -11.58
CA LEU A 77 1.58 -4.65 -11.64
C LEU A 77 0.38 -4.15 -12.44
N LEU A 78 0.40 -2.88 -12.79
CA LEU A 78 -0.67 -2.28 -13.56
C LEU A 78 -0.35 -2.29 -15.05
N GLU A 79 0.88 -2.64 -15.37
CA GLU A 79 1.30 -2.67 -16.76
C GLU A 79 0.66 -3.81 -17.52
N LYS A 80 0.88 -5.02 -17.04
CA LYS A 80 0.35 -6.22 -17.69
C LYS A 80 -0.94 -6.67 -17.02
N LYS A 81 -1.40 -5.89 -16.08
CA LYS A 81 -2.65 -6.22 -15.38
C LYS A 81 -3.68 -6.79 -16.33
N ALA A 82 -3.59 -6.39 -17.57
CA ALA A 82 -4.52 -6.84 -18.60
C ALA A 82 -4.01 -8.10 -19.26
#